data_2NPY
# 
_entry.id   2NPY 
# 
_audit_conform.dict_name       mmcif_pdbx.dic 
_audit_conform.dict_version    5.377 
_audit_conform.dict_location   http://mmcif.pdb.org/dictionaries/ascii/mmcif_pdbx.dic 
# 
loop_
_database_2.database_id 
_database_2.database_code 
_database_2.pdbx_database_accession 
_database_2.pdbx_DOI 
PDB   2NPY         pdb_00002npy 10.2210/pdb2npy/pdb 
NDB   UR0106       ?            ?                   
RCSB  RCSB040159   ?            ?                   
WWPDB D_1000040159 ?            ?                   
# 
loop_
_pdbx_database_related.db_name 
_pdbx_database_related.db_id 
_pdbx_database_related.details 
_pdbx_database_related.content_type 
PDB 1ZFR '2.05 Angstrom Resolution Crystal Structure of Junctionless Hairpin Ribozyme' unspecified 
PDB 2NPZ .                                                                             unspecified 
# 
_pdbx_database_status.status_code                     REL 
_pdbx_database_status.entry_id                        2NPY 
_pdbx_database_status.recvd_initial_deposition_date   2006-10-30 
_pdbx_database_status.deposit_site                    RCSB 
_pdbx_database_status.process_site                    RCSB 
_pdbx_database_status.status_code_sf                  REL 
_pdbx_database_status.status_code_mr                  ? 
_pdbx_database_status.SG_entry                        ? 
_pdbx_database_status.status_code_cs                  ? 
_pdbx_database_status.pdb_format_compatible           Y 
_pdbx_database_status.status_code_nmr_data            ? 
_pdbx_database_status.methods_development_category    ? 
# 
loop_
_audit_author.name 
_audit_author.pdbx_ordinal 
'MacElrevey, C.' 1 
'Krucinska, J.'  2 
'Wedekind, J.E.' 3 
# 
_citation.id                        primary 
_citation.title                     
'A posteriori design of crystal contacts to improve the X-ray diffraction properties of a small RNA enzyme.' 
_citation.journal_abbrev            'Acta Crystallogr.,Sect.D' 
_citation.journal_volume            63 
_citation.page_first                812 
_citation.page_last                 825 
_citation.year                      2007 
_citation.journal_id_ASTM           ABCRE6 
_citation.country                   DK 
_citation.journal_id_ISSN           0907-4449 
_citation.journal_id_CSD            0766 
_citation.book_publisher            ? 
_citation.pdbx_database_id_PubMed   17582172 
_citation.pdbx_database_id_DOI      10.1107/S090744490702464X 
# 
loop_
_citation_author.citation_id 
_citation_author.name 
_citation_author.ordinal 
_citation_author.identifier_ORCID 
primary 'MacElrevey, C.' 1 ? 
primary 'Spitale, R.C.'  2 ? 
primary 'Krucinska, J.'  3 ? 
primary 'Wedekind, J.E.' 4 ? 
# 
_cell.entry_id           2NPY 
_cell.length_a           94.290 
_cell.length_b           94.290 
_cell.length_c           131.110 
_cell.angle_alpha        90.00 
_cell.angle_beta         90.00 
_cell.angle_gamma        120.00 
_cell.Z_PDB              12 
_cell.pdbx_unique_axis   ? 
_cell.length_a_esd       ? 
_cell.length_b_esd       ? 
_cell.length_c_esd       ? 
_cell.angle_alpha_esd    ? 
_cell.angle_beta_esd     ? 
_cell.angle_gamma_esd    ? 
# 
_symmetry.entry_id                         2NPY 
_symmetry.space_group_name_H-M             'P 61 2 2' 
_symmetry.pdbx_full_space_group_name_H-M   ? 
_symmetry.cell_setting                     ? 
_symmetry.Int_Tables_number                178 
_symmetry.space_group_name_Hall            ? 
# 
loop_
_entity.id 
_entity.type 
_entity.src_method 
_entity.pdbx_description 
_entity.formula_weight 
_entity.pdbx_number_of_molecules 
_entity.pdbx_ec 
_entity.pdbx_mutation 
_entity.pdbx_fragment 
_entity.details 
1 polymer     syn "5'-R(*UP*CP*CP*CP*(U2N)P*GP*UP*CP*CP*AP*CP*CP*G)-3'"               4028.446 1  ? ?    ?               
'RIBOZYME SUBSTRATE STRAND'      
2 polymer     syn "5'-R(*CP*GP*GP*UP*GP*AP*GP*AP*AP*GP*GP*G)-3'"                      3970.448 1  ? ?    ?               
'RIBOZYME DOMAIN LINKING STRAND' 
3 polymer     syn "5'-R(*GP*GP*CP*AP*GP*AP*GP*AP*AP*AP*CP*AP*CP*AP*CP*GP*A)-3'"       5535.445 1  ? U39C 'S-TURN STRAND' 
'RIBOZYME DOMAIN LINKING STRAND' 
4 polymer     syn "5'-R(*UP*CP*GP*UP*GP*GP*UP*AP*CP*AP*UP*UP*AP*CP*CP*UP*GP*CP*C)-3'" 5991.568 1  ? ?    ?               
'RIBOZYME S-TURN STRAND'         
5 non-polymer syn 'COBALT HEXAMMINE(III)'                                             161.116  1  ? ?    ?               ? 
6 non-polymer syn '2-[2-(2-HYDROXYETHOXY)ETHOXY]ETHYL DIHYDROGEN PHOSPHATE'           230.153  1  ? ?    ?               ? 
7 water       nat water                                                               18.015   14 ? ?    ?               ? 
# 
loop_
_entity_poly.entity_id 
_entity_poly.type 
_entity_poly.nstd_linkage 
_entity_poly.nstd_monomer 
_entity_poly.pdbx_seq_one_letter_code 
_entity_poly.pdbx_seq_one_letter_code_can 
_entity_poly.pdbx_strand_id 
_entity_poly.pdbx_target_identifier 
1 polyribonucleotide no yes 'UCCC(2AU)GUCCACCG' UCCCUGUCCACCG       A ? 
2 polyribonucleotide no no  CGGUGAGAAGGG        CGGUGAGAAGGG        B ? 
3 polyribonucleotide no no  GGCAGAGAAACACACGA   GGCAGAGAAACACACGA   C ? 
4 polyribonucleotide no no  UCGUGGUACAUUACCUGCC UCGUGGUACAUUACCUGCC D ? 
# 
loop_
_entity_poly_seq.entity_id 
_entity_poly_seq.num 
_entity_poly_seq.mon_id 
_entity_poly_seq.hetero 
1 1  U   n 
1 2  C   n 
1 3  C   n 
1 4  C   n 
1 5  2AU n 
1 6  G   n 
1 7  U   n 
1 8  C   n 
1 9  C   n 
1 10 A   n 
1 11 C   n 
1 12 C   n 
1 13 G   n 
2 1  C   n 
2 2  G   n 
2 3  G   n 
2 4  U   n 
2 5  G   n 
2 6  A   n 
2 7  G   n 
2 8  A   n 
2 9  A   n 
2 10 G   n 
2 11 G   n 
2 12 G   n 
3 1  G   n 
3 2  G   n 
3 3  C   n 
3 4  A   n 
3 5  G   n 
3 6  A   n 
3 7  G   n 
3 8  A   n 
3 9  A   n 
3 10 A   n 
3 11 C   n 
3 12 A   n 
3 13 C   n 
3 14 A   n 
3 15 C   n 
3 16 G   n 
3 17 A   n 
4 1  U   n 
4 2  C   n 
4 3  G   n 
4 4  U   n 
4 5  G   n 
4 6  G   n 
4 7  U   n 
4 8  A   n 
4 9  C   n 
4 10 A   n 
4 11 U   n 
4 12 U   n 
4 13 A   n 
4 14 C   n 
4 15 C   n 
4 16 U   n 
4 17 G   n 
4 18 C   n 
4 19 C   n 
# 
loop_
_pdbx_entity_src_syn.entity_id 
_pdbx_entity_src_syn.pdbx_src_id 
_pdbx_entity_src_syn.pdbx_alt_source_flag 
_pdbx_entity_src_syn.pdbx_beg_seq_num 
_pdbx_entity_src_syn.pdbx_end_seq_num 
_pdbx_entity_src_syn.organism_scientific 
_pdbx_entity_src_syn.organism_common_name 
_pdbx_entity_src_syn.ncbi_taxonomy_id 
_pdbx_entity_src_syn.details 
1 1 sample ? ? ? ? ? 'Sequence occurs naturally in satellite RNA tobacco ringspot virus' 
2 1 sample ? ? ? ? ? 'Sequence occurs naturally in satellite RNA tobacco ringspot virus' 
3 1 sample ? ? ? ? ? 'Sequence occurs naturally in satellite RNA tobacco ringspot virus' 
4 1 sample ? ? ? ? ? 'Sequence occurs naturally in satellite RNA tobacco ringspot virus' 
# 
loop_
_struct_ref.id 
_struct_ref.entity_id 
_struct_ref.db_name 
_struct_ref.db_code 
_struct_ref.pdbx_db_accession 
_struct_ref.pdbx_align_begin 
_struct_ref.pdbx_seq_one_letter_code 
_struct_ref.pdbx_db_isoform 
1 1 PDB 2NPY 2NPY ? ? ? 
2 2 PDB 2NPY 2NPY ? ? ? 
3 3 PDB 2NPY 2NPY ? ? ? 
4 4 PDB 2NPY 2NPY ? ? ? 
# 
loop_
_struct_ref_seq.align_id 
_struct_ref_seq.ref_id 
_struct_ref_seq.pdbx_PDB_id_code 
_struct_ref_seq.pdbx_strand_id 
_struct_ref_seq.seq_align_beg 
_struct_ref_seq.pdbx_seq_align_beg_ins_code 
_struct_ref_seq.seq_align_end 
_struct_ref_seq.pdbx_seq_align_end_ins_code 
_struct_ref_seq.pdbx_db_accession 
_struct_ref_seq.db_align_beg 
_struct_ref_seq.pdbx_db_align_beg_ins_code 
_struct_ref_seq.db_align_end 
_struct_ref_seq.pdbx_db_align_end_ins_code 
_struct_ref_seq.pdbx_auth_seq_align_beg 
_struct_ref_seq.pdbx_auth_seq_align_end 
1 1 2NPY A 1 ? 13 ? 2NPY 1  ? 13 ? 1  13 
2 2 2NPY B 1 ? 12 ? 2NPY 2  ? 13 ? 2  13 
3 3 2NPY C 1 ? 17 ? 2NPY 15 ? 31 ? 15 31 
4 4 2NPY D 1 ? 19 ? 2NPY 31 ? 49 ? 31 49 
# 
loop_
_chem_comp.id 
_chem_comp.type 
_chem_comp.mon_nstd_flag 
_chem_comp.name 
_chem_comp.pdbx_synonyms 
_chem_comp.formula 
_chem_comp.formula_weight 
2AU 'RNA linking' n "2'-AMINOURIDINE"                                         ? 'C9 H14 N3 O8 P'  323.197 
A   'RNA linking' y "ADENOSINE-5'-MONOPHOSPHATE"                              ? 'C10 H14 N5 O7 P' 347.221 
C   'RNA linking' y "CYTIDINE-5'-MONOPHOSPHATE"                               ? 'C9 H14 N3 O8 P'  323.197 
G   'RNA linking' y "GUANOSINE-5'-MONOPHOSPHATE"                              ? 'C10 H14 N5 O8 P' 363.221 
HOH non-polymer   . WATER                                                     ? 'H2 O'            18.015  
NCO non-polymer   . 'COBALT HEXAMMINE(III)'                                   ? 'Co H18 N6 3'     161.116 
S9L non-polymer   . '2-[2-(2-HYDROXYETHOXY)ETHOXY]ETHYL DIHYDROGEN PHOSPHATE' ? 'C6 H15 O7 P'     230.153 
U   'RNA linking' y "URIDINE-5'-MONOPHOSPHATE"                                ? 'C9 H13 N2 O9 P'  324.181 
# 
_exptl.entry_id          2NPY 
_exptl.method            'X-RAY DIFFRACTION' 
_exptl.crystals_number   1 
# 
_exptl_crystal.id                    1 
_exptl_crystal.density_meas          ? 
_exptl_crystal.density_Matthews      4.3 
_exptl_crystal.density_percent_sol   80.5 
_exptl_crystal.description           ? 
_exptl_crystal.F_000                 ? 
_exptl_crystal.preparation           ? 
# 
_exptl_crystal_grow.crystal_id      1 
_exptl_crystal_grow.method          'VAPOR DIFFUSION, HANGING DROP' 
_exptl_crystal_grow.temp            293 
_exptl_crystal_grow.temp_details    ? 
_exptl_crystal_grow.pH              6.4 
_exptl_crystal_grow.pdbx_details    
'PEG 2000 MME, lithium sulfate, cacodylate, spermidine, cobalt hexaamine, pH 6.4, VAPOR DIFFUSION, HANGING DROP, temperature 293K' 
_exptl_crystal_grow.pdbx_pH_range   . 
# 
loop_
_exptl_crystal_grow_comp.crystal_id 
_exptl_crystal_grow_comp.id 
_exptl_crystal_grow_comp.sol_id 
_exptl_crystal_grow_comp.name 
_exptl_crystal_grow_comp.volume 
_exptl_crystal_grow_comp.conc 
_exptl_crystal_grow_comp.details 
1 1 1 cacodylate         ? ? ? 
1 2 1 spermidine         ? ? ? 
1 3 1 'cobalt hexaamine' ? ? ? 
1 4 1 'lithium sulfate'  ? ? ? 
1 5 1 'PEG 2000 MME'     ? ? ? 
1 6 2 'PEG 2000 MME'     ? ? ? 
1 7 2 cacodylate         ? ? ? 
1 8 2 'cobalt hexaamine' ? ? ? 
# 
_diffrn.id                     1 
_diffrn.ambient_temp           100 
_diffrn.ambient_temp_details   ? 
_diffrn.crystal_id             1 
# 
_diffrn_detector.diffrn_id              1 
_diffrn_detector.detector               CCD 
_diffrn_detector.type                   'ADSC QUANTUM 210' 
_diffrn_detector.pdbx_collection_date   2005-07-31 
_diffrn_detector.details                'bent triangular asymmetric cut SI (111) (horizontal), RH coated SI mirror (vertical)' 
# 
_diffrn_radiation.diffrn_id                        1 
_diffrn_radiation.wavelength_id                    1 
_diffrn_radiation.pdbx_monochromatic_or_laue_m_l   M 
_diffrn_radiation.monochromator                    'BENT TRIANGULAR ASYMMETRIC                    CUT SI(111) MONOCHROMATOR' 
_diffrn_radiation.pdbx_diffrn_protocol             'SINGLE WAVELENGTH' 
_diffrn_radiation.pdbx_scattering_type             x-ray 
# 
_diffrn_radiation_wavelength.id           1 
_diffrn_radiation_wavelength.wavelength   0.977 
_diffrn_radiation_wavelength.wt           1.0 
# 
_diffrn_source.diffrn_id                   1 
_diffrn_source.source                      SYNCHROTRON 
_diffrn_source.type                        'CHESS BEAMLINE A1' 
_diffrn_source.pdbx_synchrotron_site       CHESS 
_diffrn_source.pdbx_synchrotron_beamline   A1 
_diffrn_source.pdbx_wavelength             ? 
_diffrn_source.pdbx_wavelength_list        0.977 
# 
_reflns.entry_id                     2NPY 
_reflns.observed_criterion_sigma_I   -5.0 
_reflns.observed_criterion_sigma_F   0.0 
_reflns.d_resolution_low             38.98 
_reflns.d_resolution_high            2.65 
_reflns.number_obs                   10389 
_reflns.number_all                   10537 
_reflns.percent_possible_obs         98.6 
_reflns.pdbx_Rmerge_I_obs            ? 
_reflns.pdbx_Rsym_value              0.059 
_reflns.pdbx_netI_over_sigmaI        25.5 
_reflns.B_iso_Wilson_estimate        84.0 
_reflns.pdbx_redundancy              15.3 
_reflns.R_free_details               ? 
_reflns.pdbx_chi_squared             ? 
_reflns.pdbx_scaling_rejects         ? 
_reflns.pdbx_ordinal                 1 
_reflns.pdbx_diffrn_id               1 
# 
_reflns_shell.d_res_high             2.65 
_reflns_shell.d_res_low              2.74 
_reflns_shell.percent_possible_all   98.6 
_reflns_shell.Rmerge_I_obs           ? 
_reflns_shell.pdbx_Rsym_value        0.457 
_reflns_shell.meanI_over_sigI_obs    6.0 
_reflns_shell.pdbx_redundancy        16.1 
_reflns_shell.percent_possible_obs   ? 
_reflns_shell.number_unique_all      1006 
_reflns_shell.number_measured_all    ? 
_reflns_shell.number_measured_obs    ? 
_reflns_shell.number_unique_obs      ? 
_reflns_shell.pdbx_chi_squared       ? 
_reflns_shell.pdbx_ordinal           1 
_reflns_shell.pdbx_diffrn_id         1 
# 
_refine.entry_id                                 2NPY 
_refine.ls_number_reflns_obs                     10378 
_refine.ls_number_reflns_all                     10537 
_refine.pdbx_ls_sigma_I                          -3.0 
_refine.pdbx_ls_sigma_F                          ? 
_refine.pdbx_data_cutoff_high_absF               644495.60 
_refine.pdbx_data_cutoff_low_absF                0.000000 
_refine.pdbx_data_cutoff_high_rms_absF           ? 
_refine.ls_d_res_low                             30.42 
_refine.ls_d_res_high                            2.65 
_refine.ls_percent_reflns_obs                    98.4 
_refine.ls_R_factor_obs                          0.199 
_refine.ls_R_factor_all                          ? 
_refine.ls_R_factor_R_work                       0.196 
_refine.ls_R_factor_R_free                       0.223 
_refine.ls_R_factor_R_free_error                 0.009 
_refine.ls_R_factor_R_free_error_details         ? 
_refine.ls_percent_reflns_R_free                 6.2 
_refine.ls_number_reflns_R_free                  640 
_refine.ls_number_parameters                     ? 
_refine.ls_number_restraints                     ? 
_refine.occupancy_min                            ? 
_refine.occupancy_max                            ? 
_refine.correlation_coeff_Fo_to_Fc               ? 
_refine.correlation_coeff_Fo_to_Fc_free          ? 
_refine.B_iso_mean                               78.7 
_refine.aniso_B[1][1]                            -7.84 
_refine.aniso_B[2][2]                            -7.84 
_refine.aniso_B[3][3]                            15.67 
_refine.aniso_B[1][2]                            -4.13 
_refine.aniso_B[1][3]                            0.00 
_refine.aniso_B[2][3]                            0.00 
_refine.solvent_model_details                    'FLAT MODEL' 
_refine.solvent_model_param_ksol                 0.308956 
_refine.solvent_model_param_bsol                 57.9902 
_refine.pdbx_solvent_vdw_probe_radii             ? 
_refine.pdbx_solvent_ion_probe_radii             ? 
_refine.pdbx_solvent_shrinkage_radii             ? 
_refine.pdbx_ls_cross_valid_method               THROUGHOUT 
_refine.details                                  ? 
_refine.pdbx_starting_model                      1ZFR 
_refine.pdbx_method_to_determine_struct          'FOURIER SYNTHESIS' 
_refine.pdbx_isotropic_thermal_model             RESTRAINED 
_refine.pdbx_stereochemistry_target_values       'Engh & Huber' 
_refine.pdbx_stereochem_target_val_spec_case     ? 
_refine.pdbx_R_Free_selection_details            RANDOM 
_refine.pdbx_overall_ESU_R_Free                  ? 
_refine.overall_SU_ML                            ? 
_refine.overall_SU_B                             ? 
_refine.ls_redundancy_reflns_obs                 ? 
_refine.overall_SU_R_Cruickshank_DPI             ? 
_refine.overall_SU_R_free                        ? 
_refine.ls_wR_factor_R_free                      ? 
_refine.ls_wR_factor_R_work                      ? 
_refine.overall_FOM_free_R_set                   ? 
_refine.overall_FOM_work_R_set                   ? 
_refine.pdbx_overall_phase_error                 ? 
_refine.pdbx_refine_id                           'X-RAY DIFFRACTION' 
_refine.pdbx_diffrn_id                           1 
_refine.pdbx_overall_ESU_R                       ? 
_refine.pdbx_TLS_residual_ADP_flag               ? 
_refine.pdbx_overall_SU_R_free_Cruickshank_DPI   ? 
_refine.pdbx_overall_SU_R_Blow_DPI               ? 
_refine.pdbx_overall_SU_R_free_Blow_DPI          ? 
# 
_refine_analyze.entry_id                        2NPY 
_refine_analyze.Luzzati_coordinate_error_obs    0.37 
_refine_analyze.Luzzati_sigma_a_obs             0.46 
_refine_analyze.Luzzati_d_res_low_obs           30.00 
_refine_analyze.Luzzati_coordinate_error_free   0.44 
_refine_analyze.Luzzati_sigma_a_free            0.49 
_refine_analyze.Luzzati_d_res_low_free          ? 
_refine_analyze.number_disordered_residues      ? 
_refine_analyze.occupancy_sum_hydrogen          ? 
_refine_analyze.occupancy_sum_non_hydrogen      ? 
_refine_analyze.pdbx_refine_id                  'X-RAY DIFFRACTION' 
# 
_refine_hist.pdbx_refine_id                   'X-RAY DIFFRACTION' 
_refine_hist.cycle_id                         LAST 
_refine_hist.pdbx_number_atoms_protein        0 
_refine_hist.pdbx_number_atoms_nucleic_acid   1295 
_refine_hist.pdbx_number_atoms_ligand         20 
_refine_hist.number_atoms_solvent             14 
_refine_hist.number_atoms_total               1329 
_refine_hist.d_res_high                       2.65 
_refine_hist.d_res_low                        30.42 
# 
loop_
_refine_ls_restr.type 
_refine_ls_restr.dev_ideal 
_refine_ls_restr.dev_ideal_target 
_refine_ls_restr.weight 
_refine_ls_restr.number 
_refine_ls_restr.pdbx_refine_id 
_refine_ls_restr.pdbx_restraint_function 
c_bond_d           0.005 ? ? ? 'X-RAY DIFFRACTION' ? 
c_angle_deg        1.3   ? ? ? 'X-RAY DIFFRACTION' ? 
c_dihedral_angle_d 17.1  ? ? ? 'X-RAY DIFFRACTION' ? 
c_improper_angle_d 1.69  ? ? ? 'X-RAY DIFFRACTION' ? 
# 
_refine_ls_shell.pdbx_total_number_of_bins_used   4 
_refine_ls_shell.d_res_high                       2.65 
_refine_ls_shell.d_res_low                        2.92 
_refine_ls_shell.number_reflns_R_work             2396 
_refine_ls_shell.R_factor_R_work                  0.369 
_refine_ls_shell.percent_reflns_obs               99.7 
_refine_ls_shell.R_factor_R_free                  0.383 
_refine_ls_shell.R_factor_R_free_error            0.031 
_refine_ls_shell.percent_reflns_R_free            6.0 
_refine_ls_shell.number_reflns_R_free             152 
_refine_ls_shell.number_reflns_all                ? 
_refine_ls_shell.R_factor_all                     ? 
_refine_ls_shell.number_reflns_obs                2396 
_refine_ls_shell.redundancy_reflns_obs            ? 
_refine_ls_shell.pdbx_refine_id                   'X-RAY DIFFRACTION' 
# 
loop_
_pdbx_xplor_file.serial_no 
_pdbx_xplor_file.param_file 
_pdbx_xplor_file.topol_file 
_pdbx_xplor_file.pdbx_refine_id 
1 water_rep.param        dna-rnas9.top         'X-RAY DIFFRACTION' 
2 dna-rnacm_rep.param    water.top             'X-RAY DIFFRACTION' 
3 cobalt.par             cobalt.top            'X-RAY DIFFRACTION' 
4 &_1_PARAMETER_INFILE_4 &_1_TOPOLOGY_INFILE_4 'X-RAY DIFFRACTION' 
# 
_struct.entry_id                  2NPY 
_struct.title                     
;Crystal Structure of a junctioned hairpin ribozyme incorporating 9atom linker and 2'-deoxy 2'-amino U at A-1
;
_struct.pdbx_model_details        ? 
_struct.pdbx_CASP_flag            ? 
_struct.pdbx_model_type_details   ? 
# 
_struct_keywords.entry_id        2NPY 
_struct_keywords.pdbx_keywords   RNA 
_struct_keywords.text            
;HAIRPIN RIBOZYME, MUTATION, S-TURN, E-LOOP, RIBOSE ZIPPER, CATALYTIC RNA, 2'-deoxy 2'-amino, 9S linker, RNA
;
# 
loop_
_struct_asym.id 
_struct_asym.pdbx_blank_PDB_chainid_flag 
_struct_asym.pdbx_modified 
_struct_asym.entity_id 
_struct_asym.details 
A N N 1 ? 
B N N 2 ? 
C N N 3 ? 
D N N 4 ? 
E N N 5 ? 
F N N 6 ? 
G N N 7 ? 
H N N 7 ? 
I N N 7 ? 
J N N 7 ? 
# 
_struct_biol.id        1 
_struct_biol.details   ? 
# 
loop_
_struct_conn.id 
_struct_conn.conn_type_id 
_struct_conn.pdbx_leaving_atom_flag 
_struct_conn.pdbx_PDB_id 
_struct_conn.ptnr1_label_asym_id 
_struct_conn.ptnr1_label_comp_id 
_struct_conn.ptnr1_label_seq_id 
_struct_conn.ptnr1_label_atom_id 
_struct_conn.pdbx_ptnr1_label_alt_id 
_struct_conn.pdbx_ptnr1_PDB_ins_code 
_struct_conn.pdbx_ptnr1_standard_comp_id 
_struct_conn.ptnr1_symmetry 
_struct_conn.ptnr2_label_asym_id 
_struct_conn.ptnr2_label_comp_id 
_struct_conn.ptnr2_label_seq_id 
_struct_conn.ptnr2_label_atom_id 
_struct_conn.pdbx_ptnr2_label_alt_id 
_struct_conn.pdbx_ptnr2_PDB_ins_code 
_struct_conn.ptnr1_auth_asym_id 
_struct_conn.ptnr1_auth_comp_id 
_struct_conn.ptnr1_auth_seq_id 
_struct_conn.ptnr2_auth_asym_id 
_struct_conn.ptnr2_auth_comp_id 
_struct_conn.ptnr2_auth_seq_id 
_struct_conn.ptnr2_symmetry 
_struct_conn.pdbx_ptnr3_label_atom_id 
_struct_conn.pdbx_ptnr3_label_seq_id 
_struct_conn.pdbx_ptnr3_label_comp_id 
_struct_conn.pdbx_ptnr3_label_asym_id 
_struct_conn.pdbx_ptnr3_label_alt_id 
_struct_conn.pdbx_ptnr3_PDB_ins_code 
_struct_conn.details 
_struct_conn.pdbx_dist_value 
_struct_conn.pdbx_value_order 
_struct_conn.pdbx_role 
covale1  covale both ? A C   4  "O3'" ? ? ? 1_555 A 2AU 5  P  ? ? A C   4  A 2AU 5  1_555 ? ? ? ? ? ? ?                    1.604 ? 
? 
covale2  covale both ? A 2AU 5  "O3'" ? ? ? 1_555 A G   6  P  ? ? A 2AU 5  A G   6  1_555 ? ? ? ? ? ? ?                    1.602 ? 
? 
covale3  covale both ? B G   12 "O3'" ? ? ? 1_555 F S9L .  P  ? ? B G   13 C S9L 14 1_555 ? ? ? ? ? ? ?                    1.610 ? 
? 
covale4  covale both ? F S9L .  "O3'" ? ? ? 1_555 C G   1  P  ? ? C S9L 14 C G   15 1_555 ? ? ? ? ? ? ?                    1.606 ? 
? 
hydrog1  hydrog ?    ? A C   2  N3    ? ? ? 1_555 B G   12 N1 ? ? A C   2  B G   13 1_555 ? ? ? ? ? ? WATSON-CRICK         ?     ? 
? 
hydrog2  hydrog ?    ? A C   2  N4    ? ? ? 1_555 B G   12 O6 ? ? A C   2  B G   13 1_555 ? ? ? ? ? ? WATSON-CRICK         ?     ? 
? 
hydrog3  hydrog ?    ? A C   2  O2    ? ? ? 1_555 B G   12 N2 ? ? A C   2  B G   13 1_555 ? ? ? ? ? ? WATSON-CRICK         ?     ? 
? 
hydrog4  hydrog ?    ? A C   3  N3    ? ? ? 1_555 B G   11 N1 ? ? A C   3  B G   12 1_555 ? ? ? ? ? ? WATSON-CRICK         ?     ? 
? 
hydrog5  hydrog ?    ? A C   3  N4    ? ? ? 1_555 B G   11 O6 ? ? A C   3  B G   12 1_555 ? ? ? ? ? ? WATSON-CRICK         ?     ? 
? 
hydrog6  hydrog ?    ? A C   3  O2    ? ? ? 1_555 B G   11 N2 ? ? A C   3  B G   12 1_555 ? ? ? ? ? ? WATSON-CRICK         ?     ? 
? 
hydrog7  hydrog ?    ? A C   4  N3    ? ? ? 1_555 B G   10 N1 ? ? A C   4  B G   11 1_555 ? ? ? ? ? ? WATSON-CRICK         ?     ? 
? 
hydrog8  hydrog ?    ? A C   4  N4    ? ? ? 1_555 B G   10 O6 ? ? A C   4  B G   11 1_555 ? ? ? ? ? ? WATSON-CRICK         ?     ? 
? 
hydrog9  hydrog ?    ? A C   4  O2    ? ? ? 1_555 B G   10 N2 ? ? A C   4  B G   11 1_555 ? ? ? ? ? ? WATSON-CRICK         ?     ? 
? 
hydrog10 hydrog ?    ? A 2AU 5  O2    ? ? ? 1_555 B A   8  N6 ? ? A 2AU 5  B A   9  1_555 ? ? ? ? ? ? '2AU-A PAIR'         ?     ? 
? 
hydrog11 hydrog ?    ? A 2AU 5  O2    ? ? ? 1_555 B A   9  N6 ? ? A 2AU 5  B A   10 1_555 ? ? ? ? ? ? '2AU-A PAIR'         ?     ? 
? 
hydrog12 hydrog ?    ? A G   6  N1    ? ? ? 1_555 C C   11 N3 ? ? A G   6  C C   25 1_555 ? ? ? ? ? ? WATSON-CRICK         ?     ? 
? 
hydrog13 hydrog ?    ? A G   6  N2    ? ? ? 1_555 C C   11 O2 ? ? A G   6  C C   25 1_555 ? ? ? ? ? ? WATSON-CRICK         ?     ? 
? 
hydrog14 hydrog ?    ? A G   6  O6    ? ? ? 1_555 C C   11 N4 ? ? A G   6  C C   25 1_555 ? ? ? ? ? ? WATSON-CRICK         ?     ? 
? 
hydrog15 hydrog ?    ? A U   7  O4    ? ? ? 1_555 B G   7  N2 ? ? A U   7  B G   8  1_555 ? ? ? ? ? ? 'U-G MISPAIR'        ?     ? 
? 
hydrog16 hydrog ?    ? A C   8  N4    ? ? ? 1_555 B A   6  N1 ? ? A C   8  B A   7  1_555 ? ? ? ? ? ? 'C-A MISPAIR'        ?     ? 
? 
hydrog17 hydrog ?    ? A C   9  N3    ? ? ? 1_555 B G   5  N1 ? ? A C   9  B G   6  1_555 ? ? ? ? ? ? WATSON-CRICK         ?     ? 
? 
hydrog18 hydrog ?    ? A C   9  N4    ? ? ? 1_555 B G   5  O6 ? ? A C   9  B G   6  1_555 ? ? ? ? ? ? WATSON-CRICK         ?     ? 
? 
hydrog19 hydrog ?    ? A C   9  O2    ? ? ? 1_555 B G   5  N2 ? ? A C   9  B G   6  1_555 ? ? ? ? ? ? WATSON-CRICK         ?     ? 
? 
hydrog20 hydrog ?    ? A A   10 N1    ? ? ? 1_555 B U   4  N3 ? ? A A   10 B U   5  1_555 ? ? ? ? ? ? WATSON-CRICK         ?     ? 
? 
hydrog21 hydrog ?    ? A A   10 N6    ? ? ? 1_555 B U   4  O4 ? ? A A   10 B U   5  1_555 ? ? ? ? ? ? WATSON-CRICK         ?     ? 
? 
hydrog22 hydrog ?    ? A C   11 N3    ? ? ? 1_555 B G   3  N1 ? ? A C   11 B G   4  1_555 ? ? ? ? ? ? WATSON-CRICK         ?     ? 
? 
hydrog23 hydrog ?    ? A C   11 N4    ? ? ? 1_555 B G   3  O6 ? ? A C   11 B G   4  1_555 ? ? ? ? ? ? WATSON-CRICK         ?     ? 
? 
hydrog24 hydrog ?    ? A C   11 O2    ? ? ? 1_555 B G   3  N2 ? ? A C   11 B G   4  1_555 ? ? ? ? ? ? WATSON-CRICK         ?     ? 
? 
hydrog25 hydrog ?    ? A C   12 N3    ? ? ? 1_555 B G   2  N1 ? ? A C   12 B G   3  1_555 ? ? ? ? ? ? WATSON-CRICK         ?     ? 
? 
hydrog26 hydrog ?    ? A C   12 N4    ? ? ? 1_555 B G   2  O6 ? ? A C   12 B G   3  1_555 ? ? ? ? ? ? WATSON-CRICK         ?     ? 
? 
hydrog27 hydrog ?    ? A C   12 O2    ? ? ? 1_555 B G   2  N2 ? ? A C   12 B G   3  1_555 ? ? ? ? ? ? WATSON-CRICK         ?     ? 
? 
hydrog28 hydrog ?    ? A G   13 N1    ? ? ? 1_555 B C   1  N3 ? ? A G   13 B C   2  1_555 ? ? ? ? ? ? WATSON-CRICK         ?     ? 
? 
hydrog29 hydrog ?    ? A G   13 N2    ? ? ? 1_555 B C   1  O2 ? ? A G   13 B C   2  1_555 ? ? ? ? ? ? WATSON-CRICK         ?     ? 
? 
hydrog30 hydrog ?    ? A G   13 O6    ? ? ? 1_555 B C   1  N4 ? ? A G   13 B C   2  1_555 ? ? ? ? ? ? WATSON-CRICK         ?     ? 
? 
hydrog31 hydrog ?    ? C G   1  N1    ? ? ? 1_555 D C   19 N3 ? ? C G   15 D C   49 1_555 ? ? ? ? ? ? WATSON-CRICK         ?     ? 
? 
hydrog32 hydrog ?    ? C G   1  N2    ? ? ? 1_555 D C   19 O2 ? ? C G   15 D C   49 1_555 ? ? ? ? ? ? WATSON-CRICK         ?     ? 
? 
hydrog33 hydrog ?    ? C G   1  O6    ? ? ? 1_555 D C   19 N4 ? ? C G   15 D C   49 1_555 ? ? ? ? ? ? WATSON-CRICK         ?     ? 
? 
hydrog34 hydrog ?    ? C G   2  N1    ? ? ? 1_555 D C   18 N3 ? ? C G   16 D C   48 1_555 ? ? ? ? ? ? WATSON-CRICK         ?     ? 
? 
hydrog35 hydrog ?    ? C G   2  N2    ? ? ? 1_555 D C   18 O2 ? ? C G   16 D C   48 1_555 ? ? ? ? ? ? WATSON-CRICK         ?     ? 
? 
hydrog36 hydrog ?    ? C G   2  O6    ? ? ? 1_555 D C   18 N4 ? ? C G   16 D C   48 1_555 ? ? ? ? ? ? WATSON-CRICK         ?     ? 
? 
hydrog37 hydrog ?    ? C C   3  N3    ? ? ? 1_555 D G   17 N1 ? ? C C   17 D G   47 1_555 ? ? ? ? ? ? WATSON-CRICK         ?     ? 
? 
hydrog38 hydrog ?    ? C C   3  N4    ? ? ? 1_555 D G   17 O6 ? ? C C   17 D G   47 1_555 ? ? ? ? ? ? WATSON-CRICK         ?     ? 
? 
hydrog39 hydrog ?    ? C C   3  O2    ? ? ? 1_555 D G   17 N2 ? ? C C   17 D G   47 1_555 ? ? ? ? ? ? WATSON-CRICK         ?     ? 
? 
hydrog40 hydrog ?    ? C A   4  N1    ? ? ? 1_555 D U   16 N3 ? ? C A   18 D U   46 1_555 ? ? ? ? ? ? WATSON-CRICK         ?     ? 
? 
hydrog41 hydrog ?    ? C A   4  N6    ? ? ? 1_555 D U   16 O4 ? ? C A   18 D U   46 1_555 ? ? ? ? ? ? WATSON-CRICK         ?     ? 
? 
hydrog42 hydrog ?    ? C G   5  N1    ? ? ? 1_555 D C   15 N3 ? ? C G   19 D C   45 1_555 ? ? ? ? ? ? WATSON-CRICK         ?     ? 
? 
hydrog43 hydrog ?    ? C G   5  N2    ? ? ? 1_555 D C   15 O2 ? ? C G   19 D C   45 1_555 ? ? ? ? ? ? WATSON-CRICK         ?     ? 
? 
hydrog44 hydrog ?    ? C G   5  O6    ? ? ? 1_555 D C   15 N4 ? ? C G   19 D C   45 1_555 ? ? ? ? ? ? WATSON-CRICK         ?     ? 
? 
hydrog45 hydrog ?    ? C A   6  N1    ? ? ? 1_555 D C   14 N4 ? ? C A   20 D C   44 1_555 ? ? ? ? ? ? 'A-C MISPAIR'        ?     ? 
? 
hydrog46 hydrog ?    ? C G   7  N2    ? ? ? 1_555 D A   13 N7 ? ? C G   21 D A   43 1_555 ? ? ? ? ? ? TYPE_11_PAIR         ?     ? 
? 
hydrog47 hydrog ?    ? C G   7  N3    ? ? ? 1_555 D A   13 N6 ? ? C G   21 D A   43 1_555 ? ? ? ? ? ? TYPE_11_PAIR         ?     ? 
? 
hydrog48 hydrog ?    ? C A   8  N6    ? ? ? 1_555 D U   11 O2 ? ? C A   22 D U   41 1_555 ? ? ? ? ? ? 'REVERSED HOOGSTEEN' ?     ? 
? 
hydrog49 hydrog ?    ? C A   8  N7    ? ? ? 1_555 D U   11 N3 ? ? C A   22 D U   41 1_555 ? ? ? ? ? ? 'REVERSED HOOGSTEEN' ?     ? 
? 
hydrog50 hydrog ?    ? C A   9  N6    ? ? ? 1_555 D A   10 N1 ? ? C A   23 D A   40 1_555 ? ? ? ? ? ? 'A-A MISPAIR'        ?     ? 
? 
hydrog51 hydrog ?    ? C A   10 N6    ? ? ? 1_555 D A   8  N7 ? ? C A   24 D A   38 1_555 ? ? ? ? ? ? 'A-A MISPAIR'        ?     ? 
? 
hydrog52 hydrog ?    ? C A   12 N1    ? ? ? 1_555 D G   6  N1 ? ? C A   26 D G   36 1_555 ? ? ? ? ? ? TYPE_8_PAIR          ?     ? 
? 
hydrog53 hydrog ?    ? C A   12 N6    ? ? ? 1_555 D G   6  O6 ? ? C A   26 D G   36 1_555 ? ? ? ? ? ? TYPE_8_PAIR          ?     ? 
? 
hydrog54 hydrog ?    ? C C   13 N3    ? ? ? 1_555 D G   5  N1 ? ? C C   27 D G   35 1_555 ? ? ? ? ? ? WATSON-CRICK         ?     ? 
? 
hydrog55 hydrog ?    ? C C   13 N4    ? ? ? 1_555 D G   5  O6 ? ? C C   27 D G   35 1_555 ? ? ? ? ? ? WATSON-CRICK         ?     ? 
? 
hydrog56 hydrog ?    ? C C   13 O2    ? ? ? 1_555 D G   5  N2 ? ? C C   27 D G   35 1_555 ? ? ? ? ? ? WATSON-CRICK         ?     ? 
? 
hydrog57 hydrog ?    ? C A   14 N1    ? ? ? 1_555 D U   4  N3 ? ? C A   28 D U   34 1_555 ? ? ? ? ? ? WATSON-CRICK         ?     ? 
? 
hydrog58 hydrog ?    ? C A   14 N6    ? ? ? 1_555 D U   4  O4 ? ? C A   28 D U   34 1_555 ? ? ? ? ? ? WATSON-CRICK         ?     ? 
? 
hydrog59 hydrog ?    ? C C   15 N3    ? ? ? 1_555 D G   3  N1 ? ? C C   29 D G   33 1_555 ? ? ? ? ? ? WATSON-CRICK         ?     ? 
? 
hydrog60 hydrog ?    ? C C   15 N4    ? ? ? 1_555 D G   3  O6 ? ? C C   29 D G   33 1_555 ? ? ? ? ? ? WATSON-CRICK         ?     ? 
? 
hydrog61 hydrog ?    ? C C   15 O2    ? ? ? 1_555 D G   3  N2 ? ? C C   29 D G   33 1_555 ? ? ? ? ? ? WATSON-CRICK         ?     ? 
? 
hydrog62 hydrog ?    ? C G   16 N1    ? ? ? 1_555 D C   2  N3 ? ? C G   30 D C   32 1_555 ? ? ? ? ? ? WATSON-CRICK         ?     ? 
? 
hydrog63 hydrog ?    ? C G   16 N2    ? ? ? 1_555 D C   2  O2 ? ? C G   30 D C   32 1_555 ? ? ? ? ? ? WATSON-CRICK         ?     ? 
? 
hydrog64 hydrog ?    ? C G   16 O6    ? ? ? 1_555 D C   2  N4 ? ? C G   30 D C   32 1_555 ? ? ? ? ? ? WATSON-CRICK         ?     ? 
? 
hydrog65 hydrog ?    ? C A   17 N1    ? ? ? 1_555 D U   1  N3 ? ? C A   31 D U   31 1_555 ? ? ? ? ? ? WATSON-CRICK         ?     ? 
? 
hydrog66 hydrog ?    ? C A   17 N6    ? ? ? 1_555 D U   1  O4 ? ? C A   31 D U   31 1_555 ? ? ? ? ? ? WATSON-CRICK         ?     ? 
? 
# 
loop_
_struct_conn_type.id 
_struct_conn_type.criteria 
_struct_conn_type.reference 
covale ? ? 
hydrog ? ? 
# 
loop_
_struct_site.id 
_struct_site.pdbx_evidence_code 
_struct_site.pdbx_auth_asym_id 
_struct_site.pdbx_auth_comp_id 
_struct_site.pdbx_auth_seq_id 
_struct_site.pdbx_auth_ins_code 
_struct_site.pdbx_num_residues 
_struct_site.details 
AC1 Software C NCO 32 ? 4 'BINDING SITE FOR RESIDUE NCO C 32' 
AC2 Software C S9L 14 ? 3 'BINDING SITE FOR RESIDUE S9L C 14' 
# 
loop_
_struct_site_gen.id 
_struct_site_gen.site_id 
_struct_site_gen.pdbx_num_res 
_struct_site_gen.label_comp_id 
_struct_site_gen.label_asym_id 
_struct_site_gen.label_seq_id 
_struct_site_gen.pdbx_auth_ins_code 
_struct_site_gen.auth_comp_id 
_struct_site_gen.auth_asym_id 
_struct_site_gen.auth_seq_id 
_struct_site_gen.label_atom_id 
_struct_site_gen.label_alt_id 
_struct_site_gen.symmetry 
_struct_site_gen.details 
1 AC1 4 A C 6  ? A C 20 . ? 1_555  ? 
2 AC1 4 G C 7  ? G C 21 . ? 1_555  ? 
3 AC1 4 A D 10 ? A D 40 . ? 1_555  ? 
4 AC1 4 U D 11 ? U D 41 . ? 1_555  ? 
5 AC2 3 U A 1  ? U A 1  . ? 10_665 ? 
6 AC2 3 G B 12 ? G B 13 . ? 1_555  ? 
7 AC2 3 G C 1  ? G C 15 . ? 1_555  ? 
# 
_atom_sites.entry_id                    2NPY 
_atom_sites.fract_transf_matrix[1][1]   -0.00451620 
_atom_sites.fract_transf_matrix[1][2]   -0.00083083 
_atom_sites.fract_transf_matrix[1][3]   0.01135306 
_atom_sites.fract_transf_matrix[2][1]   0.00724177 
_atom_sites.fract_transf_matrix[2][2]   -0.00351643 
_atom_sites.fract_transf_matrix[2][3]   0.00922800 
_atom_sites.fract_transf_matrix[3][1]   0.00189413 
_atom_sites.fract_transf_matrix[3][2]   0.00727529 
_atom_sites.fract_transf_matrix[3][3]   0.00128589 
_atom_sites.fract_transf_vector[1]      0.434758 
_atom_sites.fract_transf_vector[2]      0.202052 
_atom_sites.fract_transf_vector[3]      0.386074 
# 
loop_
_atom_type.symbol 
C  
CO 
N  
O  
P  
# 
loop_
_atom_site.group_PDB 
_atom_site.id 
_atom_site.type_symbol 
_atom_site.label_atom_id 
_atom_site.label_alt_id 
_atom_site.label_comp_id 
_atom_site.label_asym_id 
_atom_site.label_entity_id 
_atom_site.label_seq_id 
_atom_site.pdbx_PDB_ins_code 
_atom_site.Cartn_x 
_atom_site.Cartn_y 
_atom_site.Cartn_z 
_atom_site.occupancy 
_atom_site.B_iso_or_equiv 
_atom_site.pdbx_formal_charge 
_atom_site.auth_seq_id 
_atom_site.auth_comp_id 
_atom_site.auth_asym_id 
_atom_site.auth_atom_id 
_atom_site.pdbx_PDB_model_num 
ATOM   1    O  "O5'" A U   A 1 1  ? 2.945   6.338   18.701  0.50 73.21  ? 1  U   A "O5'" 1 
ATOM   2    O  "O5'" B U   A 1 1  ? 3.137   5.065   18.400  0.50 78.35  ? 1  U   A "O5'" 1 
ATOM   3    C  "C5'" A U   A 1 1  ? 3.867   7.104   19.484  0.50 79.83  ? 1  U   A "C5'" 1 
ATOM   4    C  "C5'" B U   A 1 1  ? 3.771   6.168   19.058  0.50 80.33  ? 1  U   A "C5'" 1 
ATOM   5    C  "C4'" A U   A 1 1  ? 5.297   6.722   19.199  0.50 81.51  ? 1  U   A "C4'" 1 
ATOM   6    C  "C4'" B U   A 1 1  ? 5.282   6.118   19.004  0.50 81.98  ? 1  U   A "C4'" 1 
ATOM   7    O  "O4'" A U   A 1 1  ? 5.645   5.503   19.909  0.50 84.69  ? 1  U   A "O4'" 1 
ATOM   8    O  "O4'" B U   A 1 1  ? 5.758   4.881   19.617  0.50 83.80  ? 1  U   A "O4'" 1 
ATOM   9    C  "C3'" A U   A 1 1  ? 5.597   6.442   17.741  0.50 83.38  ? 1  U   A "C3'" 1 
ATOM   10   C  "C3'" B U   A 1 1  ? 5.916   6.134   17.622  0.50 82.58  ? 1  U   A "C3'" 1 
ATOM   11   O  "O3'" A U   A 1 1  ? 5.919   7.666   17.094  0.50 82.92  ? 1  U   A "O3'" 1 
ATOM   12   O  "O3'" B U   A 1 1  ? 5.929   7.451   17.090  0.50 82.62  ? 1  U   A "O3'" 1 
ATOM   13   C  "C2'" A U   A 1 1  ? 6.763   5.464   17.837  0.50 83.95  ? 1  U   A "C2'" 1 
ATOM   14   C  "C2'" B U   A 1 1  ? 7.297   5.516   17.919  0.50 81.63  ? 1  U   A "C2'" 1 
ATOM   15   O  "O2'" A U   A 1 1  ? 7.978   6.117   18.095  0.50 84.74  ? 1  U   A "O2'" 1 
ATOM   16   O  "O2'" B U   A 1 1  ? 8.224   6.431   18.468  0.50 80.92  ? 1  U   A "O2'" 1 
ATOM   17   C  "C1'" A U   A 1 1  ? 6.345   4.623   19.042  0.50 82.29  ? 1  U   A "C1'" 1 
ATOM   18   C  "C1'" B U   A 1 1  ? 6.983   4.472   19.008  0.50 79.44  ? 1  U   A "C1'" 1 
ATOM   19   N  N1    A U   A 1 1  ? 5.390   3.594   18.620  0.50 79.20  ? 1  U   A N1    1 
ATOM   20   N  N1    B U   A 1 1  ? 6.815   3.084   18.528  0.50 76.44  ? 1  U   A N1    1 
ATOM   21   C  C2    A U   A 1 1  ? 5.865   2.430   18.084  0.50 77.60  ? 1  U   A C2    1 
ATOM   22   C  C2    B U   A 1 1  ? 7.936   2.293   18.314  0.50 74.22  ? 1  U   A C2    1 
ATOM   23   O  O2    A U   A 1 1  ? 7.057   2.173   17.934  0.50 77.85  ? 1  U   A O2    1 
ATOM   24   O  O2    B U   A 1 1  ? 9.079   2.632   18.549  0.50 70.25  ? 1  U   A O2    1 
ATOM   25   N  N3    A U   A 1 1  ? 4.888   1.547   17.722  0.50 75.39  ? 1  U   A N3    1 
ATOM   26   N  N3    B U   A 1 1  ? 7.632   1.071   17.797  0.50 73.58  ? 1  U   A N3    1 
ATOM   27   C  C4    A U   A 1 1  ? 3.526   1.737   17.850  0.50 74.15  ? 1  U   A C4    1 
ATOM   28   C  C4    B U   A 1 1  ? 6.340   0.613   17.508  0.50 74.72  ? 1  U   A C4    1 
ATOM   29   O  O4    A U   A 1 1  ? 2.796   0.816   17.467  0.50 72.30  ? 1  U   A O4    1 
ATOM   30   O  O4    B U   A 1 1  ? 6.246   -0.511  17.025  0.50 74.00  ? 1  U   A O4    1 
ATOM   31   C  C5    A U   A 1 1  ? 3.107   2.974   18.400  0.50 74.93  ? 1  U   A C5    1 
ATOM   32   C  C5    B U   A 1 1  ? 5.244   1.476   17.798  0.50 75.11  ? 1  U   A C5    1 
ATOM   33   C  C6    A U   A 1 1  ? 4.046   3.839   18.763  0.50 77.53  ? 1  U   A C6    1 
ATOM   34   C  C6    B U   A 1 1  ? 5.543   2.661   18.296  0.50 76.23  ? 1  U   A C6    1 
ATOM   35   P  P     . C   A 1 2  ? 5.794   7.755   15.513  1.00 80.44  ? 2  C   A P     1 
ATOM   36   O  OP1   . C   A 1 2  ? 6.508   8.998   15.129  1.00 78.73  ? 2  C   A OP1   1 
ATOM   37   O  OP2   . C   A 1 2  ? 4.360   7.542   15.122  1.00 79.29  ? 2  C   A OP2   1 
ATOM   38   O  "O5'" . C   A 1 2  ? 6.618   6.542   14.897  1.00 77.79  ? 2  C   A "O5'" 1 
ATOM   39   C  "C5'" . C   A 1 2  ? 7.993   6.672   14.539  1.00 68.79  ? 2  C   A "C5'" 1 
ATOM   40   C  "C4'" . C   A 1 2  ? 8.532   5.336   14.102  1.00 65.24  ? 2  C   A "C4'" 1 
ATOM   41   O  "O4'" . C   A 1 2  ? 7.982   4.329   14.995  1.00 61.91  ? 2  C   A "O4'" 1 
ATOM   42   C  "C3'" . C   A 1 2  ? 8.059   4.884   12.732  1.00 63.42  ? 2  C   A "C3'" 1 
ATOM   43   O  "O3'" . C   A 1 2  ? 8.848   5.444   11.691  1.00 64.95  ? 2  C   A "O3'" 1 
ATOM   44   C  "C2'" . C   A 1 2  ? 8.212   3.375   12.839  1.00 61.84  ? 2  C   A "C2'" 1 
ATOM   45   O  "O2'" . C   A 1 2  ? 9.548   2.933   12.715  1.00 61.54  ? 2  C   A "O2'" 1 
ATOM   46   C  "C1'" . C   A 1 2  ? 7.755   3.131   14.276  1.00 58.17  ? 2  C   A "C1'" 1 
ATOM   47   N  N1    . C   A 1 2  ? 6.325   2.757   14.358  1.00 57.12  ? 2  C   A N1    1 
ATOM   48   C  C2    . C   A 1 2  ? 5.948   1.483   13.899  1.00 57.91  ? 2  C   A C2    1 
ATOM   49   O  O2    . C   A 1 2  ? 6.824   0.718   13.477  1.00 57.17  ? 2  C   A O2    1 
ATOM   50   N  N3    . C   A 1 2  ? 4.638   1.121   13.925  1.00 57.57  ? 2  C   A N3    1 
ATOM   51   C  C4    . C   A 1 2  ? 3.724   1.970   14.401  1.00 58.09  ? 2  C   A C4    1 
ATOM   52   N  N4    . C   A 1 2  ? 2.445   1.585   14.397  1.00 59.87  ? 2  C   A N4    1 
ATOM   53   C  C5    . C   A 1 2  ? 4.078   3.260   14.895  1.00 57.30  ? 2  C   A C5    1 
ATOM   54   C  C6    . C   A 1 2  ? 5.381   3.612   14.856  1.00 57.86  ? 2  C   A C6    1 
ATOM   55   P  P     . C   A 1 3  ? 8.146   5.890   10.326  1.00 61.07  ? 3  C   A P     1 
ATOM   56   O  OP1   . C   A 1 3  ? 9.034   6.834   9.582   1.00 65.76  ? 3  C   A OP1   1 
ATOM   57   O  OP2   . C   A 1 3  ? 6.763   6.288   10.685  1.00 68.17  ? 3  C   A OP2   1 
ATOM   58   O  "O5'" . C   A 1 3  ? 8.073   4.523   9.528   1.00 61.88  ? 3  C   A "O5'" 1 
ATOM   59   C  "C5'" . C   A 1 3  ? 9.198   3.654   9.501   1.00 60.43  ? 3  C   A "C5'" 1 
ATOM   60   C  "C4'" . C   A 1 3  ? 8.941   2.512   8.561   1.00 60.80  ? 3  C   A "C4'" 1 
ATOM   61   O  "O4'" . C   A 1 3  ? 8.335   1.405   9.266   1.00 63.65  ? 3  C   A "O4'" 1 
ATOM   62   C  "C3'" . C   A 1 3  ? 8.002   2.824   7.422   1.00 62.44  ? 3  C   A "C3'" 1 
ATOM   63   O  "O3'" . C   A 1 3  ? 8.691   3.487   6.370   1.00 64.60  ? 3  C   A "O3'" 1 
ATOM   64   C  "C2'" . C   A 1 3  ? 7.483   1.437   7.060   1.00 62.08  ? 3  C   A "C2'" 1 
ATOM   65   O  "O2'" . C   A 1 3  ? 8.375   0.694   6.263   1.00 60.66  ? 3  C   A "O2'" 1 
ATOM   66   C  "C1'" . C   A 1 3  ? 7.372   0.787   8.441   1.00 60.53  ? 3  C   A "C1'" 1 
ATOM   67   N  N1    . C   A 1 3  ? 6.074   1.002   9.080   1.00 60.58  ? 3  C   A N1    1 
ATOM   68   C  C2    . C   A 1 3  ? 5.041   0.084   8.858   1.00 60.87  ? 3  C   A C2    1 
ATOM   69   O  O2    . C   A 1 3  ? 5.251   -0.873  8.104   1.00 63.74  ? 3  C   A O2    1 
ATOM   70   N  N3    . C   A 1 3  ? 3.847   0.268   9.464   1.00 59.80  ? 3  C   A N3    1 
ATOM   71   C  C4    . C   A 1 3  ? 3.676   1.315   10.277  1.00 59.21  ? 3  C   A C4    1 
ATOM   72   N  N4    . C   A 1 3  ? 2.500   1.456   10.876  1.00 59.03  ? 3  C   A N4    1 
ATOM   73   C  C5    . C   A 1 3  ? 4.709   2.268   10.515  1.00 58.76  ? 3  C   A C5    1 
ATOM   74   C  C6    . C   A 1 3  ? 5.877   2.076   9.903   1.00 58.97  ? 3  C   A C6    1 
ATOM   75   P  P     . C   A 1 4  ? 7.856   4.184   5.198   1.00 63.87  ? 4  C   A P     1 
ATOM   76   O  OP1   . C   A 1 4  ? 8.783   4.497   4.081   1.00 67.67  ? 4  C   A OP1   1 
ATOM   77   O  OP2   . C   A 1 4  ? 7.012   5.259   5.793   1.00 60.53  ? 4  C   A OP2   1 
ATOM   78   O  "O5'" . C   A 1 4  ? 6.912   3.003   4.713   1.00 60.88  ? 4  C   A "O5'" 1 
ATOM   79   C  "C5'" . C   A 1 4  ? 6.568   2.899   3.357   1.00 62.85  ? 4  C   A "C5'" 1 
ATOM   80   C  "C4'" . C   A 1 4  ? 5.583   1.785   3.116   1.00 60.07  ? 4  C   A "C4'" 1 
ATOM   81   O  "O4'" . C   A 1 4  ? 5.159   1.140   4.347   1.00 57.61  ? 4  C   A "O4'" 1 
ATOM   82   C  "C3'" . C   A 1 4  ? 4.299   2.342   2.546   1.00 60.74  ? 4  C   A "C3'" 1 
ATOM   83   O  "O3'" . C   A 1 4  ? 4.497   2.606   1.170   1.00 60.99  ? 4  C   A "O3'" 1 
ATOM   84   C  "C2'" . C   A 1 4  ? 3.289   1.249   2.864   1.00 59.94  ? 4  C   A "C2'" 1 
ATOM   85   O  "O2'" . C   A 1 4  ? 3.296   0.201   1.923   1.00 63.58  ? 4  C   A "O2'" 1 
ATOM   86   C  "C1'" . C   A 1 4  ? 3.800   0.750   4.217   1.00 56.42  ? 4  C   A "C1'" 1 
ATOM   87   N  N1    . C   A 1 4  ? 3.034   1.294   5.345   1.00 53.54  ? 4  C   A N1    1 
ATOM   88   C  C2    . C   A 1 4  ? 1.776   0.756   5.613   1.00 54.88  ? 4  C   A C2    1 
ATOM   89   O  O2    . C   A 1 4  ? 1.345   -0.142  4.891   1.00 60.69  ? 4  C   A O2    1 
ATOM   90   N  N3    . C   A 1 4  ? 1.055   1.234   6.646   1.00 52.54  ? 4  C   A N3    1 
ATOM   91   C  C4    . C   A 1 4  ? 1.548   2.210   7.398   1.00 50.21  ? 4  C   A C4    1 
ATOM   92   N  N4    . C   A 1 4  ? 0.806   2.652   8.404   1.00 48.57  ? 4  C   A N4    1 
ATOM   93   C  C5    . C   A 1 4  ? 2.826   2.779   7.149   1.00 51.41  ? 4  C   A C5    1 
ATOM   94   C  C6    . C   A 1 4  ? 3.534   2.293   6.119   1.00 52.26  ? 4  C   A C6    1 
HETATM 95   P  P     . 2AU A 1 5  ? 4.353   4.109   0.629   1.00 61.79  ? 5  2AU A P     1 
HETATM 96   O  OP1   . 2AU A 1 5  ? 5.013   4.137   -0.696  1.00 66.43  ? 5  2AU A OP1   1 
HETATM 97   O  "O5'" . 2AU A 1 5  ? 2.780   4.249   0.445   1.00 63.71  ? 5  2AU A "O5'" 1 
HETATM 98   C  "C5'" . 2AU A 1 5  ? 2.046   3.219   -0.196  1.00 64.66  ? 5  2AU A "C5'" 1 
HETATM 99   C  "C4'" . 2AU A 1 5  ? 0.566   3.448   -0.031  1.00 63.93  ? 5  2AU A "C4'" 1 
HETATM 100  O  "O4'" . 2AU A 1 5  ? 0.210   3.329   1.371   1.00 62.72  ? 5  2AU A "O4'" 1 
HETATM 101  C  "C3'" . 2AU A 1 5  ? 0.222   4.888   -0.429  1.00 62.97  ? 5  2AU A "C3'" 1 
HETATM 102  O  "O3'" . 2AU A 1 5  ? -0.947  4.973   -1.248  1.00 70.45  ? 5  2AU A "O3'" 1 
HETATM 103  C  "C2'" . 2AU A 1 5  ? 0.153   5.669   0.879   1.00 61.34  ? 5  2AU A "C2'" 1 
HETATM 104  C  "C1'" . 2AU A 1 5  ? -0.249  4.565   1.837   1.00 62.02  ? 5  2AU A "C1'" 1 
HETATM 105  N  N1    . 2AU A 1 5  ? 0.091   4.767   3.243   1.00 66.17  ? 5  2AU A N1    1 
HETATM 106  C  C2    . 2AU A 1 5  ? -0.975  4.880   4.098   1.00 65.58  ? 5  2AU A C2    1 
HETATM 107  O  O2    . 2AU A 1 5  ? -2.128  4.732   3.743   1.00 66.47  ? 5  2AU A O2    1 
HETATM 108  N  N3    . 2AU A 1 5  ? -0.647  5.170   5.391   1.00 65.77  ? 5  2AU A N3    1 
HETATM 109  C  C4    . 2AU A 1 5  ? 0.617   5.338   5.904   1.00 67.35  ? 5  2AU A C4    1 
HETATM 110  O  O4    . 2AU A 1 5  ? 0.753   5.650   7.089   1.00 69.94  ? 5  2AU A O4    1 
HETATM 111  C  C5    . 2AU A 1 5  ? 1.672   5.161   4.955   1.00 67.59  ? 5  2AU A C5    1 
HETATM 112  C  C6    . 2AU A 1 5  ? 1.379   4.880   3.682   1.00 67.26  ? 5  2AU A C6    1 
HETATM 113  N  "N2'" . 2AU A 1 5  ? -0.909  6.686   0.944   1.00 60.33  ? 5  2AU A "N2'" 1 
HETATM 114  O  OP2   . 2AU A 1 5  ? 4.779   5.066   1.681   1.00 62.80  ? 5  2AU A OP2   1 
ATOM   115  P  P     . G   A 1 6  ? -0.881  5.630   -2.707  1.00 69.31  ? 6  G   A P     1 
ATOM   116  O  OP1   . G   A 1 6  ? 0.386   5.141   -3.318  1.00 69.56  ? 6  G   A OP1   1 
ATOM   117  O  OP2   . G   A 1 6  ? -1.104  7.095   -2.536  1.00 70.50  ? 6  G   A OP2   1 
ATOM   118  O  "O5'" . G   A 1 6  ? -2.126  4.964   -3.468  1.00 72.97  ? 6  G   A "O5'" 1 
ATOM   119  C  "C5'" . G   A 1 6  ? -3.441  4.938   -2.902  1.00 68.66  ? 6  G   A "C5'" 1 
ATOM   120  C  "C4'" . G   A 1 6  ? -4.478  4.860   -4.018  1.00 66.74  ? 6  G   A "C4'" 1 
ATOM   121  O  "O4'" . G   A 1 6  ? -4.511  3.545   -4.634  1.00 64.40  ? 6  G   A "O4'" 1 
ATOM   122  C  "C3'" . G   A 1 6  ? -5.889  5.131   -3.483  1.00 65.72  ? 6  G   A "C3'" 1 
ATOM   123  O  "O3'" . G   A 1 6  ? -6.642  5.987   -4.368  1.00 75.86  ? 6  G   A "O3'" 1 
ATOM   124  C  "C2'" . G   A 1 6  ? -6.520  3.737   -3.291  1.00 61.20  ? 6  G   A "C2'" 1 
ATOM   125  O  "O2'" . G   A 1 6  ? -7.900  3.605   -3.598  1.00 67.28  ? 6  G   A "O2'" 1 
ATOM   126  C  "C1'" . G   A 1 6  ? -5.767  2.931   -4.353  1.00 60.82  ? 6  G   A "C1'" 1 
ATOM   127  N  N9    . G   A 1 6  ? -5.652  1.477   -4.208  1.00 57.81  ? 6  G   A N9    1 
ATOM   128  C  C8    . G   A 1 6  ? -5.391  0.595   -5.232  1.00 55.74  ? 6  G   A C8    1 
ATOM   129  N  N7    . G   A 1 6  ? -5.453  -0.655  -4.855  1.00 56.00  ? 6  G   A N7    1 
ATOM   130  C  C5    . G   A 1 6  ? -5.726  -0.592  -3.496  1.00 55.61  ? 6  G   A C5    1 
ATOM   131  C  C6    . G   A 1 6  ? -5.916  -1.637  -2.543  1.00 55.30  ? 6  G   A C6    1 
ATOM   132  O  O6    . G   A 1 6  ? -5.905  -2.865  -2.728  1.00 56.11  ? 6  G   A O6    1 
ATOM   133  N  N1    . G   A 1 6  ? -6.158  -1.130  -1.272  1.00 53.51  ? 6  G   A N1    1 
ATOM   134  C  C2    . G   A 1 6  ? -6.235  0.206   -0.959  1.00 55.13  ? 6  G   A C2    1 
ATOM   135  N  N2    . G   A 1 6  ? -6.460  0.509   0.321   1.00 54.59  ? 6  G   A N2    1 
ATOM   136  N  N3    . G   A 1 6  ? -6.094  1.181   -1.837  1.00 56.85  ? 6  G   A N3    1 
ATOM   137  C  C4    . G   A 1 6  ? -5.836  0.717   -3.074  1.00 56.83  ? 6  G   A C4    1 
ATOM   138  P  P     . U   A 1 7  ? -7.036  7.508   -3.974  1.00 75.46  ? 7  U   A P     1 
ATOM   139  O  OP1   . U   A 1 7  ? -7.683  8.003   -5.210  1.00 75.44  ? 7  U   A OP1   1 
ATOM   140  O  OP2   . U   A 1 7  ? -5.943  8.297   -3.338  1.00 81.08  ? 7  U   A OP2   1 
ATOM   141  O  "O5'" . U   A 1 7  ? -8.233  7.340   -2.946  1.00 76.67  ? 7  U   A "O5'" 1 
ATOM   142  C  "C5'" . U   A 1 7  ? -9.469  6.805   -3.401  1.00 78.97  ? 7  U   A "C5'" 1 
ATOM   143  C  "C4'" . U   A 1 7  ? -10.564 7.082   -2.424  1.00 79.41  ? 7  U   A "C4'" 1 
ATOM   144  O  "O4'" . U   A 1 7  ? -10.327 6.299   -1.229  1.00 80.59  ? 7  U   A "O4'" 1 
ATOM   145  C  "C3'" . U   A 1 7  ? -10.655 8.519   -1.951  1.00 79.31  ? 7  U   A "C3'" 1 
ATOM   146  O  "O3'" . U   A 1 7  ? -11.391 9.302   -2.896  1.00 81.24  ? 7  U   A "O3'" 1 
ATOM   147  C  "C2'" . U   A 1 7  ? -11.382 8.335   -0.626  1.00 80.07  ? 7  U   A "C2'" 1 
ATOM   148  O  "O2'" . U   A 1 7  ? -12.780 8.191   -0.769  1.00 77.03  ? 7  U   A "O2'" 1 
ATOM   149  C  "C1'" . U   A 1 7  ? -10.785 7.018   -0.113  1.00 80.42  ? 7  U   A "C1'" 1 
ATOM   150  N  N1    . U   A 1 7  ? -9.673  7.203   0.824   1.00 82.46  ? 7  U   A N1    1 
ATOM   151  C  C2    . U   A 1 7  ? -10.000 7.378   2.156   1.00 83.37  ? 7  U   A C2    1 
ATOM   152  O  O2    . U   A 1 7  ? -11.150 7.323   2.567   1.00 83.99  ? 7  U   A O2    1 
ATOM   153  N  N3    . U   A 1 7  ? -8.934  7.605   2.994   1.00 84.11  ? 7  U   A N3    1 
ATOM   154  C  C4    . U   A 1 7  ? -7.601  7.652   2.644   1.00 83.87  ? 7  U   A C4    1 
ATOM   155  O  O4    . U   A 1 7  ? -6.761  7.912   3.507   1.00 84.99  ? 7  U   A O4    1 
ATOM   156  C  C5    . U   A 1 7  ? -7.339  7.430   1.252   1.00 83.51  ? 7  U   A C5    1 
ATOM   157  C  C6    . U   A 1 7  ? -8.361  7.221   0.407   1.00 82.94  ? 7  U   A C6    1 
ATOM   158  P  P     . C   A 1 8  ? -11.217 10.901  -2.936  1.00 80.93  ? 8  C   A P     1 
ATOM   159  O  OP1   . C   A 1 8  ? -12.459 11.390  -3.582  1.00 85.40  ? 8  C   A OP1   1 
ATOM   160  O  OP2   . C   A 1 8  ? -9.877  11.297  -3.472  1.00 77.42  ? 8  C   A OP2   1 
ATOM   161  O  "O5'" . C   A 1 8  ? -11.313 11.348  -1.415  1.00 80.75  ? 8  C   A "O5'" 1 
ATOM   162  C  "C5'" . C   A 1 8  ? -12.582 11.456  -0.781  1.00 84.58  ? 8  C   A "C5'" 1 
ATOM   163  C  "C4'" . C   A 1 8  ? -12.427 11.985  0.622   1.00 87.98  ? 8  C   A "C4'" 1 
ATOM   164  O  "O4'" . C   A 1 8  ? -11.670 11.030  1.412   1.00 88.45  ? 8  C   A "O4'" 1 
ATOM   165  C  "C3'" . C   A 1 8  ? -11.630 13.271  0.743   1.00 90.56  ? 8  C   A "C3'" 1 
ATOM   166  O  "O3'" . C   A 1 8  ? -12.410 14.418  0.444   1.00 94.58  ? 8  C   A "O3'" 1 
ATOM   167  C  "C2'" . C   A 1 8  ? -11.153 13.213  2.187   1.00 89.57  ? 8  C   A "C2'" 1 
ATOM   168  O  "O2'" . C   A 1 8  ? -12.153 13.581  3.116   1.00 87.15  ? 8  C   A "O2'" 1 
ATOM   169  C  "C1'" . C   A 1 8  ? -10.845 11.721  2.334   1.00 87.15  ? 8  C   A "C1'" 1 
ATOM   170  N  N1    . C   A 1 8  ? -9.431  11.421  2.024   1.00 84.66  ? 8  C   A N1    1 
ATOM   171  C  C2    . C   A 1 8  ? -8.463  11.674  3.010   1.00 84.01  ? 8  C   A C2    1 
ATOM   172  O  O2    . C   A 1 8  ? -8.816  12.130  4.103   1.00 85.68  ? 8  C   A O2    1 
ATOM   173  N  N3    . C   A 1 8  ? -7.164  11.432  2.738   1.00 82.80  ? 8  C   A N3    1 
ATOM   174  C  C4    . C   A 1 8  ? -6.817  10.931  1.554   1.00 82.04  ? 8  C   A C4    1 
ATOM   175  N  N4    . C   A 1 8  ? -5.524  10.705  1.321   1.00 82.25  ? 8  C   A N4    1 
ATOM   176  C  C5    . C   A 1 8  ? -7.777  10.648  0.541   1.00 81.48  ? 8  C   A C5    1 
ATOM   177  C  C6    . C   A 1 8  ? -9.065  10.900  0.816   1.00 82.15  ? 8  C   A C6    1 
ATOM   178  P  P     . C   A 1 9  ? -11.711 15.685  -0.250  1.00 95.91  ? 9  C   A P     1 
ATOM   179  O  OP1   . C   A 1 9  ? -12.762 16.711  -0.466  1.00 100.43 ? 9  C   A OP1   1 
ATOM   180  O  OP2   . C   A 1 9  ? -10.890 15.213  -1.399  1.00 96.43  ? 9  C   A OP2   1 
ATOM   181  O  "O5'" . C   A 1 9  ? -10.727 16.209  0.883   1.00 98.59  ? 9  C   A "O5'" 1 
ATOM   182  C  "C5'" . C   A 1 9  ? -11.237 16.529  2.169   1.00 101.48 ? 9  C   A "C5'" 1 
ATOM   183  C  "C4'" . C   A 1 9  ? -10.146 17.068  3.057   1.00 104.32 ? 9  C   A "C4'" 1 
ATOM   184  O  "O4'" . C   A 1 9  ? -9.296  15.971  3.498   1.00 101.52 ? 9  C   A "O4'" 1 
ATOM   185  C  "C3'" . C   A 1 9  ? -9.170  18.036  2.397   1.00 108.23 ? 9  C   A "C3'" 1 
ATOM   186  O  "O3'" . C   A 1 9  ? -9.661  19.372  2.256   1.00 112.70 ? 9  C   A "O3'" 1 
ATOM   187  C  "C2'" . C   A 1 9  ? -7.961  17.924  3.317   1.00 105.82 ? 9  C   A "C2'" 1 
ATOM   188  O  "O2'" . C   A 1 9  ? -8.141  18.633  4.528   1.00 106.36 ? 9  C   A "O2'" 1 
ATOM   189  C  "C1'" . C   A 1 9  ? -7.956  16.427  3.621   1.00 100.77 ? 9  C   A "C1'" 1 
ATOM   190  N  N1    . C   A 1 9  ? -7.099  15.702  2.667   1.00 96.90  ? 9  C   A N1    1 
ATOM   191  C  C2    . C   A 1 9  ? -5.721  15.698  2.886   1.00 95.74  ? 9  C   A C2    1 
ATOM   192  O  O2    . C   A 1 9  ? -5.272  16.272  3.886   1.00 95.94  ? 9  C   A O2    1 
ATOM   193  N  N3    . C   A 1 9  ? -4.913  15.068  2.010   1.00 94.55  ? 9  C   A N3    1 
ATOM   194  C  C4    . C   A 1 9  ? -5.435  14.455  0.949   1.00 93.51  ? 9  C   A C4    1 
ATOM   195  N  N4    . C   A 1 9  ? -4.600  13.849  0.109   1.00 92.51  ? 9  C   A N4    1 
ATOM   196  C  C5    . C   A 1 9  ? -6.835  14.434  0.703   1.00 93.63  ? 9  C   A C5    1 
ATOM   197  C  C6    . C   A 1 9  ? -7.624  15.063  1.580   1.00 95.57  ? 9  C   A C6    1 
ATOM   198  P  P     . A   A 1 10 ? -8.883  20.419  1.300   1.00 111.92 ? 10 A   A P     1 
ATOM   199  O  OP1   . A   A 1 10 ? -9.586  21.717  1.410   1.00 115.60 ? 10 A   A OP1   1 
ATOM   200  O  OP2   . A   A 1 10 ? -8.619  19.837  -0.044  1.00 111.97 ? 10 A   A OP2   1 
ATOM   201  O  "O5'" . A   A 1 10 ? -7.472  20.589  2.006   1.00 113.62 ? 10 A   A "O5'" 1 
ATOM   202  C  "C5'" . A   A 1 10 ? -7.319  21.453  3.117   1.00 115.01 ? 10 A   A "C5'" 1 
ATOM   203  C  "C4'" . A   A 1 10 ? -5.871  21.800  3.275   1.00 116.91 ? 10 A   A "C4'" 1 
ATOM   204  O  "O4'" . A   A 1 10 ? -5.138  20.569  3.512   1.00 114.82 ? 10 A   A "O4'" 1 
ATOM   205  C  "C3'" . A   A 1 10 ? -5.219  22.379  2.030   1.00 119.16 ? 10 A   A "C3'" 1 
ATOM   206  O  "O3'" . A   A 1 10 ? -5.406  23.785  1.926   1.00 124.24 ? 10 A   A "O3'" 1 
ATOM   207  C  "C2'" . A   A 1 10 ? -3.758  22.031  2.254   1.00 117.03 ? 10 A   A "C2'" 1 
ATOM   208  O  "O2'" . A   A 1 10 ? -3.142  22.915  3.169   1.00 117.39 ? 10 A   A "O2'" 1 
ATOM   209  C  "C1'" . A   A 1 10 ? -3.878  20.637  2.874   1.00 112.83 ? 10 A   A "C1'" 1 
ATOM   210  N  N9    . A   A 1 10 ? -3.818  19.583  1.863   1.00 108.78 ? 10 A   A N9    1 
ATOM   211  C  C8    . A   A 1 10 ? -4.848  18.945  1.213   1.00 106.92 ? 10 A   A C8    1 
ATOM   212  N  N7    . A   A 1 10 ? -4.447  18.048  0.345   1.00 106.05 ? 10 A   A N7    1 
ATOM   213  C  C5    . A   A 1 10 ? -3.062  18.098  0.431   1.00 105.91 ? 10 A   A C5    1 
ATOM   214  C  C6    . A   A 1 10 ? -2.042  17.394  -0.235  1.00 105.56 ? 10 A   A C6    1 
ATOM   215  N  N6    . A   A 1 10 ? -2.266  16.467  -1.166  1.00 103.99 ? 10 A   A N6    1 
ATOM   216  N  N1    . A   A 1 10 ? -0.763  17.682  0.092   1.00 106.51 ? 10 A   A N1    1 
ATOM   217  C  C2    . A   A 1 10 ? -0.534  18.619  1.021   1.00 107.85 ? 10 A   A C2    1 
ATOM   218  N  N3    . A   A 1 10 ? -1.405  19.350  1.712   1.00 107.63 ? 10 A   A N3    1 
ATOM   219  C  C4    . A   A 1 10 ? -2.664  19.036  1.365   1.00 107.11 ? 10 A   A C4    1 
ATOM   220  P  P     . C   A 1 11 ? -5.045  24.537  0.547   1.00 128.39 ? 11 C   A P     1 
ATOM   221  O  OP1   . C   A 1 11 ? -5.341  25.978  0.753   1.00 130.49 ? 11 C   A OP1   1 
ATOM   222  O  OP2   . C   A 1 11 ? -5.674  23.811  -0.588  1.00 129.30 ? 11 C   A OP2   1 
ATOM   223  O  "O5'" . C   A 1 11 ? -3.469  24.374  0.397   1.00 127.57 ? 11 C   A "O5'" 1 
ATOM   224  C  "C5'" . C   A 1 11 ? -2.588  25.301  1.011   1.00 127.93 ? 11 C   A "C5'" 1 
ATOM   225  C  "C4'" . C   A 1 11 ? -1.160  24.984  0.654   1.00 129.33 ? 11 C   A "C4'" 1 
ATOM   226  O  "O4'" . C   A 1 11 ? -0.893  23.599  1.010   1.00 128.79 ? 11 C   A "O4'" 1 
ATOM   227  C  "C3'" . C   A 1 11 ? -0.806  25.043  -0.825  1.00 131.24 ? 11 C   A "C3'" 1 
ATOM   228  O  "O3'" . C   A 1 11 ? -0.509  26.352  -1.289  1.00 134.41 ? 11 C   A "O3'" 1 
ATOM   229  C  "C2'" . C   A 1 11 ? 0.416   24.140  -0.885  1.00 130.25 ? 11 C   A "C2'" 1 
ATOM   230  O  "O2'" . C   A 1 11 ? 1.582   24.775  -0.401  1.00 131.85 ? 11 C   A "O2'" 1 
ATOM   231  C  "C1'" . C   A 1 11 ? 0.003   23.025  0.070   1.00 127.96 ? 11 C   A "C1'" 1 
ATOM   232  N  N1    . C   A 1 11 ? -0.711  22.005  -0.705  1.00 125.33 ? 11 C   A N1    1 
ATOM   233  C  C2    . C   A 1 11 ? 0.033   21.152  -1.526  1.00 124.22 ? 11 C   A C2    1 
ATOM   234  O  O2    . C   A 1 11 ? 1.275   21.219  -1.493  1.00 122.49 ? 11 C   A O2    1 
ATOM   235  N  N3    . C   A 1 11 ? -0.617  20.277  -2.326  1.00 124.05 ? 11 C   A N3    1 
ATOM   236  C  C4    . C   A 1 11 ? -1.953  20.224  -2.311  1.00 124.11 ? 11 C   A C4    1 
ATOM   237  N  N4    . C   A 1 11 ? -2.555  19.376  -3.147  1.00 123.57 ? 11 C   A N4    1 
ATOM   238  C  C5    . C   A 1 11 ? -2.730  21.044  -1.445  1.00 123.90 ? 11 C   A C5    1 
ATOM   239  C  C6    . C   A 1 11 ? -2.075  21.910  -0.665  1.00 124.64 ? 11 C   A C6    1 
ATOM   240  P  P     . C   A 1 12 ? -0.274  26.602  -2.863  1.00 135.76 ? 12 C   A P     1 
ATOM   241  O  OP1   . C   A 1 12 ? 0.334   27.947  -2.995  1.00 138.45 ? 12 C   A OP1   1 
ATOM   242  O  OP2   . C   A 1 12 ? -1.525  26.285  -3.599  1.00 136.17 ? 12 C   A OP2   1 
ATOM   243  O  "O5'" . C   A 1 12 ? 0.844   25.545  -3.282  1.00 134.61 ? 12 C   A "O5'" 1 
ATOM   244  C  "C5'" . C   A 1 12 ? 2.205   25.777  -2.938  1.00 133.51 ? 12 C   A "C5'" 1 
ATOM   245  C  "C4'" . C   A 1 12 ? 3.141   25.102  -3.915  1.00 133.70 ? 12 C   A "C4'" 1 
ATOM   246  O  "O4'" . C   A 1 12 ? 3.115   23.663  -3.704  1.00 130.97 ? 12 C   A "O4'" 1 
ATOM   247  C  "C3'" . C   A 1 12 ? 2.812   25.260  -5.392  1.00 134.65 ? 12 C   A "C3'" 1 
ATOM   248  O  "O3'" . C   A 1 12 ? 3.226   26.495  -5.955  1.00 140.13 ? 12 C   A "O3'" 1 
ATOM   249  C  "C2'" . C   A 1 12 ? 3.536   24.071  -6.004  1.00 131.95 ? 12 C   A "C2'" 1 
ATOM   250  O  "O2'" . C   A 1 12 ? 4.928   24.291  -6.159  1.00 128.89 ? 12 C   A "O2'" 1 
ATOM   251  C  "C1'" . C   A 1 12 ? 3.277   22.995  -4.949  1.00 129.04 ? 12 C   A "C1'" 1 
ATOM   252  N  N1    . C   A 1 12 ? 2.040   22.255  -5.260  1.00 125.80 ? 12 C   A N1    1 
ATOM   253  C  C2    . C   A 1 12 ? 2.105   21.176  -6.161  1.00 124.21 ? 12 C   A C2    1 
ATOM   254  O  O2    . C   A 1 12 ? 3.210   20.853  -6.644  1.00 123.35 ? 12 C   A O2    1 
ATOM   255  N  N3    . C   A 1 12 ? 0.967   20.515  -6.480  1.00 121.99 ? 12 C   A N3    1 
ATOM   256  C  C4    . C   A 1 12 ? -0.197  20.887  -5.938  1.00 121.12 ? 12 C   A C4    1 
ATOM   257  N  N4    . C   A 1 12 ? -1.293  20.212  -6.289  1.00 119.74 ? 12 C   A N4    1 
ATOM   258  C  C5    . C   A 1 12 ? -0.288  21.968  -5.013  1.00 121.53 ? 12 C   A C5    1 
ATOM   259  C  C6    . C   A 1 12 ? 0.844   22.616  -4.702  1.00 123.60 ? 12 C   A C6    1 
ATOM   260  P  P     . G   A 1 13 ? 2.571   26.991  -7.340  1.00 141.44 ? 13 G   A P     1 
ATOM   261  O  OP1   . G   A 1 13 ? 3.243   28.261  -7.715  1.00 143.53 ? 13 G   A OP1   1 
ATOM   262  O  OP2   . G   A 1 13 ? 1.087   26.950  -7.212  1.00 141.07 ? 13 G   A OP2   1 
ATOM   263  O  "O5'" . G   A 1 13 ? 3.003   25.881  -8.395  1.00 136.14 ? 13 G   A "O5'" 1 
ATOM   264  C  "C5'" . G   A 1 13 ? 4.354   25.772  -8.825  1.00 129.18 ? 13 G   A "C5'" 1 
ATOM   265  C  "C4'" . G   A 1 13 ? 4.479   24.696  -9.870  1.00 126.17 ? 13 G   A "C4'" 1 
ATOM   266  O  "O4'" . G   A 1 13 ? 4.050   23.435  -9.291  1.00 123.77 ? 13 G   A "O4'" 1 
ATOM   267  C  "C3'" . G   A 1 13 ? 3.555   24.862  -11.068 1.00 125.26 ? 13 G   A "C3'" 1 
ATOM   268  O  "O3'" . G   A 1 13 ? 3.938   25.815  -12.054 1.00 127.19 ? 13 G   A "O3'" 1 
ATOM   269  C  "C2'" . G   A 1 13 ? 3.442   23.439  -11.593 1.00 122.95 ? 13 G   A "C2'" 1 
ATOM   270  O  "O2'" . G   A 1 13 ? 4.550   23.032  -12.369 1.00 123.66 ? 13 G   A "O2'" 1 
ATOM   271  C  "C1'" . G   A 1 13 ? 3.412   22.648  -10.287 1.00 119.54 ? 13 G   A "C1'" 1 
ATOM   272  N  N9    . G   A 1 13 ? 2.045   22.331  -9.875  1.00 113.97 ? 13 G   A N9    1 
ATOM   273  C  C8    . G   A 1 13 ? 1.239   22.994  -8.973  1.00 112.08 ? 13 G   A C8    1 
ATOM   274  N  N7    . G   A 1 13 ? 0.052   22.454  -8.854  1.00 109.81 ? 13 G   A N7    1 
ATOM   275  C  C5    . G   A 1 13 ? 0.079   21.370  -9.725  1.00 108.90 ? 13 G   A C5    1 
ATOM   276  C  C6    . G   A 1 13 ? -0.920  20.406  -10.037 1.00 107.04 ? 13 G   A C6    1 
ATOM   277  O  O6    . G   A 1 13 ? -2.074  20.314  -9.585  1.00 106.42 ? 13 G   A O6    1 
ATOM   278  N  N1    . G   A 1 13 ? -0.465  19.485  -10.985 1.00 105.91 ? 13 G   A N1    1 
ATOM   279  C  C2    . G   A 1 13 ? 0.791   19.488  -11.561 1.00 105.98 ? 13 G   A C2    1 
ATOM   280  N  N2    . G   A 1 13 ? 1.053   18.522  -12.465 1.00 103.06 ? 13 G   A N2    1 
ATOM   281  N  N3    . G   A 1 13 ? 1.723   20.377  -11.275 1.00 107.75 ? 13 G   A N3    1 
ATOM   282  C  C4    . G   A 1 13 ? 1.304   21.281  -10.360 1.00 110.16 ? 13 G   A C4    1 
ATOM   283  O  "O5'" . C   B 2 1  ? -4.619  12.115  -13.052 1.00 115.12 ? 2  C   B "O5'" 1 
ATOM   284  C  "C5'" . C   B 2 1  ? -4.101  11.721  -14.322 1.00 118.21 ? 2  C   B "C5'" 1 
ATOM   285  C  "C4'" . C   B 2 1  ? -2.848  12.478  -14.701 1.00 122.11 ? 2  C   B "C4'" 1 
ATOM   286  O  "O4'" . C   B 2 1  ? -3.160  13.895  -14.832 1.00 123.28 ? 2  C   B "O4'" 1 
ATOM   287  C  "C3'" . C   B 2 1  ? -1.744  12.475  -13.658 1.00 125.16 ? 2  C   B "C3'" 1 
ATOM   288  O  "O3'" . C   B 2 1  ? -1.021  11.261  -13.568 1.00 130.64 ? 2  C   B "O3'" 1 
ATOM   289  C  "C2'" . C   B 2 1  ? -0.934  13.714  -14.023 1.00 121.69 ? 2  C   B "C2'" 1 
ATOM   290  O  "O2'" . C   B 2 1  ? -0.081  13.560  -15.145 1.00 119.16 ? 2  C   B "O2'" 1 
ATOM   291  C  "C1'" . C   B 2 1  ? -2.059  14.681  -14.378 1.00 118.87 ? 2  C   B "C1'" 1 
ATOM   292  N  N1    . C   B 2 1  ? -2.484  15.466  -13.201 1.00 114.54 ? 2  C   B N1    1 
ATOM   293  C  C2    . C   B 2 1  ? -1.659  16.507  -12.756 1.00 112.68 ? 2  C   B C2    1 
ATOM   294  O  O2    . C   B 2 1  ? -0.578  16.708  -13.342 1.00 111.34 ? 2  C   B O2    1 
ATOM   295  N  N3    . C   B 2 1  ? -2.055  17.261  -11.696 1.00 111.87 ? 2  C   B N3    1 
ATOM   296  C  C4    . C   B 2 1  ? -3.218  17.002  -11.088 1.00 112.07 ? 2  C   B C4    1 
ATOM   297  N  N4    . C   B 2 1  ? -3.583  17.787  -10.063 1.00 110.95 ? 2  C   B N4    1 
ATOM   298  C  C5    . C   B 2 1  ? -4.064  15.931  -11.505 1.00 112.15 ? 2  C   B C5    1 
ATOM   299  C  C6    . C   B 2 1  ? -3.663  15.197  -12.555 1.00 113.09 ? 2  C   B C6    1 
ATOM   300  P  P     . G   B 2 2  ? -0.695  10.657  -12.111 1.00 133.06 ? 3  G   B P     1 
ATOM   301  O  OP1   . G   B 2 2  ? -0.419  9.209   -12.285 1.00 134.99 ? 3  G   B OP1   1 
ATOM   302  O  OP2   . G   B 2 2  ? -1.773  11.092  -11.178 1.00 131.90 ? 3  G   B OP2   1 
ATOM   303  O  "O5'" . G   B 2 2  ? 0.649   11.408  -11.695 1.00 130.72 ? 3  G   B "O5'" 1 
ATOM   304  C  "C5'" . G   B 2 2  ? 1.759   11.425  -12.584 1.00 127.12 ? 3  G   B "C5'" 1 
ATOM   305  C  "C4'" . G   B 2 2  ? 2.665   12.608  -12.315 1.00 125.21 ? 3  G   B "C4'" 1 
ATOM   306  O  "O4'" . G   B 2 2  ? 1.901   13.842  -12.459 1.00 121.07 ? 3  G   B "O4'" 1 
ATOM   307  C  "C3'" . G   B 2 2  ? 3.211   12.719  -10.898 1.00 126.75 ? 3  G   B "C3'" 1 
ATOM   308  O  "O3'" . G   B 2 2  ? 4.316   11.876  -10.609 1.00 131.55 ? 3  G   B "O3'" 1 
ATOM   309  C  "C2'" . G   B 2 2  ? 3.569   14.195  -10.806 1.00 123.07 ? 3  G   B "C2'" 1 
ATOM   310  O  "O2'" . G   B 2 2  ? 4.776   14.522  -11.471 1.00 124.35 ? 3  G   B "O2'" 1 
ATOM   311  C  "C1'" . G   B 2 2  ? 2.403   14.821  -11.557 1.00 117.34 ? 3  G   B "C1'" 1 
ATOM   312  N  N9    . G   B 2 2  ? 1.363   15.243  -10.624 1.00 110.76 ? 3  G   B N9    1 
ATOM   313  C  C8    . G   B 2 2  ? 0.111   14.710  -10.421 1.00 108.39 ? 3  G   B C8    1 
ATOM   314  N  N7    . G   B 2 2  ? -0.577  15.354  -9.513  1.00 106.51 ? 3  G   B N7    1 
ATOM   315  C  C5    . G   B 2 2  ? 0.275   16.367  -9.094  1.00 107.16 ? 3  G   B C5    1 
ATOM   316  C  C6    . G   B 2 2  ? 0.084   17.403  -8.133  1.00 106.88 ? 3  G   B C6    1 
ATOM   317  O  O6    . G   B 2 2  ? -0.922  17.646  -7.445  1.00 106.35 ? 3  G   B O6    1 
ATOM   318  N  N1    . G   B 2 2  ? 1.219   18.206  -8.015  1.00 106.45 ? 3  G   B N1    1 
ATOM   319  C  C2    . G   B 2 2  ? 2.386   18.040  -8.728  1.00 106.65 ? 3  G   B C2    1 
ATOM   320  N  N2    . G   B 2 2  ? 3.380   18.909  -8.463  1.00 105.81 ? 3  G   B N2    1 
ATOM   321  N  N3    . G   B 2 2  ? 2.568   17.092  -9.632  1.00 106.38 ? 3  G   B N3    1 
ATOM   322  C  C4    . G   B 2 2  ? 1.481   16.302  -9.762  1.00 107.98 ? 3  G   B C4    1 
ATOM   323  P  P     . G   B 2 3  ? 4.595   11.445  -9.080  1.00 132.03 ? 4  G   B P     1 
ATOM   324  O  OP1   . G   B 2 3  ? 5.873   10.688  -9.073  1.00 133.54 ? 4  G   B OP1   1 
ATOM   325  O  OP2   . G   B 2 3  ? 3.364   10.816  -8.540  1.00 132.93 ? 4  G   B OP2   1 
ATOM   326  O  "O5'" . G   B 2 3  ? 4.823   12.828  -8.318  1.00 128.13 ? 4  G   B "O5'" 1 
ATOM   327  C  "C5'" . G   B 2 3  ? 5.959   13.613  -8.634  1.00 124.22 ? 4  G   B "C5'" 1 
ATOM   328  C  "C4'" . G   B 2 3  ? 6.226   14.661  -7.581  1.00 121.15 ? 4  G   B "C4'" 1 
ATOM   329  O  "O4'" . G   B 2 3  ? 5.274   15.754  -7.731  1.00 118.36 ? 4  G   B "O4'" 1 
ATOM   330  C  "C3'" . G   B 2 3  ? 6.024   14.237  -6.132  1.00 121.91 ? 4  G   B "C3'" 1 
ATOM   331  O  "O3'" . G   B 2 3  ? 7.084   13.480  -5.565  1.00 124.77 ? 4  G   B "O3'" 1 
ATOM   332  C  "C2'" . G   B 2 3  ? 5.854   15.579  -5.437  1.00 119.31 ? 4  G   B "C2'" 1 
ATOM   333  O  "O2'" . G   B 2 3  ? 7.086   16.254  -5.271  1.00 119.41 ? 4  G   B "O2'" 1 
ATOM   334  C  "C1'" . G   B 2 3  ? 5.021   16.334  -6.460  1.00 114.63 ? 4  G   B "C1'" 1 
ATOM   335  N  N9    . G   B 2 3  ? 3.605   16.249  -6.125  1.00 108.83 ? 4  G   B N9    1 
ATOM   336  C  C8    . G   B 2 3  ? 2.667   15.348  -6.564  1.00 106.30 ? 4  G   B C8    1 
ATOM   337  N  N7    . G   B 2 3  ? 1.488   15.540  -6.034  1.00 105.68 ? 4  G   B N7    1 
ATOM   338  C  C5    . G   B 2 3  ? 1.661   16.640  -5.203  1.00 105.56 ? 4  G   B C5    1 
ATOM   339  C  C6    . G   B 2 3  ? 0.733   17.323  -4.367  1.00 105.35 ? 4  G   B C6    1 
ATOM   340  O  O6    . G   B 2 3  ? -0.471  17.088  -4.200  1.00 104.59 ? 4  G   B O6    1 
ATOM   341  N  N1    . G   B 2 3  ? 1.338   18.380  -3.685  1.00 105.11 ? 4  G   B N1    1 
ATOM   342  C  C2    . G   B 2 3  ? 2.665   18.738  -3.793  1.00 105.49 ? 4  G   B C2    1 
ATOM   343  N  N2    . G   B 2 3  ? 3.072   19.779  -3.036  1.00 104.84 ? 4  G   B N2    1 
ATOM   344  N  N3    . G   B 2 3  ? 3.531   18.118  -4.581  1.00 105.35 ? 4  G   B N3    1 
ATOM   345  C  C4    . G   B 2 3  ? 2.963   17.087  -5.247  1.00 106.33 ? 4  G   B C4    1 
ATOM   346  P  P     . U   B 2 4  ? 6.930   12.911  -4.064  1.00 124.96 ? 5  U   B P     1 
ATOM   347  O  OP1   . U   B 2 4  ? 7.810   11.726  -3.936  1.00 124.91 ? 5  U   B OP1   1 
ATOM   348  O  OP2   . U   B 2 4  ? 5.485   12.789  -3.722  1.00 123.32 ? 5  U   B OP2   1 
ATOM   349  O  "O5'" . U   B 2 4  ? 7.515   14.080  -3.154  1.00 121.80 ? 5  U   B "O5'" 1 
ATOM   350  C  "C5'" . U   B 2 4  ? 7.310   14.055  -1.756  1.00 116.73 ? 5  U   B "C5'" 1 
ATOM   351  C  "C4'" . U   B 2 4  ? 7.058   15.442  -1.227  1.00 114.46 ? 5  U   B "C4'" 1 
ATOM   352  O  "O4'" . U   B 2 4  ? 6.126   16.148  -2.088  1.00 111.67 ? 5  U   B "O4'" 1 
ATOM   353  C  "C3'" . U   B 2 4  ? 6.366   15.440  0.116   1.00 115.83 ? 5  U   B "C3'" 1 
ATOM   354  O  "O3'" . U   B 2 4  ? 7.242   15.100  1.169   1.00 117.52 ? 5  U   B "O3'" 1 
ATOM   355  C  "C2'" . U   B 2 4  ? 5.715   16.813  0.154   1.00 113.00 ? 5  U   B "C2'" 1 
ATOM   356  O  "O2'" . U   B 2 4  ? 6.609   17.863  0.467   1.00 111.13 ? 5  U   B "O2'" 1 
ATOM   357  C  "C1'" . U   B 2 4  ? 5.245   16.936  -1.296  1.00 109.69 ? 5  U   B "C1'" 1 
ATOM   358  N  N1    . U   B 2 4  ? 3.890   16.387  -1.467  1.00 105.58 ? 5  U   B N1    1 
ATOM   359  C  C2    . U   B 2 4  ? 2.845   16.993  -0.783  1.00 104.07 ? 5  U   B C2    1 
ATOM   360  O  O2    . U   B 2 4  ? 3.001   17.945  -0.030  1.00 103.07 ? 5  U   B O2    1 
ATOM   361  N  N3    . U   B 2 4  ? 1.607   16.439  -1.014  1.00 102.93 ? 5  U   B N3    1 
ATOM   362  C  C4    . U   B 2 4  ? 1.312   15.366  -1.837  1.00 102.43 ? 5  U   B C4    1 
ATOM   363  O  O4    . U   B 2 4  ? 0.136   15.044  -2.012  1.00 102.03 ? 5  U   B O4    1 
ATOM   364  C  C5    . U   B 2 4  ? 2.447   14.786  -2.490  1.00 102.61 ? 5  U   B C5    1 
ATOM   365  C  C6    . U   B 2 4  ? 3.664   15.302  -2.289  1.00 103.57 ? 5  U   B C6    1 
ATOM   366  P  P     . G   B 2 5  ? 6.979   13.739  1.979   1.00 117.29 ? 6  G   B P     1 
ATOM   367  O  OP1   . G   B 2 5  ? 8.273   13.336  2.579   1.00 119.36 ? 6  G   B OP1   1 
ATOM   368  O  OP2   . G   B 2 5  ? 6.251   12.796  1.087   1.00 118.33 ? 6  G   B OP2   1 
ATOM   369  O  "O5'" . G   B 2 5  ? 5.978   14.192  3.129   1.00 112.59 ? 6  G   B "O5'" 1 
ATOM   370  C  "C5'" . G   B 2 5  ? 6.298   15.321  3.917   1.00 106.34 ? 6  G   B "C5'" 1 
ATOM   371  C  "C4'" . G   B 2 5  ? 5.055   16.030  4.391   1.00 102.57 ? 6  G   B "C4'" 1 
ATOM   372  O  "O4'" . G   B 2 5  ? 4.236   16.430  3.252   1.00 99.90  ? 6  G   B "O4'" 1 
ATOM   373  C  "C3'" . G   B 2 5  ? 4.107   15.148  5.176   1.00 101.87 ? 6  G   B "C3'" 1 
ATOM   374  O  "O3'" . G   B 2 5  ? 4.565   14.932  6.501   1.00 104.41 ? 6  G   B "O3'" 1 
ATOM   375  C  "C2'" . G   B 2 5  ? 2.783   15.898  5.056   1.00 98.55  ? 6  G   B "C2'" 1 
ATOM   376  O  "O2'" . G   B 2 5  ? 2.656   17.016  5.915   1.00 97.07  ? 6  G   B "O2'" 1 
ATOM   377  C  "C1'" . G   B 2 5  ? 2.862   16.407  3.623   1.00 95.80  ? 6  G   B "C1'" 1 
ATOM   378  N  N9    . G   B 2 5  ? 2.094   15.569  2.710   1.00 92.51  ? 6  G   B N9    1 
ATOM   379  C  C8    . G   B 2 5  ? 2.559   14.684  1.766   1.00 92.36  ? 6  G   B C8    1 
ATOM   380  N  N7    . G   B 2 5  ? 1.600   14.067  1.127   1.00 92.28  ? 6  G   B N7    1 
ATOM   381  C  C5    . G   B 2 5  ? 0.431   14.581  1.680   1.00 91.24  ? 6  G   B C5    1 
ATOM   382  C  C6    . G   B 2 5  ? -0.929  14.286  1.397   1.00 90.96  ? 6  G   B C6    1 
ATOM   383  O  O6    . G   B 2 5  ? -1.388  13.482  0.578   1.00 92.38  ? 6  G   B O6    1 
ATOM   384  N  N1    . G   B 2 5  ? -1.791  15.036  2.193   1.00 89.31  ? 6  G   B N1    1 
ATOM   385  C  C2    . G   B 2 5  ? -1.401  15.943  3.143   1.00 88.86  ? 6  G   B C2    1 
ATOM   386  N  N2    . G   B 2 5  ? -2.388  16.553  3.815   1.00 88.52  ? 6  G   B N2    1 
ATOM   387  N  N3    . G   B 2 5  ? -0.137  16.228  3.416   1.00 89.65  ? 6  G   B N3    1 
ATOM   388  C  C4    . G   B 2 5  ? 0.721   15.512  2.652   1.00 90.73  ? 6  G   B C4    1 
ATOM   389  P  P     . A   B 2 6  ? 4.261   13.527  7.218   1.00 102.05 ? 7  A   B P     1 
ATOM   390  O  OP1   . A   B 2 6  ? 5.054   13.456  8.471   1.00 104.10 ? 7  A   B OP1   1 
ATOM   391  O  OP2   . A   B 2 6  ? 4.404   12.457  6.191   1.00 100.43 ? 7  A   B OP2   1 
ATOM   392  O  "O5'" . A   B 2 6  ? 2.735   13.689  7.637   1.00 101.37 ? 7  A   B "O5'" 1 
ATOM   393  C  "C5'" . A   B 2 6  ? 2.315   14.861  8.335   1.00 97.91  ? 7  A   B "C5'" 1 
ATOM   394  C  "C4'" . A   B 2 6  ? 0.819   15.007  8.264   1.00 95.17  ? 7  A   B "C4'" 1 
ATOM   395  O  "O4'" . A   B 2 6  ? 0.422   15.260  6.895   1.00 93.68  ? 7  A   B "O4'" 1 
ATOM   396  C  "C3'" . A   B 2 6  ? 0.051   13.760  8.641   1.00 93.11  ? 7  A   B "C3'" 1 
ATOM   397  O  "O3'" . A   B 2 6  ? -0.090  13.653  10.041  1.00 93.64  ? 7  A   B "O3'" 1 
ATOM   398  C  "C2'" . A   B 2 6  ? -1.276  13.971  7.935   1.00 91.55  ? 7  A   B "C2'" 1 
ATOM   399  O  "O2'" . A   B 2 6  ? -2.128  14.863  8.623   1.00 92.86  ? 7  A   B "O2'" 1 
ATOM   400  C  "C1'" . A   B 2 6  ? -0.809  14.612  6.635   1.00 90.64  ? 7  A   B "C1'" 1 
ATOM   401  N  N9    . A   B 2 6  ? -0.585  13.617  5.590   1.00 89.55  ? 7  A   B N9    1 
ATOM   402  C  C8    . A   B 2 6  ? 0.601   13.094  5.130   1.00 88.68  ? 7  A   B C8    1 
ATOM   403  N  N7    . A   B 2 6  ? 0.454   12.254  4.134   1.00 87.86  ? 7  A   B N7    1 
ATOM   404  C  C5    . A   B 2 6  ? -0.920  12.214  3.934   1.00 87.62  ? 7  A   B C5    1 
ATOM   405  C  C6    . A   B 2 6  ? -1.724  11.531  3.010   1.00 86.75  ? 7  A   B C6    1 
ATOM   406  N  N6    . A   B 2 6  ? -1.237  10.733  2.055   1.00 86.01  ? 7  A   B N6    1 
ATOM   407  N  N1    . A   B 2 6  ? -3.064  11.706  3.093   1.00 86.00  ? 7  A   B N1    1 
ATOM   408  C  C2    . A   B 2 6  ? -3.551  12.522  4.039   1.00 85.87  ? 7  A   B C2    1 
ATOM   409  N  N3    . A   B 2 6  ? -2.899  13.229  4.952   1.00 86.98  ? 7  A   B N3    1 
ATOM   410  C  C4    . A   B 2 6  ? -1.572  13.031  4.841   1.00 88.01  ? 7  A   B C4    1 
ATOM   411  P  P     . G   B 2 7  ? 0.006   12.210  10.726  1.00 93.52  ? 8  G   B P     1 
ATOM   412  O  OP1   . G   B 2 7  ? -0.218  12.380  12.179  1.00 95.13  ? 8  G   B OP1   1 
ATOM   413  O  OP2   . G   B 2 7  ? 1.247   11.553  10.235  1.00 90.90  ? 8  G   B OP2   1 
ATOM   414  O  "O5'" . G   B 2 7  ? -1.256  11.436  10.144  1.00 94.90  ? 8  G   B "O5'" 1 
ATOM   415  C  "C5'" . G   B 2 7  ? -2.573  11.782  10.569  1.00 92.38  ? 8  G   B "C5'" 1 
ATOM   416  C  "C4'" . G   B 2 7  ? -3.594  11.078  9.716   1.00 89.02  ? 8  G   B "C4'" 1 
ATOM   417  O  "O4'" . G   B 2 7  ? -3.325  11.398  8.327   1.00 88.04  ? 8  G   B "O4'" 1 
ATOM   418  C  "C3'" . G   B 2 7  ? -3.581  9.558   9.766   1.00 87.69  ? 8  G   B "C3'" 1 
ATOM   419  O  "O3'" . G   B 2 7  ? -4.374  9.086   10.855  1.00 88.90  ? 8  G   B "O3'" 1 
ATOM   420  C  "C2'" . G   B 2 7  ? -4.202  9.199   8.427   1.00 86.44  ? 8  G   B "C2'" 1 
ATOM   421  O  "O2'" . G   B 2 7  ? -5.604  9.371   8.457   1.00 88.17  ? 8  G   B "O2'" 1 
ATOM   422  C  "C1'" . G   B 2 7  ? -3.594  10.270  7.519   1.00 83.29  ? 8  G   B "C1'" 1 
ATOM   423  N  N9    . G   B 2 7  ? -2.349  9.866   6.877   1.00 77.82  ? 8  G   B N9    1 
ATOM   424  C  C8    . G   B 2 7  ? -1.067  10.111  7.305   1.00 76.85  ? 8  G   B C8    1 
ATOM   425  N  N7    . G   B 2 7  ? -0.158  9.645   6.492   1.00 76.02  ? 8  G   B N7    1 
ATOM   426  C  C5    . G   B 2 7  ? -0.886  9.048   5.472   1.00 74.93  ? 8  G   B C5    1 
ATOM   427  C  C6    . G   B 2 7  ? -0.450  8.376   4.295   1.00 73.43  ? 8  G   B C6    1 
ATOM   428  O  O6    . G   B 2 7  ? 0.705   8.173   3.906   1.00 71.27  ? 8  G   B O6    1 
ATOM   429  N  N1    . G   B 2 7  ? -1.524  7.928   3.535   1.00 73.53  ? 8  G   B N1    1 
ATOM   430  C  C2    . G   B 2 7  ? -2.847  8.108   3.853   1.00 76.05  ? 8  G   B C2    1 
ATOM   431  N  N2    . G   B 2 7  ? -3.741  7.612   2.977   1.00 76.55  ? 8  G   B N2    1 
ATOM   432  N  N3    . G   B 2 7  ? -3.267  8.730   4.944   1.00 76.80  ? 8  G   B N3    1 
ATOM   433  C  C4    . G   B 2 7  ? -2.239  9.172   5.700   1.00 76.69  ? 8  G   B C4    1 
ATOM   434  P  P     . A   B 2 8  ? -4.661  7.508   11.013  1.00 86.28  ? 9  A   B P     1 
ATOM   435  O  OP1   . A   B 2 8  ? -4.895  7.195   12.446  1.00 87.54  ? 9  A   B OP1   1 
ATOM   436  O  OP2   . A   B 2 8  ? -3.599  6.779   10.265  1.00 86.83  ? 9  A   B OP2   1 
ATOM   437  O  "O5'" . A   B 2 8  ? -6.045  7.306   10.250  1.00 85.00  ? 9  A   B "O5'" 1 
ATOM   438  C  "C5'" . A   B 2 8  ? -7.249  7.893   10.738  1.00 76.93  ? 9  A   B "C5'" 1 
ATOM   439  C  "C4'" . A   B 2 8  ? -8.436  7.295   10.026  1.00 75.10  ? 9  A   B "C4'" 1 
ATOM   440  O  "O4'" . A   B 2 8  ? -8.418  7.691   8.632   1.00 75.77  ? 9  A   B "O4'" 1 
ATOM   441  C  "C3'" . A   B 2 8  ? -8.490  5.776   10.000  1.00 73.93  ? 9  A   B "C3'" 1 
ATOM   442  O  "O3'" . A   B 2 8  ? -9.134  5.322   11.183  1.00 73.30  ? 9  A   B "O3'" 1 
ATOM   443  C  "C2'" . A   B 2 8  ? -9.341  5.508   8.761   1.00 74.82  ? 9  A   B "C2'" 1 
ATOM   444  O  "O2'" . A   B 2 8  ? -10.729 5.652   8.977   1.00 76.82  ? 9  A   B "O2'" 1 
ATOM   445  C  "C1'" . A   B 2 8  ? -8.874  6.623   7.823   1.00 73.47  ? 9  A   B "C1'" 1 
ATOM   446  N  N9    . A   B 2 8  ? -7.770  6.235   6.947   1.00 71.85  ? 9  A   B N9    1 
ATOM   447  C  C8    . A   B 2 8  ? -6.450  6.589   7.079   1.00 70.99  ? 9  A   B C8    1 
ATOM   448  N  N7    . A   B 2 8  ? -5.678  6.119   6.133   1.00 69.38  ? 9  A   B N7    1 
ATOM   449  C  C5    . A   B 2 8  ? -6.547  5.404   5.321   1.00 69.19  ? 9  A   B C5    1 
ATOM   450  C  C6    . A   B 2 8  ? -6.346  4.675   4.142   1.00 68.34  ? 9  A   B C6    1 
ATOM   451  N  N6    . A   B 2 8  ? -5.160  4.544   3.548   1.00 71.08  ? 9  A   B N6    1 
ATOM   452  N  N1    . A   B 2 8  ? -7.418  4.078   3.581   1.00 66.38  ? 9  A   B N1    1 
ATOM   453  C  C2    . A   B 2 8  ? -8.607  4.212   4.175   1.00 67.34  ? 9  A   B C2    1 
ATOM   454  N  N3    . A   B 2 8  ? -8.926  4.873   5.285   1.00 69.06  ? 9  A   B N3    1 
ATOM   455  C  C4    . A   B 2 8  ? -7.838  5.457   5.816   1.00 69.97  ? 9  A   B C4    1 
ATOM   456  P  P     . A   B 2 9  ? -8.677  3.946   11.876  1.00 74.85  ? 10 A   B P     1 
ATOM   457  O  OP1   . A   B 2 9  ? -9.577  3.754   13.041  1.00 78.91  ? 10 A   B OP1   1 
ATOM   458  O  OP2   . A   B 2 9  ? -7.208  3.955   12.073  1.00 77.26  ? 10 A   B OP2   1 
ATOM   459  O  "O5'" . A   B 2 9  ? -9.020  2.826   10.802  1.00 76.81  ? 10 A   B "O5'" 1 
ATOM   460  C  "C5'" . A   B 2 9  ? -10.370 2.484   10.514  1.00 72.03  ? 10 A   B "C5'" 1 
ATOM   461  C  "C4'" . A   B 2 9  ? -10.425 1.546   9.336   1.00 67.99  ? 10 A   B "C4'" 1 
ATOM   462  O  "O4'" . A   B 2 9  ? -10.031 2.253   8.133   1.00 66.48  ? 10 A   B "O4'" 1 
ATOM   463  C  "C3'" . A   B 2 9  ? -9.472  0.372   9.404   1.00 66.14  ? 10 A   B "C3'" 1 
ATOM   464  O  "O3'" . A   B 2 9  ? -10.016 -0.693  10.161  1.00 67.66  ? 10 A   B "O3'" 1 
ATOM   465  C  "C2'" . A   B 2 9  ? -9.318  0.006   7.940   1.00 65.78  ? 10 A   B "C2'" 1 
ATOM   466  O  "O2'" . A   B 2 9  ? -10.429 -0.700  7.448   1.00 68.95  ? 10 A   B "O2'" 1 
ATOM   467  C  "C1'" . A   B 2 9  ? -9.297  1.385   7.293   1.00 64.33  ? 10 A   B "C1'" 1 
ATOM   468  N  N9    . A   B 2 9  ? -7.929  1.883   7.204   1.00 64.88  ? 10 A   B N9    1 
ATOM   469  C  C8    . A   B 2 9  ? -7.274  2.756   8.031   1.00 63.75  ? 10 A   B C8    1 
ATOM   470  N  N7    . A   B 2 9  ? -6.040  3.001   7.667   1.00 64.20  ? 10 A   B N7    1 
ATOM   471  C  C5    . A   B 2 9  ? -5.875  2.237   6.521   1.00 62.40  ? 10 A   B C5    1 
ATOM   472  C  C6    . A   B 2 9  ? -4.794  2.064   5.651   1.00 61.93  ? 10 A   B C6    1 
ATOM   473  N  N6    . A   B 2 9  ? -3.624  2.686   5.788   1.00 63.33  ? 10 A   B N6    1 
ATOM   474  N  N1    . A   B 2 9  ? -4.956  1.223   4.611   1.00 61.50  ? 10 A   B N1    1 
ATOM   475  C  C2    . A   B 2 9  ? -6.135  0.608   4.464   1.00 62.25  ? 10 A   B C2    1 
ATOM   476  N  N3    . A   B 2 9  ? -7.227  0.695   5.208   1.00 62.74  ? 10 A   B N3    1 
ATOM   477  C  C4    . A   B 2 9  ? -7.027  1.538   6.232   1.00 64.45  ? 10 A   B C4    1 
ATOM   478  P  P     . G   B 2 10 ? -9.049  -1.575  11.084  1.00 68.38  ? 11 G   B P     1 
ATOM   479  O  OP1   . G   B 2 10 ? -9.862  -2.571  11.826  1.00 67.55  ? 11 G   B OP1   1 
ATOM   480  O  OP2   . G   B 2 10 ? -8.224  -0.594  11.834  1.00 70.50  ? 11 G   B OP2   1 
ATOM   481  O  "O5'" . G   B 2 10 ? -8.135  -2.359  10.039  1.00 67.91  ? 11 G   B "O5'" 1 
ATOM   482  C  "C5'" . G   B 2 10 ? -8.722  -3.250  9.092   1.00 64.43  ? 11 G   B "C5'" 1 
ATOM   483  C  "C4'" . G   B 2 10 ? -7.692  -3.743  8.103   1.00 62.11  ? 11 G   B "C4'" 1 
ATOM   484  O  "O4'" . G   B 2 10 ? -7.246  -2.643  7.267   1.00 60.63  ? 11 G   B "O4'" 1 
ATOM   485  C  "C3'" . G   B 2 10 ? -6.415  -4.280  8.703   1.00 63.77  ? 11 G   B "C3'" 1 
ATOM   486  O  "O3'" . G   B 2 10 ? -6.547  -5.616  9.135   1.00 67.65  ? 11 G   B "O3'" 1 
ATOM   487  C  "C2'" . G   B 2 10 ? -5.429  -4.126  7.556   1.00 63.55  ? 11 G   B "C2'" 1 
ATOM   488  O  "O2'" . G   B 2 10 ? -5.579  -5.133  6.575   1.00 66.20  ? 11 G   B "O2'" 1 
ATOM   489  C  "C1'" . G   B 2 10 ? -5.866  -2.788  6.974   1.00 59.42  ? 11 G   B "C1'" 1 
ATOM   490  N  N9    . G   B 2 10 ? -5.156  -1.665  7.582   1.00 59.01  ? 11 G   B N9    1 
ATOM   491  C  C8    . G   B 2 10 ? -5.610  -0.858  8.595   1.00 58.92  ? 11 G   B C8    1 
ATOM   492  N  N7    . G   B 2 10 ? -4.753  0.064   8.941   1.00 60.17  ? 11 G   B N7    1 
ATOM   493  C  C5    . G   B 2 10 ? -3.664  -0.146  8.107   1.00 58.45  ? 11 G   B C5    1 
ATOM   494  C  C6    . G   B 2 10 ? -2.429  0.543   8.021   1.00 58.10  ? 11 G   B C6    1 
ATOM   495  O  O6    . G   B 2 10 ? -2.024  1.487   8.711   1.00 58.33  ? 11 G   B O6    1 
ATOM   496  N  N1    . G   B 2 10 ? -1.623  0.018   7.021   1.00 56.59  ? 11 G   B N1    1 
ATOM   497  C  C2    . G   B 2 10 ? -1.950  -1.049  6.222   1.00 55.83  ? 11 G   B C2    1 
ATOM   498  N  N2    . G   B 2 10 ? -1.035  -1.407  5.316   1.00 53.21  ? 11 G   B N2    1 
ATOM   499  N  N3    . G   B 2 10 ? -3.089  -1.713  6.305   1.00 56.09  ? 11 G   B N3    1 
ATOM   500  C  C4    . G   B 2 10 ? -3.897  -1.209  7.258   1.00 57.68  ? 11 G   B C4    1 
ATOM   501  P  P     . G   B 2 11 ? -5.556  -6.166  10.267  1.00 67.35  ? 12 G   B P     1 
ATOM   502  O  OP1   . G   B 2 11 ? -5.972  -7.549  10.596  1.00 68.84  ? 12 G   B OP1   1 
ATOM   503  O  OP2   . G   B 2 11 ? -5.510  -5.133  11.335  1.00 67.91  ? 12 G   B OP2   1 
ATOM   504  O  "O5'" . G   B 2 11 ? -4.145  -6.264  9.530   1.00 69.46  ? 12 G   B "O5'" 1 
ATOM   505  C  "C5'" . G   B 2 11 ? -3.926  -7.299  8.582   1.00 67.11  ? 12 G   B "C5'" 1 
ATOM   506  C  "C4'" . G   B 2 11 ? -2.584  -7.167  7.903   1.00 66.35  ? 12 G   B "C4'" 1 
ATOM   507  O  "O4'" . G   B 2 11 ? -2.493  -5.867  7.270   1.00 63.55  ? 12 G   B "O4'" 1 
ATOM   508  C  "C3'" . G   B 2 11 ? -1.343  -7.237  8.779   1.00 67.99  ? 12 G   B "C3'" 1 
ATOM   509  O  "O3'" . G   B 2 11 ? -0.981  -8.582  9.066   1.00 70.92  ? 12 G   B "O3'" 1 
ATOM   510  C  "C2'" . G   B 2 11 ? -0.319  -6.536  7.901   1.00 65.38  ? 12 G   B "C2'" 1 
ATOM   511  O  "O2'" . G   B 2 11 ? 0.087   -7.358  6.825   1.00 65.32  ? 12 G   B "O2'" 1 
ATOM   512  C  "C1'" . G   B 2 11 ? -1.158  -5.402  7.330   1.00 60.86  ? 12 G   B "C1'" 1 
ATOM   513  N  N9    . G   B 2 11 ? -1.109  -4.248  8.214   1.00 59.80  ? 12 G   B N9    1 
ATOM   514  C  C8    . G   B 2 11 ? -2.076  -3.822  9.090   1.00 59.82  ? 12 G   B C8    1 
ATOM   515  N  N7    . G   B 2 11 ? -1.726  -2.759  9.762   1.00 61.06  ? 12 G   B N7    1 
ATOM   516  C  C5    . G   B 2 11 ? -0.451  -2.464  9.294   1.00 60.09  ? 12 G   B C5    1 
ATOM   517  C  C6    . G   B 2 11 ? 0.440   -1.423  9.649   1.00 60.12  ? 12 G   B C6    1 
ATOM   518  O  O6    . G   B 2 11 ? 0.275   -0.513  10.473  1.00 60.49  ? 12 G   B O6    1 
ATOM   519  N  N1    . G   B 2 11 ? 1.630   -1.506  8.933   1.00 58.59  ? 12 G   B N1    1 
ATOM   520  C  C2    . G   B 2 11 ? 1.925   -2.466  8.003   1.00 58.05  ? 12 G   B C2    1 
ATOM   521  N  N2    . G   B 2 11 ? 3.131   -2.389  7.433   1.00 58.43  ? 12 G   B N2    1 
ATOM   522  N  N3    . G   B 2 11 ? 1.100   -3.436  7.659   1.00 59.09  ? 12 G   B N3    1 
ATOM   523  C  C4    . G   B 2 11 ? -0.060  -3.376  8.340   1.00 59.07  ? 12 G   B C4    1 
ATOM   524  P  P     . G   B 2 12 ? -0.220  -8.933  10.437  1.00 69.21  ? 13 G   B P     1 
ATOM   525  O  OP1   . G   B 2 12 ? 0.016   -10.397 10.416  1.00 73.38  ? 13 G   B OP1   1 
ATOM   526  O  OP2   . G   B 2 12 ? -0.939  -8.312  11.591  1.00 68.70  ? 13 G   B OP2   1 
ATOM   527  O  "O5'" . G   B 2 12 ? 1.195   -8.235  10.261  1.00 68.63  ? 13 G   B "O5'" 1 
ATOM   528  C  "C5'" . G   B 2 12 ? 2.026   -8.605  9.175   1.00 66.09  ? 13 G   B "C5'" 1 
ATOM   529  C  "C4'" . G   B 2 12 ? 3.257   -7.745  9.132   1.00 65.53  ? 13 G   B "C4'" 1 
ATOM   530  O  "O4'" . G   B 2 12 ? 2.869   -6.365  8.922   1.00 61.26  ? 13 G   B "O4'" 1 
ATOM   531  C  "C3'" . G   B 2 12 ? 4.047   -7.707  10.426  1.00 68.59  ? 13 G   B "C3'" 1 
ATOM   532  O  "O3'" . G   B 2 12 ? 4.894   -8.855  10.508  1.00 77.22  ? 13 G   B "O3'" 1 
ATOM   533  C  "C2'" . G   B 2 12 ? 4.809   -6.394  10.277  1.00 65.41  ? 13 G   B "C2'" 1 
ATOM   534  O  "O2'" . G   B 2 12 ? 5.889   -6.492  9.378   1.00 69.12  ? 13 G   B "O2'" 1 
ATOM   535  C  "C1'" . G   B 2 12 ? 3.768   -5.512  9.603   1.00 60.92  ? 13 G   B "C1'" 1 
ATOM   536  N  N9    . G   B 2 12 ? 3.040   -4.662  10.539  1.00 59.42  ? 13 G   B N9    1 
ATOM   537  C  C8    . G   B 2 12 ? 1.764   -4.824  11.028  1.00 58.31  ? 13 G   B C8    1 
ATOM   538  N  N7    . G   B 2 12 ? 1.408   -3.876  11.856  1.00 56.02  ? 13 G   B N7    1 
ATOM   539  C  C5    . G   B 2 12 ? 2.517   -3.041  11.915  1.00 55.44  ? 13 G   B C5    1 
ATOM   540  C  C6    . G   B 2 12 ? 2.731   -1.838  12.648  1.00 56.89  ? 13 G   B C6    1 
ATOM   541  O  O6    . G   B 2 12 ? 1.954   -1.244  13.406  1.00 59.19  ? 13 G   B O6    1 
ATOM   542  N  N1    . G   B 2 12 ? 4.000   -1.318  12.420  1.00 56.25  ? 13 G   B N1    1 
ATOM   543  C  C2    . G   B 2 12 ? 4.939   -1.871  11.589  1.00 57.62  ? 13 G   B C2    1 
ATOM   544  N  N2    . G   B 2 12 ? 6.098   -1.204  11.493  1.00 58.99  ? 13 G   B N2    1 
ATOM   545  N  N3    . G   B 2 12 ? 4.756   -2.988  10.899  1.00 56.88  ? 13 G   B N3    1 
ATOM   546  C  C4    . G   B 2 12 ? 3.532   -3.513  11.112  1.00 55.94  ? 13 G   B C4    1 
ATOM   547  P  P     . G   C 3 1  ? 14.385  -7.979  11.261  1.00 82.35  ? 15 G   C P     1 
ATOM   548  O  OP1   . G   C 3 1  ? 14.789  -9.190  10.501  1.00 84.69  ? 15 G   C OP1   1 
ATOM   549  O  OP2   . G   C 3 1  ? 13.099  -7.301  10.936  1.00 82.88  ? 15 G   C OP2   1 
ATOM   550  O  "O5'" . G   C 3 1  ? 15.557  -6.918  11.130  1.00 84.25  ? 15 G   C "O5'" 1 
ATOM   551  C  "C5'" . G   C 3 1  ? 15.823  -6.015  12.192  1.00 79.59  ? 15 G   C "C5'" 1 
ATOM   552  C  "C4'" . G   C 3 1  ? 17.053  -5.214  11.888  1.00 75.64  ? 15 G   C "C4'" 1 
ATOM   553  O  "O4'" . G   C 3 1  ? 18.229  -6.028  12.106  1.00 77.23  ? 15 G   C "O4'" 1 
ATOM   554  C  "C3'" . G   C 3 1  ? 17.169  -4.746  10.451  1.00 73.17  ? 15 G   C "C3'" 1 
ATOM   555  O  "O3'" . G   C 3 1  ? 16.437  -3.542  10.282  1.00 71.86  ? 15 G   C "O3'" 1 
ATOM   556  C  "C2'" . G   C 3 1  ? 18.668  -4.536  10.321  1.00 72.58  ? 15 G   C "C2'" 1 
ATOM   557  O  "O2'" . G   C 3 1  ? 19.059  -3.332  10.943  1.00 71.16  ? 15 G   C "O2'" 1 
ATOM   558  C  "C1'" . G   C 3 1  ? 19.209  -5.708  11.140  1.00 72.81  ? 15 G   C "C1'" 1 
ATOM   559  N  N9    . G   C 3 1  ? 19.459  -6.913  10.355  1.00 71.90  ? 15 G   C N9    1 
ATOM   560  C  C8    . G   C 3 1  ? 18.706  -8.060  10.350  1.00 71.52  ? 15 G   C C8    1 
ATOM   561  N  N7    . G   C 3 1  ? 19.181  -8.980  9.557   1.00 72.09  ? 15 G   C N7    1 
ATOM   562  C  C5    . G   C 3 1  ? 20.318  -8.405  9.004   1.00 72.00  ? 15 G   C C5    1 
ATOM   563  C  C6    . G   C 3 1  ? 21.251  -8.923  8.075   1.00 70.67  ? 15 G   C C6    1 
ATOM   564  O  O6    . G   C 3 1  ? 21.271  -10.035 7.547   1.00 71.02  ? 15 G   C O6    1 
ATOM   565  N  N1    . G   C 3 1  ? 22.243  -7.998  7.775   1.00 69.90  ? 15 G   C N1    1 
ATOM   566  C  C2    . G   C 3 1  ? 22.332  -6.737  8.303   1.00 70.37  ? 15 G   C C2    1 
ATOM   567  N  N2    . G   C 3 1  ? 23.351  -5.984  7.876   1.00 71.71  ? 15 G   C N2    1 
ATOM   568  N  N3    . G   C 3 1  ? 21.480  -6.245  9.181   1.00 72.24  ? 15 G   C N3    1 
ATOM   569  C  C4    . G   C 3 1  ? 20.500  -7.125  9.483   1.00 71.91  ? 15 G   C C4    1 
ATOM   570  P  P     . G   C 3 2  ? 15.761  -3.202  8.863   1.00 70.88  ? 16 G   C P     1 
ATOM   571  O  OP1   . G   C 3 2  ? 14.811  -2.089  9.100   1.00 73.69  ? 16 G   C OP1   1 
ATOM   572  O  OP2   . G   C 3 2  ? 15.288  -4.445  8.200   1.00 68.29  ? 16 G   C OP2   1 
ATOM   573  O  "O5'" . G   C 3 2  ? 16.964  -2.641  7.994   1.00 73.24  ? 16 G   C "O5'" 1 
ATOM   574  C  "C5'" . G   C 3 2  ? 17.646  -1.453  8.370   1.00 72.50  ? 16 G   C "C5'" 1 
ATOM   575  C  "C4'" . G   C 3 2  ? 18.802  -1.228  7.440   1.00 71.38  ? 16 G   C "C4'" 1 
ATOM   576  O  "O4'" . G   C 3 2  ? 19.828  -2.218  7.710   1.00 72.16  ? 16 G   C "O4'" 1 
ATOM   577  C  "C3'" . G   C 3 2  ? 18.470  -1.416  5.973   1.00 71.85  ? 16 G   C "C3'" 1 
ATOM   578  O  "O3'" . G   C 3 2  ? 17.903  -0.238  5.407   1.00 72.28  ? 16 G   C "O3'" 1 
ATOM   579  C  "C2'" . G   C 3 2  ? 19.835  -1.746  5.390   1.00 73.34  ? 16 G   C "C2'" 1 
ATOM   580  O  "O2'" . G   C 3 2  ? 20.620  -0.578  5.261   1.00 76.18  ? 16 G   C "O2'" 1 
ATOM   581  C  "C1'" . G   C 3 2  ? 20.426  -2.628  6.493   1.00 73.83  ? 16 G   C "C1'" 1 
ATOM   582  N  N9    . G   C 3 2  ? 20.145  -4.053  6.319   1.00 76.51  ? 16 G   C N9    1 
ATOM   583  C  C8    . G   C 3 2  ? 19.117  -4.761  6.892   1.00 77.12  ? 16 G   C C8    1 
ATOM   584  N  N7    . G   C 3 2  ? 19.118  -6.027  6.571   1.00 77.47  ? 16 G   C N7    1 
ATOM   585  C  C5    . G   C 3 2  ? 20.214  -6.167  5.733   1.00 78.02  ? 16 G   C C5    1 
ATOM   586  C  C6    . G   C 3 2  ? 20.724  -7.317  5.071   1.00 77.91  ? 16 G   C C6    1 
ATOM   587  O  O6    . G   C 3 2  ? 20.299  -8.477  5.099   1.00 77.67  ? 16 G   C O6    1 
ATOM   588  N  N1    . G   C 3 2  ? 21.850  -7.013  4.316   1.00 78.03  ? 16 G   C N1    1 
ATOM   589  C  C2    . G   C 3 2  ? 22.415  -5.765  4.208   1.00 78.13  ? 16 G   C C2    1 
ATOM   590  N  N2    . G   C 3 2  ? 23.497  -5.673  3.428   1.00 77.52  ? 16 G   C N2    1 
ATOM   591  N  N3    . G   C 3 2  ? 21.954  -4.686  4.820   1.00 78.13  ? 16 G   C N3    1 
ATOM   592  C  C4    . G   C 3 2  ? 20.858  -4.958  5.561   1.00 78.41  ? 16 G   C C4    1 
ATOM   593  P  P     . C   C 3 3  ? 16.947  -0.354  4.114   1.00 71.44  ? 17 C   C P     1 
ATOM   594  O  OP1   . C   C 3 3  ? 16.497  1.008   3.732   1.00 74.74  ? 17 C   C OP1   1 
ATOM   595  O  OP2   . C   C 3 3  ? 15.943  -1.416  4.363   1.00 71.70  ? 17 C   C OP2   1 
ATOM   596  O  "O5'" . C   C 3 3  ? 17.915  -0.867  2.962   1.00 75.48  ? 17 C   C "O5'" 1 
ATOM   597  C  "C5'" . C   C 3 3  ? 18.959  -0.034  2.487   1.00 75.73  ? 17 C   C "C5'" 1 
ATOM   598  C  "C4'" . C   C 3 3  ? 19.802  -0.767  1.478   1.00 75.72  ? 17 C   C "C4'" 1 
ATOM   599  O  "O4'" . C   C 3 3  ? 20.510  -1.844  2.148   1.00 72.38  ? 17 C   C "O4'" 1 
ATOM   600  C  "C3'" . C   C 3 3  ? 19.038  -1.474  0.373   1.00 76.84  ? 17 C   C "C3'" 1 
ATOM   601  O  "O3'" . C   C 3 3  ? 18.658  -0.610  -0.689  1.00 82.29  ? 17 C   C "O3'" 1 
ATOM   602  C  "C2'" . C   C 3 3  ? 20.048  -2.515  -0.073  1.00 75.60  ? 17 C   C "C2'" 1 
ATOM   603  O  "O2'" . C   C 3 3  ? 21.071  -1.913  -0.841  1.00 74.38  ? 17 C   C "O2'" 1 
ATOM   604  C  "C1'" . C   C 3 3  ? 20.635  -2.946  1.268   1.00 72.78  ? 17 C   C "C1'" 1 
ATOM   605  N  N1    . C   C 3 3  ? 19.902  -4.091  1.827   1.00 71.88  ? 17 C   C N1    1 
ATOM   606  C  C2    . C   C 3 3  ? 20.157  -5.364  1.317   1.00 72.63  ? 17 C   C C2    1 
ATOM   607  O  O2    . C   C 3 3  ? 21.005  -5.490  0.423   1.00 75.09  ? 17 C   C O2    1 
ATOM   608  N  N3    . C   C 3 3  ? 19.480  -6.423  1.804   1.00 71.63  ? 17 C   C N3    1 
ATOM   609  C  C4    . C   C 3 3  ? 18.575  -6.248  2.760   1.00 71.23  ? 17 C   C C4    1 
ATOM   610  N  N4    . C   C 3 3  ? 17.925  -7.322  3.202   1.00 71.27  ? 17 C   C N4    1 
ATOM   611  C  C5    . C   C 3 3  ? 18.296  -4.964  3.306   1.00 71.77  ? 17 C   C C5    1 
ATOM   612  C  C6    . C   C 3 3  ? 18.979  -3.921  2.816   1.00 71.24  ? 17 C   C C6    1 
ATOM   613  P  P     . A   C 3 4  ? 17.307  -0.910  -1.512  1.00 81.33  ? 18 A   C P     1 
ATOM   614  O  OP1   . A   C 3 4  ? 17.071  0.241   -2.421  1.00 83.69  ? 18 A   C OP1   1 
ATOM   615  O  OP2   . A   C 3 4  ? 16.251  -1.318  -0.551  1.00 84.39  ? 18 A   C OP2   1 
ATOM   616  O  "O5'" . A   C 3 4  ? 17.663  -2.192  -2.386  1.00 83.79  ? 18 A   C "O5'" 1 
ATOM   617  C  "C5'" . A   C 3 4  ? 18.639  -2.109  -3.410  1.00 84.43  ? 18 A   C "C5'" 1 
ATOM   618  C  "C4'" . A   C 3 4  ? 18.912  -3.467  -4.008  1.00 82.71  ? 18 A   C "C4'" 1 
ATOM   619  O  "O4'" . A   C 3 4  ? 19.454  -4.344  -2.984  1.00 80.70  ? 18 A   C "O4'" 1 
ATOM   620  C  "C3'" . A   C 3 4  ? 17.689  -4.222  -4.494  1.00 83.44  ? 18 A   C "C3'" 1 
ATOM   621  O  "O3'" . A   C 3 4  ? 17.279  -3.823  -5.785  1.00 83.89  ? 18 A   C "O3'" 1 
ATOM   622  C  "C2'" . A   C 3 4  ? 18.184  -5.655  -4.490  1.00 82.58  ? 18 A   C "C2'" 1 
ATOM   623  O  "O2'" . A   C 3 4  ? 19.026  -5.898  -5.594  1.00 85.46  ? 18 A   C "O2'" 1 
ATOM   624  C  "C1'" . A   C 3 4  ? 19.024  -5.671  -3.221  1.00 78.94  ? 18 A   C "C1'" 1 
ATOM   625  N  N9    . A   C 3 4  ? 18.240  -6.138  -2.085  1.00 76.30  ? 18 A   C N9    1 
ATOM   626  C  C8    . A   C 3 4  ? 17.690  -5.433  -1.047  1.00 76.45  ? 18 A   C C8    1 
ATOM   627  N  N7    . A   C 3 4  ? 17.032  -6.181  -0.193  1.00 76.36  ? 18 A   C N7    1 
ATOM   628  C  C5    . A   C 3 4  ? 17.160  -7.463  -0.709  1.00 74.56  ? 18 A   C C5    1 
ATOM   629  C  C6    . A   C 3 4  ? 16.695  -8.705  -0.270  1.00 74.35  ? 18 A   C C6    1 
ATOM   630  N  N6    . A   C 3 4  ? 15.972  -8.873  0.835   1.00 76.12  ? 18 A   C N6    1 
ATOM   631  N  N1    . A   C 3 4  ? 16.999  -9.789  -1.015  1.00 74.61  ? 18 A   C N1    1 
ATOM   632  C  C2    . A   C 3 4  ? 17.722  -9.620  -2.123  1.00 75.17  ? 18 A   C C2    1 
ATOM   633  N  N3    . A   C 3 4  ? 18.219  -8.503  -2.639  1.00 74.44  ? 18 A   C N3    1 
ATOM   634  C  C4    . A   C 3 4  ? 17.898  -7.448  -1.872  1.00 75.06  ? 18 A   C C4    1 
ATOM   635  P  P     . G   C 3 5  ? 15.739  -3.988  -6.204  1.00 85.30  ? 19 G   C P     1 
ATOM   636  O  OP1   . G   C 3 5  ? 15.573  -3.241  -7.478  1.00 88.58  ? 19 G   C OP1   1 
ATOM   637  O  OP2   . G   C 3 5  ? 14.891  -3.648  -5.036  1.00 87.05  ? 19 G   C OP2   1 
ATOM   638  O  "O5'" . G   C 3 5  ? 15.572  -5.555  -6.460  1.00 85.49  ? 19 G   C "O5'" 1 
ATOM   639  C  "C5'" . G   C 3 5  ? 16.299  -6.198  -7.499  1.00 82.61  ? 19 G   C "C5'" 1 
ATOM   640  C  "C4'" . G   C 3 5  ? 16.047  -7.692  -7.506  1.00 80.47  ? 19 G   C "C4'" 1 
ATOM   641  O  "O4'" . G   C 3 5  ? 16.527  -8.274  -6.265  1.00 77.41  ? 19 G   C "O4'" 1 
ATOM   642  C  "C3'" . G   C 3 5  ? 14.591  -8.122  -7.549  1.00 81.85  ? 19 G   C "C3'" 1 
ATOM   643  O  "O3'" . G   C 3 5  ? 14.069  -8.116  -8.865  1.00 88.27  ? 19 G   C "O3'" 1 
ATOM   644  C  "C2'" . G   C 3 5  ? 14.647  -9.531  -6.984  1.00 78.06  ? 19 G   C "C2'" 1 
ATOM   645  O  "O2'" . G   C 3 5  ? 15.097  -10.476 -7.926  1.00 81.17  ? 19 G   C "O2'" 1 
ATOM   646  C  "C1'" . G   C 3 5  ? 15.711  -9.377  -5.908  1.00 76.01  ? 19 G   C "C1'" 1 
ATOM   647  N  N9    . G   C 3 5  ? 15.120  -9.126  -4.603  1.00 75.24  ? 19 G   C N9    1 
ATOM   648  C  C8    . G   C 3 5  ? 15.039  -7.933  -3.936  1.00 75.40  ? 19 G   C C8    1 
ATOM   649  N  N7    . G   C 3 5  ? 14.444  -8.037  -2.778  1.00 75.95  ? 19 G   C N7    1 
ATOM   650  C  C5    . G   C 3 5  ? 14.119  -9.382  -2.683  1.00 75.26  ? 19 G   C C5    1 
ATOM   651  C  C6    . G   C 3 5  ? 13.464  -10.098 -1.651  1.00 75.41  ? 19 G   C C6    1 
ATOM   652  O  O6    . G   C 3 5  ? 13.033  -9.674  -0.571  1.00 76.06  ? 19 G   C O6    1 
ATOM   653  N  N1    . G   C 3 5  ? 13.332  -11.444 -1.971  1.00 74.13  ? 19 G   C N1    1 
ATOM   654  C  C2    . G   C 3 5  ? 13.772  -12.027 -3.129  1.00 74.27  ? 19 G   C C2    1 
ATOM   655  N  N2    . G   C 3 5  ? 13.533  -13.341 -3.257  1.00 76.36  ? 19 G   C N2    1 
ATOM   656  N  N3    . G   C 3 5  ? 14.392  -11.373 -4.092  1.00 74.09  ? 19 G   C N3    1 
ATOM   657  C  C4    . G   C 3 5  ? 14.528  -10.066 -3.805  1.00 74.53  ? 19 G   C C4    1 
ATOM   658  P  P     . A   C 3 6  ? 12.527  -7.739  -9.091  1.00 90.90  ? 20 A   C P     1 
ATOM   659  O  OP1   . A   C 3 6  ? 12.239  -7.813  -10.547 1.00 92.56  ? 20 A   C OP1   1 
ATOM   660  O  OP2   . A   C 3 6  ? 12.314  -6.460  -8.363  1.00 94.40  ? 20 A   C OP2   1 
ATOM   661  O  "O5'" . A   C 3 6  ? 11.743  -8.914  -8.353  1.00 89.61  ? 20 A   C "O5'" 1 
ATOM   662  C  "C5'" . A   C 3 6  ? 11.856  -10.249 -8.834  1.00 86.69  ? 20 A   C "C5'" 1 
ATOM   663  C  "C4'" . A   C 3 6  ? 11.218  -11.238 -7.885  1.00 82.75  ? 20 A   C "C4'" 1 
ATOM   664  O  "O4'" . A   C 3 6  ? 11.911  -11.210 -6.605  1.00 81.91  ? 20 A   C "O4'" 1 
ATOM   665  C  "C3'" . A   C 3 6  ? 9.772   -10.964 -7.516  1.00 82.20  ? 20 A   C "C3'" 1 
ATOM   666  O  "O3'" . A   C 3 6  ? 8.859   -11.389 -8.517  1.00 83.67  ? 20 A   C "O3'" 1 
ATOM   667  C  "C2'" . A   C 3 6  ? 9.623   -11.711 -6.192  1.00 81.70  ? 20 A   C "C2'" 1 
ATOM   668  O  "O2'" . A   C 3 6  ? 9.393   -13.105 -6.291  1.00 77.65  ? 20 A   C "O2'" 1 
ATOM   669  C  "C1'" . A   C 3 6  ? 10.987  -11.458 -5.554  1.00 79.83  ? 20 A   C "C1'" 1 
ATOM   670  N  N9    . A   C 3 6  ? 10.948  -10.301 -4.659  1.00 76.82  ? 20 A   C N9    1 
ATOM   671  C  C8    . A   C 3 6  ? 11.413  -9.023  -4.856  1.00 75.27  ? 20 A   C C8    1 
ATOM   672  N  N7    . A   C 3 6  ? 11.197  -8.223  -3.840  1.00 73.42  ? 20 A   C N7    1 
ATOM   673  C  C5    . A   C 3 6  ? 10.554  -9.031  -2.913  1.00 72.96  ? 20 A   C C5    1 
ATOM   674  C  C6    . A   C 3 6  ? 10.066  -8.782  -1.622  1.00 73.29  ? 20 A   C C6    1 
ATOM   675  N  N6    . A   C 3 6  ? 10.161  -7.597  -1.013  1.00 74.52  ? 20 A   C N6    1 
ATOM   676  N  N1    . A   C 3 6  ? 9.473   -9.804  -0.964  1.00 72.46  ? 20 A   C N1    1 
ATOM   677  C  C2    . A   C 3 6  ? 9.386   -10.992 -1.572  1.00 72.04  ? 20 A   C C2    1 
ATOM   678  N  N3    . A   C 3 6  ? 9.811   -11.351 -2.780  1.00 73.32  ? 20 A   C N3    1 
ATOM   679  C  C4    . A   C 3 6  ? 10.393  -10.311 -3.403  1.00 73.48  ? 20 A   C C4    1 
ATOM   680  P  P     . G   C 3 7  ? 7.448   -10.638 -8.659  1.00 80.62  ? 21 G   C P     1 
ATOM   681  O  OP1   . G   C 3 7  ? 6.577   -11.396 -9.594  1.00 84.14  ? 21 G   C OP1   1 
ATOM   682  O  OP2   . G   C 3 7  ? 7.728   -9.199  -8.915  1.00 81.63  ? 21 G   C OP2   1 
ATOM   683  O  "O5'" . G   C 3 7  ? 6.807   -10.808 -7.213  1.00 81.96  ? 21 G   C "O5'" 1 
ATOM   684  C  "C5'" . G   C 3 7  ? 6.344   -12.085 -6.788  1.00 78.46  ? 21 G   C "C5'" 1 
ATOM   685  C  "C4'" . G   C 3 7  ? 5.713   -12.002 -5.419  1.00 78.12  ? 21 G   C "C4'" 1 
ATOM   686  O  "O4'" . G   C 3 7  ? 6.707   -11.543 -4.469  1.00 76.53  ? 21 G   C "O4'" 1 
ATOM   687  C  "C3'" . G   C 3 7  ? 4.556   -11.024 -5.254  1.00 77.65  ? 21 G   C "C3'" 1 
ATOM   688  O  "O3'" . G   C 3 7  ? 3.328   -11.640 -5.608  1.00 81.45  ? 21 G   C "O3'" 1 
ATOM   689  C  "C2'" . G   C 3 7  ? 4.585   -10.762 -3.757  1.00 75.29  ? 21 G   C "C2'" 1 
ATOM   690  O  "O2'" . G   C 3 7  ? 4.023   -11.829 -3.022  1.00 74.92  ? 21 G   C "O2'" 1 
ATOM   691  C  "C1'" . G   C 3 7  ? 6.085   -10.738 -3.485  1.00 72.17  ? 21 G   C "C1'" 1 
ATOM   692  N  N9    . G   C 3 7  ? 6.639   -9.390  -3.550  1.00 67.85  ? 21 G   C N9    1 
ATOM   693  C  C8    . G   C 3 7  ? 7.166   -8.745  -4.644  1.00 66.74  ? 21 G   C C8    1 
ATOM   694  N  N7    . G   C 3 7  ? 7.581   -7.536  -4.376  1.00 66.25  ? 21 G   C N7    1 
ATOM   695  C  C5    . G   C 3 7  ? 7.310   -7.373  -3.022  1.00 65.77  ? 21 G   C C5    1 
ATOM   696  C  C6    . G   C 3 7  ? 7.539   -6.267  -2.162  1.00 66.06  ? 21 G   C C6    1 
ATOM   697  O  O6    . G   C 3 7  ? 8.041   -5.167  -2.437  1.00 67.09  ? 21 G   C O6    1 
ATOM   698  N  N1    . G   C 3 7  ? 7.109   -6.532  -0.861  1.00 63.44  ? 21 G   C N1    1 
ATOM   699  C  C2    . G   C 3 7  ? 6.530   -7.703  -0.439  1.00 62.06  ? 21 G   C C2    1 
ATOM   700  N  N2    . G   C 3 7  ? 6.172   -7.756  0.847   1.00 60.20  ? 21 G   C N2    1 
ATOM   701  N  N3    . G   C 3 7  ? 6.315   -8.741  -1.227  1.00 63.26  ? 21 G   C N3    1 
ATOM   702  C  C4    . G   C 3 7  ? 6.728   -8.508  -2.498  1.00 65.68  ? 21 G   C C4    1 
ATOM   703  P  P     . A   C 3 8  ? 2.242   -10.839 -6.482  1.00 82.47  ? 22 A   C P     1 
ATOM   704  O  OP1   . A   C 3 8  ? 2.519   -11.108 -7.919  1.00 85.28  ? 22 A   C OP1   1 
ATOM   705  O  OP2   . A   C 3 8  ? 2.151   -9.433  -6.004  1.00 86.56  ? 22 A   C OP2   1 
ATOM   706  O  "O5'" . A   C 3 8  ? 0.885   -11.574 -6.098  1.00 81.82  ? 22 A   C "O5'" 1 
ATOM   707  C  "C5'" . A   C 3 8  ? 0.030   -11.058 -5.084  1.00 77.84  ? 22 A   C "C5'" 1 
ATOM   708  C  "C4'" . A   C 3 8  ? -0.081  -12.036 -3.937  1.00 76.18  ? 22 A   C "C4'" 1 
ATOM   709  O  "O4'" . A   C 3 8  ? 1.127   -11.974 -3.127  1.00 72.11  ? 22 A   C "O4'" 1 
ATOM   710  C  "C3'" . A   C 3 8  ? -1.193  -11.709 -2.954  1.00 76.00  ? 22 A   C "C3'" 1 
ATOM   711  O  "O3'" . A   C 3 8  ? -2.433  -12.235 -3.419  1.00 76.17  ? 22 A   C "O3'" 1 
ATOM   712  C  "C2'" . A   C 3 8  ? -0.714  -12.386 -1.675  1.00 73.27  ? 22 A   C "C2'" 1 
ATOM   713  O  "O2'" . A   C 3 8  ? -1.019  -13.763 -1.594  1.00 72.43  ? 22 A   C "O2'" 1 
ATOM   714  C  "C1'" . A   C 3 8  ? 0.797   -12.153 -1.755  1.00 70.02  ? 22 A   C "C1'" 1 
ATOM   715  N  N9    . A   C 3 8  ? 1.199   -10.950 -1.025  1.00 66.02  ? 22 A   C N9    1 
ATOM   716  C  C8    . A   C 3 8  ? 1.714   -9.783  -1.531  1.00 64.57  ? 22 A   C C8    1 
ATOM   717  N  N7    . A   C 3 8  ? 1.930   -8.862  -0.624  1.00 63.31  ? 22 A   C N7    1 
ATOM   718  C  C5    . A   C 3 8  ? 1.537   -9.465  0.561   1.00 63.06  ? 22 A   C C5    1 
ATOM   719  C  C6    . A   C 3 8  ? 1.506   -9.006  1.884   1.00 63.08  ? 22 A   C C6    1 
ATOM   720  N  N6    . A   C 3 8  ? 1.881   -7.777  2.242   1.00 62.20  ? 22 A   C N6    1 
ATOM   721  N  N1    . A   C 3 8  ? 1.065   -9.859  2.839   1.00 62.39  ? 22 A   C N1    1 
ATOM   722  C  C2    . A   C 3 8  ? 0.682   -11.085 2.470   1.00 62.48  ? 22 A   C C2    1 
ATOM   723  N  N3    . A   C 3 8  ? 0.658   -11.631 1.253   1.00 64.40  ? 22 A   C N3    1 
ATOM   724  C  C4    . A   C 3 8  ? 1.101   -10.757 0.332   1.00 64.39  ? 22 A   C C4    1 
ATOM   725  P  P     . A   C 3 9  ? -3.798  -11.425 -3.149  1.00 73.67  ? 23 A   C P     1 
ATOM   726  O  OP1   . A   C 3 9  ? -4.917  -12.202 -3.746  1.00 76.26  ? 23 A   C OP1   1 
ATOM   727  O  OP2   . A   C 3 9  ? -3.609  -9.997  -3.529  1.00 71.52  ? 23 A   C OP2   1 
ATOM   728  O  "O5'" . A   C 3 9  ? -3.959  -11.489 -1.571  1.00 72.48  ? 23 A   C "O5'" 1 
ATOM   729  C  "C5'" . A   C 3 9  ? -4.083  -12.733 -0.899  1.00 70.96  ? 23 A   C "C5'" 1 
ATOM   730  C  "C4'" . A   C 3 9  ? -4.065  -12.499 0.584   1.00 71.00  ? 23 A   C "C4'" 1 
ATOM   731  O  "O4'" . A   C 3 9  ? -2.773  -11.954 0.945   1.00 70.81  ? 23 A   C "O4'" 1 
ATOM   732  C  "C3'" . A   C 3 9  ? -5.068  -11.467 1.078   1.00 71.73  ? 23 A   C "C3'" 1 
ATOM   733  O  "O3'" . A   C 3 9  ? -6.318  -12.096 1.352   1.00 71.61  ? 23 A   C "O3'" 1 
ATOM   734  C  "C2'" . A   C 3 9  ? -4.412  -10.978 2.364   1.00 71.65  ? 23 A   C "C2'" 1 
ATOM   735  O  "O2'" . A   C 3 9  ? -4.618  -11.848 3.455   1.00 76.78  ? 23 A   C "O2'" 1 
ATOM   736  C  "C1'" . A   C 3 9  ? -2.932  -10.994 1.976   1.00 68.09  ? 23 A   C "C1'" 1 
ATOM   737  N  N9    . A   C 3 9  ? -2.444  -9.709  1.480   1.00 62.38  ? 23 A   C N9    1 
ATOM   738  C  C8    . A   C 3 9  ? -2.169  -9.368  0.181   1.00 60.64  ? 23 A   C C8    1 
ATOM   739  N  N7    . A   C 3 9  ? -1.735  -8.141  0.036   1.00 58.56  ? 23 A   C N7    1 
ATOM   740  C  C5    . A   C 3 9  ? -1.724  -7.637  1.327   1.00 57.84  ? 23 A   C C5    1 
ATOM   741  C  C6    . A   C 3 9  ? -1.365  -6.385  1.847   1.00 57.15  ? 23 A   C C6    1 
ATOM   742  N  N6    . A   C 3 9  ? -0.928  -5.373  1.097   1.00 55.85  ? 23 A   C N6    1 
ATOM   743  N  N1    . A   C 3 9  ? -1.471  -6.204  3.180   1.00 56.33  ? 23 A   C N1    1 
ATOM   744  C  C2    . A   C 3 9  ? -1.906  -7.222  3.932   1.00 56.98  ? 23 A   C C2    1 
ATOM   745  N  N3    . A   C 3 9  ? -2.274  -8.445  3.561   1.00 58.62  ? 23 A   C N3    1 
ATOM   746  C  C4    . A   C 3 9  ? -2.159  -8.590  2.228   1.00 58.93  ? 23 A   C C4    1 
ATOM   747  P  P     . A   C 3 10 ? -7.683  -11.249 1.282   1.00 71.13  ? 24 A   C P     1 
ATOM   748  O  OP1   . A   C 3 10 ? -8.794  -12.176 1.624   1.00 76.99  ? 24 A   C OP1   1 
ATOM   749  O  OP2   . A   C 3 10 ? -7.718  -10.495 -0.001  1.00 73.84  ? 24 A   C OP2   1 
ATOM   750  O  "O5'" . A   C 3 10 ? -7.560  -10.182 2.457   1.00 74.13  ? 24 A   C "O5'" 1 
ATOM   751  C  "C5'" . A   C 3 10 ? -7.746  -10.552 3.821   1.00 70.60  ? 24 A   C "C5'" 1 
ATOM   752  C  "C4'" . A   C 3 10 ? -7.508  -9.356  4.711   1.00 67.32  ? 24 A   C "C4'" 1 
ATOM   753  O  "O4'" . A   C 3 10 ? -6.138  -8.909  4.544   1.00 64.74  ? 24 A   C "O4'" 1 
ATOM   754  C  "C3'" . A   C 3 10 ? -8.340  -8.131  4.388   1.00 68.14  ? 24 A   C "C3'" 1 
ATOM   755  O  "O3'" . A   C 3 10 ? -9.615  -8.209  5.004   1.00 70.21  ? 24 A   C "O3'" 1 
ATOM   756  C  "C2'" . A   C 3 10 ? -7.482  -7.009  4.953   1.00 64.86  ? 24 A   C "C2'" 1 
ATOM   757  O  "O2'" . A   C 3 10 ? -7.574  -6.940  6.359   1.00 63.90  ? 24 A   C "O2'" 1 
ATOM   758  C  "C1'" . A   C 3 10 ? -6.083  -7.494  4.583   1.00 62.02  ? 24 A   C "C1'" 1 
ATOM   759  N  N9    . A   C 3 10 ? -5.645  -7.040  3.262   1.00 61.36  ? 24 A   C N9    1 
ATOM   760  C  C8    . A   C 3 10 ? -5.711  -7.754  2.089   1.00 61.97  ? 24 A   C C8    1 
ATOM   761  N  N7    . A   C 3 10 ? -5.221  -7.120  1.052   1.00 60.51  ? 24 A   C N7    1 
ATOM   762  C  C5    . A   C 3 10 ? -4.811  -5.903  1.571   1.00 59.75  ? 24 A   C C5    1 
ATOM   763  C  C6    . A   C 3 10 ? -4.202  -4.785  0.979   1.00 59.92  ? 24 A   C C6    1 
ATOM   764  N  N6    . A   C 3 10 ? -3.882  -4.718  -0.316  1.00 59.08  ? 24 A   C N6    1 
ATOM   765  N  N1    . A   C 3 10 ? -3.925  -3.727  1.772   1.00 57.71  ? 24 A   C N1    1 
ATOM   766  C  C2    . A   C 3 10 ? -4.236  -3.803  3.073   1.00 58.20  ? 24 A   C C2    1 
ATOM   767  N  N3    . A   C 3 10 ? -4.804  -4.802  3.751   1.00 60.23  ? 24 A   C N3    1 
ATOM   768  C  C4    . A   C 3 10 ? -5.071  -5.835  2.933   1.00 61.09  ? 24 A   C C4    1 
ATOM   769  P  P     . C   C 3 11 ? -10.893 -7.566  4.269   1.00 69.14  ? 25 C   C P     1 
ATOM   770  O  OP1   . C   C 3 11 ? -12.069 -7.867  5.127   1.00 71.86  ? 25 C   C OP1   1 
ATOM   771  O  OP2   . C   C 3 11 ? -10.890 -7.982  2.840   1.00 66.78  ? 25 C   C OP2   1 
ATOM   772  O  "O5'" . C   C 3 11 ? -10.633 -5.996  4.334   1.00 67.88  ? 25 C   C "O5'" 1 
ATOM   773  C  "C5'" . C   C 3 11 ? -10.574 -5.326  5.583   1.00 63.34  ? 25 C   C "C5'" 1 
ATOM   774  C  "C4'" . C   C 3 11 ? -9.971  -3.960  5.409   1.00 61.87  ? 25 C   C "C4'" 1 
ATOM   775  O  "O4'" . C   C 3 11 ? -8.666  -4.108  4.800   1.00 59.53  ? 25 C   C "O4'" 1 
ATOM   776  C  "C3'" . C   C 3 11 ? -10.711 -3.051  4.447   1.00 62.55  ? 25 C   C "C3'" 1 
ATOM   777  O  "O3'" . C   C 3 11 ? -11.792 -2.399  5.098   1.00 67.55  ? 25 C   C "O3'" 1 
ATOM   778  C  "C2'" . C   C 3 11 ? -9.617  -2.081  4.023   1.00 59.61  ? 25 C   C "C2'" 1 
ATOM   779  O  "O2'" . C   C 3 11 ? -9.343  -1.086  4.983   1.00 57.48  ? 25 C   C "O2'" 1 
ATOM   780  C  "C1'" . C   C 3 11 ? -8.415  -3.012  3.947   1.00 55.76  ? 25 C   C "C1'" 1 
ATOM   781  N  N1    . C   C 3 11 ? -8.153  -3.511  2.596   1.00 55.42  ? 25 C   C N1    1 
ATOM   782  C  C2    . C   C 3 11 ? -7.535  -2.656  1.705   1.00 56.01  ? 25 C   C C2    1 
ATOM   783  O  O2    . C   C 3 11 ? -7.257  -1.515  2.088   1.00 58.36  ? 25 C   C O2    1 
ATOM   784  N  N3    . C   C 3 11 ? -7.255  -3.083  0.455   1.00 54.88  ? 25 C   C N3    1 
ATOM   785  C  C4    . C   C 3 11 ? -7.578  -4.323  0.089   1.00 53.73  ? 25 C   C C4    1 
ATOM   786  N  N4    . C   C 3 11 ? -7.273  -4.710  -1.149  1.00 53.32  ? 25 C   C N4    1 
ATOM   787  C  C5    . C   C 3 11 ? -8.225  -5.222  0.980   1.00 54.05  ? 25 C   C C5    1 
ATOM   788  C  C6    . C   C 3 11 ? -8.494  -4.777  2.216   1.00 54.76  ? 25 C   C C6    1 
ATOM   789  P  P     . A   C 3 12 ? -13.071 -1.929  4.247   1.00 65.95  ? 26 A   C P     1 
ATOM   790  O  OP1   . A   C 3 12 ? -14.102 -1.484  5.219   1.00 68.89  ? 26 A   C OP1   1 
ATOM   791  O  OP2   . A   C 3 12 ? -13.395 -2.985  3.247   1.00 67.08  ? 26 A   C OP2   1 
ATOM   792  O  "O5'" . A   C 3 12 ? -12.560 -0.650  3.451   1.00 66.45  ? 26 A   C "O5'" 1 
ATOM   793  C  "C5'" . A   C 3 12 ? -12.352 0.588   4.116   1.00 64.94  ? 26 A   C "C5'" 1 
ATOM   794  C  "C4'" . A   C 3 12 ? -11.743 1.580   3.165   1.00 63.71  ? 26 A   C "C4'" 1 
ATOM   795  O  "O4'" . A   C 3 12 ? -10.542 0.982   2.618   1.00 61.52  ? 26 A   C "O4'" 1 
ATOM   796  C  "C3'" . A   C 3 12 ? -12.569 1.889   1.930   1.00 67.37  ? 26 A   C "C3'" 1 
ATOM   797  O  "O3'" . A   C 3 12 ? -13.550 2.891   2.132   1.00 69.97  ? 26 A   C "O3'" 1 
ATOM   798  C  "C2'" . A   C 3 12 ? -11.509 2.345   0.944   1.00 65.66  ? 26 A   C "C2'" 1 
ATOM   799  O  "O2'" . A   C 3 12 ? -11.075 3.658   1.229   1.00 66.66  ? 26 A   C "O2'" 1 
ATOM   800  C  "C1'" . A   C 3 12 ? -10.387 1.366   1.261   1.00 60.75  ? 26 A   C "C1'" 1 
ATOM   801  N  N9    . A   C 3 12 ? -10.415 0.151   0.438   1.00 57.68  ? 26 A   C N9    1 
ATOM   802  C  C8    . A   C 3 12 ? -10.804 -1.111  0.825   1.00 57.45  ? 26 A   C C8    1 
ATOM   803  N  N7    . A   C 3 12 ? -10.650 -2.023  -0.106  1.00 55.75  ? 26 A   C N7    1 
ATOM   804  C  C5    . A   C 3 12 ? -10.140 -1.313  -1.182  1.00 55.11  ? 26 A   C C5    1 
ATOM   805  C  C6    . A   C 3 12 ? -9.743  -1.714  -2.466  1.00 54.91  ? 26 A   C C6    1 
ATOM   806  N  N6    . A   C 3 12 ? -9.795  -2.986  -2.891  1.00 54.69  ? 26 A   C N6    1 
ATOM   807  N  N1    . A   C 3 12 ? -9.283  -0.759  -3.307  1.00 54.70  ? 26 A   C N1    1 
ATOM   808  C  C2    . A   C 3 12 ? -9.230  0.511   -2.871  1.00 55.85  ? 26 A   C C2    1 
ATOM   809  N  N3    . A   C 3 12 ? -9.568  1.011   -1.683  1.00 56.31  ? 26 A   C N3    1 
ATOM   810  C  C4    . A   C 3 12 ? -10.016 0.034   -0.874  1.00 56.09  ? 26 A   C C4    1 
ATOM   811  P  P     . C   C 3 13 ? -14.927 2.811   1.305   1.00 67.89  ? 27 C   C P     1 
ATOM   812  O  OP1   . C   C 3 13 ? -15.807 3.892   1.815   1.00 71.84  ? 27 C   C OP1   1 
ATOM   813  O  OP2   . C   C 3 13 ? -15.383 1.397   1.357   1.00 69.77  ? 27 C   C OP2   1 
ATOM   814  O  "O5'" . C   C 3 13 ? -14.516 3.102   -0.212  1.00 68.02  ? 27 C   C "O5'" 1 
ATOM   815  C  "C5'" . C   C 3 13 ? -14.015 4.375   -0.608  1.00 66.31  ? 27 C   C "C5'" 1 
ATOM   816  C  "C4'" . C   C 3 13 ? -13.413 4.320   -2.004  1.00 64.57  ? 27 C   C "C4'" 1 
ATOM   817  O  "O4'" . C   C 3 13 ? -12.391 3.283   -2.053  1.00 63.69  ? 27 C   C "O4'" 1 
ATOM   818  C  "C3'" . C   C 3 13 ? -14.355 3.924   -3.127  1.00 66.72  ? 27 C   C "C3'" 1 
ATOM   819  O  "O3'" . C   C 3 13 ? -15.181 5.000   -3.541  1.00 70.96  ? 27 C   C "O3'" 1 
ATOM   820  C  "C2'" . C   C 3 13 ? -13.394 3.416   -4.199  1.00 63.66  ? 27 C   C "C2'" 1 
ATOM   821  O  "O2'" . C   C 3 13 ? -12.708 4.433   -4.903  1.00 60.07  ? 27 C   C "O2'" 1 
ATOM   822  C  "C1'" . C   C 3 13 ? -12.370 2.685   -3.343  1.00 59.05  ? 27 C   C "C1'" 1 
ATOM   823  N  N1    . C   C 3 13 ? -12.639 1.242   -3.232  1.00 53.96  ? 27 C   C N1    1 
ATOM   824  C  C2    . C   C 3 13 ? -12.234 0.414   -4.282  1.00 54.14  ? 27 C   C C2    1 
ATOM   825  O  O2    . C   C 3 13 ? -11.701 0.933   -5.283  1.00 53.06  ? 27 C   C O2    1 
ATOM   826  N  N3    . C   C 3 13 ? -12.428 -0.929  -4.182  1.00 52.20  ? 27 C   C N3    1 
ATOM   827  C  C4    . C   C 3 13 ? -13.003 -1.443  -3.088  1.00 51.21  ? 27 C   C C4    1 
ATOM   828  N  N4    . C   C 3 13 ? -13.129 -2.778  -3.008  1.00 50.01  ? 27 C   C N4    1 
ATOM   829  C  C5    . C   C 3 13 ? -13.458 -0.616  -2.019  1.00 50.99  ? 27 C   C C5    1 
ATOM   830  C  C6    . C   C 3 13 ? -13.258 0.709   -2.132  1.00 52.37  ? 27 C   C C6    1 
ATOM   831  P  P     . A   C 3 14 ? -16.701 4.708   -3.983  1.00 70.44  ? 28 A   C P     1 
ATOM   832  O  OP1   . A   C 3 14 ? -17.356 6.033   -4.097  1.00 71.86  ? 28 A   C OP1   1 
ATOM   833  O  OP2   . A   C 3 14 ? -17.301 3.672   -3.101  1.00 70.36  ? 28 A   C OP2   1 
ATOM   834  O  "O5'" . A   C 3 14 ? -16.534 4.112   -5.452  1.00 68.91  ? 28 A   C "O5'" 1 
ATOM   835  C  "C5'" . A   C 3 14 ? -15.981 4.921   -6.482  1.00 67.74  ? 28 A   C "C5'" 1 
ATOM   836  C  "C4'" . A   C 3 14 ? -15.715 4.111   -7.725  1.00 68.60  ? 28 A   C "C4'" 1 
ATOM   837  O  "O4'" . A   C 3 14 ? -14.695 3.122   -7.438  1.00 67.99  ? 28 A   C "O4'" 1 
ATOM   838  C  "C3'" . A   C 3 14 ? -16.876 3.304   -8.280  1.00 71.34  ? 28 A   C "C3'" 1 
ATOM   839  O  "O3'" . A   C 3 14 ? -17.748 4.096   -9.084  1.00 76.41  ? 28 A   C "O3'" 1 
ATOM   840  C  "C2'" . A   C 3 14 ? -16.141 2.240   -9.082  1.00 68.56  ? 28 A   C "C2'" 1 
ATOM   841  O  "O2'" . A   C 3 14 ? -15.604 2.794   -10.265 1.00 69.97  ? 28 A   C "O2'" 1 
ATOM   842  C  "C1'" . A   C 3 14 ? -14.968 1.930   -8.156  1.00 63.91  ? 28 A   C "C1'" 1 
ATOM   843  N  N9    . A   C 3 14 ? -15.261 0.865   -7.192  1.00 59.27  ? 28 A   C N9    1 
ATOM   844  C  C8    . A   C 3 14 ? -15.753 1.005   -5.916  1.00 58.05  ? 28 A   C C8    1 
ATOM   845  N  N7    . A   C 3 14 ? -15.894 -0.132  -5.275  1.00 57.26  ? 28 A   C N7    1 
ATOM   846  C  C5    . A   C 3 14 ? -15.472 -1.083  -6.191  1.00 56.41  ? 28 A   C C5    1 
ATOM   847  C  C6    . A   C 3 14 ? -15.375 -2.479  -6.117  1.00 58.27  ? 28 A   C C6    1 
ATOM   848  N  N6    . A   C 3 14 ? -15.715 -3.188  -5.040  1.00 60.07  ? 28 A   C N6    1 
ATOM   849  N  N1    . A   C 3 14 ? -14.912 -3.135  -7.202  1.00 58.39  ? 28 A   C N1    1 
ATOM   850  C  C2    . A   C 3 14 ? -14.579 -2.426  -8.285  1.00 57.59  ? 28 A   C C2    1 
ATOM   851  N  N3    . A   C 3 14 ? -14.626 -1.109  -8.478  1.00 57.35  ? 28 A   C N3    1 
ATOM   852  C  C4    . A   C 3 14 ? -15.085 -0.487  -7.378  1.00 56.54  ? 28 A   C C4    1 
ATOM   853  P  P     . C   C 3 15 ? -19.333 3.783   -9.099  1.00 77.60  ? 29 C   C P     1 
ATOM   854  O  OP1   . C   C 3 15 ? -19.964 4.870   -9.888  1.00 81.26  ? 29 C   C OP1   1 
ATOM   855  O  OP2   . C   C 3 15 ? -19.799 3.523   -7.712  1.00 77.74  ? 29 C   C OP2   1 
ATOM   856  O  "O5'" . C   C 3 15 ? -19.453 2.431   -9.935  1.00 74.97  ? 29 C   C "O5'" 1 
ATOM   857  C  "C5'" . C   C 3 15 ? -19.104 2.416   -11.315 1.00 70.46  ? 29 C   C "C5'" 1 
ATOM   858  C  "C4'" . C   C 3 15 ? -18.944 1.001   -11.830 1.00 69.31  ? 29 C   C "C4'" 1 
ATOM   859  O  "O4'" . C   C 3 15 ? -17.860 0.340   -11.120 1.00 68.35  ? 29 C   C "O4'" 1 
ATOM   860  C  "C3'" . C   C 3 15 ? -20.130 0.069   -11.635 1.00 69.97  ? 29 C   C "C3'" 1 
ATOM   861  O  "O3'" . C   C 3 15 ? -21.102 0.234   -12.655 1.00 72.06  ? 29 C   C "O3'" 1 
ATOM   862  C  "C2'" . C   C 3 15 ? -19.463 -1.298  -11.713 1.00 71.68  ? 29 C   C "C2'" 1 
ATOM   863  O  "O2'" . C   C 3 15 ? -19.172 -1.681  -13.041 1.00 73.68  ? 29 C   C "O2'" 1 
ATOM   864  C  "C1'" . C   C 3 15 ? -18.155 -1.039  -10.968 1.00 67.23  ? 29 C   C "C1'" 1 
ATOM   865  N  N1    . C   C 3 15 ? -18.327 -1.350  -9.540  1.00 63.90  ? 29 C   C N1    1 
ATOM   866  C  C2    . C   C 3 15 ? -18.189 -2.681  -9.123  1.00 62.44  ? 29 C   C C2    1 
ATOM   867  O  O2    . C   C 3 15 ? -17.843 -3.545  -9.957  1.00 61.59  ? 29 C   C O2    1 
ATOM   868  N  N3    . C   C 3 15 ? -18.435 -2.992  -7.830  1.00 61.40  ? 29 C   C N3    1 
ATOM   869  C  C4    . C   C 3 15 ? -18.782 -2.032  -6.965  1.00 61.40  ? 29 C   C C4    1 
ATOM   870  N  N4    . C   C 3 15 ? -19.041 -2.384  -5.702  1.00 60.68  ? 29 C   C N4    1 
ATOM   871  C  C5    . C   C 3 15 ? -18.889 -0.671  -7.357  1.00 60.20  ? 29 C   C C5    1 
ATOM   872  C  C6    . C   C 3 15 ? -18.651 -0.375  -8.639  1.00 61.59  ? 29 C   C C6    1 
ATOM   873  P  P     . G   C 3 16 ? -22.651 -0.089  -12.349 1.00 69.42  ? 30 G   C P     1 
ATOM   874  O  OP1   . G   C 3 16 ? -23.386 0.362   -13.553 1.00 76.51  ? 30 G   C OP1   1 
ATOM   875  O  OP2   . G   C 3 16 ? -23.015 0.457   -11.016 1.00 69.37  ? 30 G   C OP2   1 
ATOM   876  O  "O5'" . G   C 3 16 ? -22.713 -1.682  -12.295 1.00 69.71  ? 30 G   C "O5'" 1 
ATOM   877  C  "C5'" . G   C 3 16 ? -22.348 -2.442  -13.440 1.00 65.52  ? 30 G   C "C5'" 1 
ATOM   878  C  "C4'" . G   C 3 16 ? -22.312 -3.924  -13.140 1.00 66.44  ? 30 G   C "C4'" 1 
ATOM   879  O  "O4'" . G   C 3 16 ? -21.164 -4.232  -12.302 1.00 66.00  ? 30 G   C "O4'" 1 
ATOM   880  C  "C3'" . G   C 3 16 ? -23.494 -4.516  -12.386 1.00 68.84  ? 30 G   C "C3'" 1 
ATOM   881  O  "O3'" . G   C 3 16 ? -24.607 -4.775  -13.234 1.00 69.66  ? 30 G   C "O3'" 1 
ATOM   882  C  "C2'" . G   C 3 16 ? -22.875 -5.785  -11.817 1.00 67.34  ? 30 G   C "C2'" 1 
ATOM   883  O  "O2'" . G   C 3 16 ? -22.692 -6.758  -12.822 1.00 68.12  ? 30 G   C "O2'" 1 
ATOM   884  C  "C1'" . G   C 3 16 ? -21.494 -5.283  -11.408 1.00 65.65  ? 30 G   C "C1'" 1 
ATOM   885  N  N9    . G   C 3 16 ? -21.547 -4.752  -10.052 1.00 64.24  ? 30 G   C N9    1 
ATOM   886  C  C8    . G   C 3 16 ? -21.622 -3.434  -9.670  1.00 63.70  ? 30 G   C C8    1 
ATOM   887  N  N7    . G   C 3 16 ? -21.718 -3.276  -8.379  1.00 63.33  ? 30 G   C N7    1 
ATOM   888  C  C5    . G   C 3 16 ? -21.687 -4.571  -7.875  1.00 63.41  ? 30 G   C C5    1 
ATOM   889  C  C6    . G   C 3 16 ? -21.764 -5.039  -6.538  1.00 64.49  ? 30 G   C C6    1 
ATOM   890  O  O6    . G   C 3 16 ? -21.870 -4.383  -5.497  1.00 65.77  ? 30 G   C O6    1 
ATOM   891  N  N1    . G   C 3 16 ? -21.708 -6.425  -6.480  1.00 61.97  ? 30 G   C N1    1 
ATOM   892  C  C2    . G   C 3 16 ? -21.593 -7.253  -7.563  1.00 61.26  ? 30 G   C C2    1 
ATOM   893  N  N2    . G   C 3 16 ? -21.569 -8.563  -7.303  1.00 62.03  ? 30 G   C N2    1 
ATOM   894  N  N3    . G   C 3 16 ? -21.511 -6.833  -8.808  1.00 61.90  ? 30 G   C N3    1 
ATOM   895  C  C4    . G   C 3 16 ? -21.570 -5.489  -8.891  1.00 63.04  ? 30 G   C C4    1 
ATOM   896  P  P     . A   C 3 17 ? -26.106 -4.610  -12.665 1.00 65.04  ? 31 A   C P     1 
ATOM   897  O  OP1   . A   C 3 17 ? -26.969 -5.007  -13.797 1.00 71.00  ? 31 A   C OP1   1 
ATOM   898  O  OP2   . A   C 3 17 ? -26.285 -3.278  -12.036 1.00 67.08  ? 31 A   C OP2   1 
ATOM   899  O  "O5'" . A   C 3 17 ? -26.226 -5.732  -11.541 1.00 68.66  ? 31 A   C "O5'" 1 
ATOM   900  C  "C5'" . A   C 3 17 ? -26.105 -7.099  -11.901 1.00 70.09  ? 31 A   C "C5'" 1 
ATOM   901  C  "C4'" . A   C 3 17 ? -26.233 -8.005  -10.700 1.00 69.95  ? 31 A   C "C4'" 1 
ATOM   902  O  "O4'" . A   C 3 17 ? -25.054 -7.880  -9.865  1.00 69.82  ? 31 A   C "O4'" 1 
ATOM   903  C  "C3'" . A   C 3 17 ? -27.379 -7.706  -9.747  1.00 71.41  ? 31 A   C "C3'" 1 
ATOM   904  O  "O3'" . A   C 3 17 ? -28.685 -8.099  -10.138 1.00 77.00  ? 31 A   C "O3'" 1 
ATOM   905  C  "C2'" . A   C 3 17 ? -26.906 -8.380  -8.471  1.00 71.40  ? 31 A   C "C2'" 1 
ATOM   906  O  "O2'" . A   C 3 17 ? -27.079 -9.780  -8.512  1.00 73.11  ? 31 A   C "O2'" 1 
ATOM   907  C  "C1'" . A   C 3 17 ? -25.416 -8.060  -8.507  1.00 69.35  ? 31 A   C "C1'" 1 
ATOM   908  N  N9    . A   C 3 17 ? -25.203 -6.820  -7.781  1.00 66.21  ? 31 A   C N9    1 
ATOM   909  C  C8    . A   C 3 17 ? -25.232 -5.526  -8.224  1.00 66.33  ? 31 A   C C8    1 
ATOM   910  N  N7    . A   C 3 17 ? -25.108 -4.644  -7.267  1.00 66.14  ? 31 A   C N7    1 
ATOM   911  C  C5    . A   C 3 17 ? -24.963 -5.416  -6.122  1.00 65.04  ? 31 A   C C5    1 
ATOM   912  C  C6    . A   C 3 17 ? -24.813 -5.088  -4.772  1.00 64.29  ? 31 A   C C6    1 
ATOM   913  N  N6    . A   C 3 17 ? -24.786 -3.836  -4.315  1.00 66.39  ? 31 A   C N6    1 
ATOM   914  N  N1    . A   C 3 17 ? -24.696 -6.100  -3.889  1.00 63.52  ? 31 A   C N1    1 
ATOM   915  C  C2    . A   C 3 17 ? -24.729 -7.348  -4.343  1.00 62.92  ? 31 A   C C2    1 
ATOM   916  N  N3    . A   C 3 17 ? -24.871 -7.783  -5.582  1.00 63.74  ? 31 A   C N3    1 
ATOM   917  C  C4    . A   C 3 17 ? -24.990 -6.753  -6.432  1.00 64.65  ? 31 A   C C4    1 
ATOM   918  O  "O5'" . U   D 4 1  ? -21.082 -6.440  4.057   1.00 76.69  ? 31 U   D "O5'" 1 
ATOM   919  C  "C5'" . U   D 4 1  ? -21.992 -7.232  4.836   1.00 72.71  ? 31 U   D "C5'" 1 
ATOM   920  C  "C4'" . U   D 4 1  ? -22.569 -8.342  3.995   1.00 70.89  ? 31 U   D "C4'" 1 
ATOM   921  O  "O4'" . U   D 4 1  ? -23.815 -7.892  3.408   1.00 69.65  ? 31 U   D "O4'" 1 
ATOM   922  C  "C3'" . U   D 4 1  ? -21.716 -8.782  2.817   1.00 70.47  ? 31 U   D "C3'" 1 
ATOM   923  O  "O3'" . U   D 4 1  ? -20.729 -9.735  3.201   1.00 70.47  ? 31 U   D "O3'" 1 
ATOM   924  C  "C2'" . U   D 4 1  ? -22.762 -9.371  1.882   1.00 70.47  ? 31 U   D "C2'" 1 
ATOM   925  O  "O2'" . U   D 4 1  ? -23.148 -10.670 2.278   1.00 71.03  ? 31 U   D "O2'" 1 
ATOM   926  C  "C1'" . U   D 4 1  ? -23.930 -8.400  2.089   1.00 70.66  ? 31 U   D "C1'" 1 
ATOM   927  N  N1    . U   D 4 1  ? -23.905 -7.249  1.173   1.00 70.25  ? 31 U   D N1    1 
ATOM   928  C  C2    . U   D 4 1  ? -24.181 -7.454  -0.170  1.00 70.32  ? 31 U   D C2    1 
ATOM   929  O  O2    . U   D 4 1  ? -24.465 -8.546  -0.637  1.00 70.36  ? 31 U   D O2    1 
ATOM   930  N  N3    . U   D 4 1  ? -24.111 -6.327  -0.949  1.00 69.00  ? 31 U   D N3    1 
ATOM   931  C  C4    . U   D 4 1  ? -23.809 -5.048  -0.535  1.00 67.98  ? 31 U   D C4    1 
ATOM   932  O  O4    . U   D 4 1  ? -23.742 -4.143  -1.363  1.00 67.73  ? 31 U   D O4    1 
ATOM   933  C  C5    . U   D 4 1  ? -23.556 -4.917  0.859   1.00 68.21  ? 31 U   D C5    1 
ATOM   934  C  C6    . U   D 4 1  ? -23.609 -5.992  1.645   1.00 69.26  ? 31 U   D C6    1 
ATOM   935  P  P     . C   D 4 2  ? -19.288 -9.743  2.471   1.00 68.15  ? 32 C   D P     1 
ATOM   936  O  OP1   . C   D 4 2  ? -18.412 -10.680 3.222   1.00 75.19  ? 32 C   D OP1   1 
ATOM   937  O  OP2   . C   D 4 2  ? -18.846 -8.340  2.254   1.00 67.67  ? 32 C   D OP2   1 
ATOM   938  O  "O5'" . C   D 4 2  ? -19.567 -10.423 1.060   1.00 68.72  ? 32 C   D "O5'" 1 
ATOM   939  C  "C5'" . C   D 4 2  ? -19.948 -11.787 0.999   1.00 67.77  ? 32 C   D "C5'" 1 
ATOM   940  C  "C4'" . C   D 4 2  ? -20.389 -12.156 -0.390  1.00 66.43  ? 32 C   D "C4'" 1 
ATOM   941  O  "O4'" . C   D 4 2  ? -21.549 -11.365 -0.745  1.00 68.17  ? 32 C   D "O4'" 1 
ATOM   942  C  "C3'" . C   D 4 2  ? -19.395 -11.878 -1.498  1.00 66.54  ? 32 C   D "C3'" 1 
ATOM   943  O  "O3'" . C   D 4 2  ? -18.494 -12.959 -1.629  1.00 66.63  ? 32 C   D "O3'" 1 
ATOM   944  C  "C2'" . C   D 4 2  ? -20.304 -11.781 -2.712  1.00 67.78  ? 32 C   D "C2'" 1 
ATOM   945  O  "O2'" . C   D 4 2  ? -20.733 -13.052 -3.150  1.00 64.74  ? 32 C   D "O2'" 1 
ATOM   946  C  "C1'" . C   D 4 2  ? -21.504 -11.047 -2.124  1.00 67.57  ? 32 C   D "C1'" 1 
ATOM   947  N  N1    . C   D 4 2  ? -21.386 -9.589  -2.258  1.00 68.36  ? 32 C   D N1    1 
ATOM   948  C  C2    . C   D 4 2  ? -21.490 -9.012  -3.526  1.00 69.15  ? 32 C   D C2    1 
ATOM   949  O  O2    . C   D 4 2  ? -21.646 -9.749  -4.511  1.00 70.43  ? 32 C   D O2    1 
ATOM   950  N  N3    . C   D 4 2  ? -21.409 -7.669  -3.648  1.00 68.78  ? 32 C   D N3    1 
ATOM   951  C  C4    . C   D 4 2  ? -21.227 -6.914  -2.566  1.00 68.38  ? 32 C   D C4    1 
ATOM   952  N  N4    . C   D 4 2  ? -21.166 -5.596  -2.729  1.00 69.49  ? 32 C   D N4    1 
ATOM   953  C  C5    . C   D 4 2  ? -21.102 -7.475  -1.270  1.00 68.96  ? 32 C   D C5    1 
ATOM   954  C  C6    . C   D 4 2  ? -21.190 -8.805  -1.161  1.00 69.21  ? 32 C   D C6    1 
ATOM   955  P  P     . G   D 4 3  ? -17.045 -12.719 -2.276  1.00 67.04  ? 33 G   D P     1 
ATOM   956  O  OP1   . G   D 4 3  ? -16.321 -13.996 -2.130  1.00 69.91  ? 33 G   D OP1   1 
ATOM   957  O  OP2   . G   D 4 3  ? -16.468 -11.469 -1.717  1.00 67.43  ? 33 G   D OP2   1 
ATOM   958  O  "O5'" . G   D 4 3  ? -17.303 -12.469 -3.828  1.00 72.21  ? 33 G   D "O5'" 1 
ATOM   959  C  "C5'" . G   D 4 3  ? -17.669 -13.523 -4.720  1.00 69.45  ? 33 G   D "C5'" 1 
ATOM   960  C  "C4'" . G   D 4 3  ? -17.810 -12.964 -6.112  1.00 67.74  ? 33 G   D "C4'" 1 
ATOM   961  O  "O4'" . G   D 4 3  ? -18.817 -11.923 -6.097  1.00 66.82  ? 33 G   D "O4'" 1 
ATOM   962  C  "C3'" . G   D 4 3  ? -16.562 -12.279 -6.636  1.00 66.62  ? 33 G   D "C3'" 1 
ATOM   963  O  "O3'" . G   D 4 3  ? -15.769 -13.253 -7.295  1.00 68.21  ? 33 G   D "O3'" 1 
ATOM   964  C  "C2'" . G   D 4 3  ? -17.125 -11.286 -7.641  1.00 65.37  ? 33 G   D "C2'" 1 
ATOM   965  O  "O2'" . G   D 4 3  ? -17.410 -11.863 -8.893  1.00 66.60  ? 33 G   D "O2'" 1 
ATOM   966  C  "C1'" . G   D 4 3  ? -18.432 -10.875 -6.965  1.00 65.24  ? 33 G   D "C1'" 1 
ATOM   967  N  N9    . G   D 4 3  ? -18.346 -9.654  -6.172  1.00 65.23  ? 33 G   D N9    1 
ATOM   968  C  C8    . G   D 4 3  ? -18.331 -9.560  -4.804  1.00 64.50  ? 33 G   D C8    1 
ATOM   969  N  N7    . G   D 4 3  ? -18.302 -8.327  -4.376  1.00 64.99  ? 33 G   D N7    1 
ATOM   970  C  C5    . G   D 4 3  ? -18.289 -7.566  -5.534  1.00 64.92  ? 33 G   D C5    1 
ATOM   971  C  C6    . G   D 4 3  ? -18.274 -6.167  -5.705  1.00 66.23  ? 33 G   D C6    1 
ATOM   972  O  O6    . G   D 4 3  ? -18.279 -5.288  -4.838  1.00 66.74  ? 33 G   D O6    1 
ATOM   973  N  N1    . G   D 4 3  ? -18.259 -5.815  -7.053  1.00 66.40  ? 33 G   D N1    1 
ATOM   974  C  C2    . G   D 4 3  ? -18.266 -6.701  -8.103  1.00 65.78  ? 33 G   D C2    1 
ATOM   975  N  N2    . G   D 4 3  ? -18.248 -6.170  -9.336  1.00 65.48  ? 33 G   D N2    1 
ATOM   976  N  N3    . G   D 4 3  ? -18.288 -8.012  -7.955  1.00 64.95  ? 33 G   D N3    1 
ATOM   977  C  C4    . G   D 4 3  ? -18.299 -8.372  -6.654  1.00 65.29  ? 33 G   D C4    1 
ATOM   978  P  P     . U   D 4 4  ? -14.207 -12.988 -7.525  1.00 68.46  ? 34 U   D P     1 
ATOM   979  O  OP1   . U   D 4 4  ? -13.658 -14.169 -8.239  1.00 69.29  ? 34 U   D OP1   1 
ATOM   980  O  OP2   . U   D 4 4  ? -13.637 -12.583 -6.216  1.00 71.89  ? 34 U   D OP2   1 
ATOM   981  O  "O5'" . U   D 4 4  ? -14.151 -11.751 -8.523  1.00 70.55  ? 34 U   D "O5'" 1 
ATOM   982  C  "C5'" . U   D 4 4  ? -14.266 -11.966 -9.916  1.00 70.39  ? 34 U   D "C5'" 1 
ATOM   983  C  "C4'" . U   D 4 4  ? -14.325 -10.661 -10.661 1.00 70.29  ? 34 U   D "C4'" 1 
ATOM   984  O  "O4'" . U   D 4 4  ? -15.370 -9.824  -10.100 1.00 69.70  ? 34 U   D "O4'" 1 
ATOM   985  C  "C3'" . U   D 4 4  ? -13.086 -9.803  -10.522 1.00 70.73  ? 34 U   D "C3'" 1 
ATOM   986  O  "O3'" . U   D 4 4  ? -12.109 -10.213 -11.455 1.00 74.68  ? 34 U   D "O3'" 1 
ATOM   987  C  "C2'" . U   D 4 4  ? -13.614 -8.418  -10.848 1.00 69.87  ? 34 U   D "C2'" 1 
ATOM   988  O  "O2'" . U   D 4 4  ? -13.762 -8.196  -12.232 1.00 71.38  ? 34 U   D "O2'" 1 
ATOM   989  C  "C1'" . U   D 4 4  ? -14.991 -8.466  -10.205 1.00 68.55  ? 34 U   D "C1'" 1 
ATOM   990  N  N1    . U   D 4 4  ? -14.964 -7.853  -8.877  1.00 68.88  ? 34 U   D N1    1 
ATOM   991  C  C2    . U   D 4 4  ? -14.793 -6.493  -8.847  1.00 69.23  ? 34 U   D C2    1 
ATOM   992  O  O2    . U   D 4 4  ? -14.669 -5.828  -9.860  1.00 70.63  ? 34 U   D O2    1 
ATOM   993  N  N3    . U   D 4 4  ? -14.769 -5.937  -7.598  1.00 67.44  ? 34 U   D N3    1 
ATOM   994  C  C4    . U   D 4 4  ? -14.897 -6.595  -6.403  1.00 67.08  ? 34 U   D C4    1 
ATOM   995  O  O4    . U   D 4 4  ? -14.904 -5.948  -5.358  1.00 66.98  ? 34 U   D O4    1 
ATOM   996  C  C5    . U   D 4 4  ? -15.062 -8.010  -6.517  1.00 66.96  ? 34 U   D C5    1 
ATOM   997  C  C6    . U   D 4 4  ? -15.094 -8.577  -7.725  1.00 67.97  ? 34 U   D C6    1 
ATOM   998  P  P     . G   D 4 5  ? -10.571 -9.855  -11.198 1.00 74.52  ? 35 G   D P     1 
ATOM   999  O  OP1   . G   D 4 5  ? -9.790  -10.531 -12.262 1.00 75.12  ? 35 G   D OP1   1 
ATOM   1000 O  OP2   . G   D 4 5  ? -10.277 -10.137 -9.767  1.00 75.36  ? 35 G   D OP2   1 
ATOM   1001 O  "O5'" . G   D 4 5  ? -10.496 -8.282  -11.436 1.00 74.97  ? 35 G   D "O5'" 1 
ATOM   1002 C  "C5'" . G   D 4 5  ? -10.700 -7.737  -12.734 1.00 70.57  ? 35 G   D "C5'" 1 
ATOM   1003 C  "C4'" . G   D 4 5  ? -10.727 -6.228  -12.677 1.00 70.18  ? 35 G   D "C4'" 1 
ATOM   1004 O  "O4'" . G   D 4 5  ? -11.720 -5.813  -11.706 1.00 67.77  ? 35 G   D "O4'" 1 
ATOM   1005 C  "C3'" . G   D 4 5  ? -9.444  -5.566  -12.198 1.00 72.24  ? 35 G   D "C3'" 1 
ATOM   1006 O  "O3'" . G   D 4 5  ? -8.556  -5.395  -13.301 1.00 75.39  ? 35 G   D "O3'" 1 
ATOM   1007 C  "C2'" . G   D 4 5  ? -9.946  -4.228  -11.659 1.00 70.35  ? 35 G   D "C2'" 1 
ATOM   1008 O  "O2'" . G   D 4 5  ? -10.163 -3.262  -12.668 1.00 70.50  ? 35 G   D "O2'" 1 
ATOM   1009 C  "C1'" . G   D 4 5  ? -11.292 -4.629  -11.057 1.00 65.30  ? 35 G   D "C1'" 1 
ATOM   1010 N  N9    . G   D 4 5  ? -11.340 -4.852  -9.614  1.00 62.02  ? 35 G   D N9    1 
ATOM   1011 C  C8    . G   D 4 5  ? -11.345 -6.061  -8.962  1.00 60.03  ? 35 G   D C8    1 
ATOM   1012 N  N7    . G   D 4 5  ? -11.491 -5.944  -7.669  1.00 60.79  ? 35 G   D N7    1 
ATOM   1013 C  C5    . G   D 4 5  ? -11.571 -4.571  -7.456  1.00 60.72  ? 35 G   D C5    1 
ATOM   1014 C  C6    . G   D 4 5  ? -11.759 -3.831  -6.253  1.00 62.34  ? 35 G   D C6    1 
ATOM   1015 O  O6    . G   D 4 5  ? -11.929 -4.255  -5.095  1.00 66.31  ? 35 G   D O6    1 
ATOM   1016 N  N1    . G   D 4 5  ? -11.751 -2.462  -6.493  1.00 60.62  ? 35 G   D N1    1 
ATOM   1017 C  C2    . G   D 4 5  ? -11.592 -1.874  -7.723  1.00 60.14  ? 35 G   D C2    1 
ATOM   1018 N  N2    . G   D 4 5  ? -11.576 -0.537  -7.742  1.00 60.87  ? 35 G   D N2    1 
ATOM   1019 N  N3    . G   D 4 5  ? -11.450 -2.547  -8.851  1.00 60.75  ? 35 G   D N3    1 
ATOM   1020 C  C4    . G   D 4 5  ? -11.447 -3.882  -8.643  1.00 60.58  ? 35 G   D C4    1 
ATOM   1021 P  P     . G   D 4 6  ? -6.964  -5.411  -13.062 1.00 77.13  ? 36 G   D P     1 
ATOM   1022 O  OP1   . G   D 4 6  ? -6.304  -5.843  -14.322 1.00 77.03  ? 36 G   D OP1   1 
ATOM   1023 O  OP2   . G   D 4 6  ? -6.735  -6.186  -11.814 1.00 77.73  ? 36 G   D OP2   1 
ATOM   1024 O  "O5'" . G   D 4 6  ? -6.600  -3.875  -12.819 1.00 77.23  ? 36 G   D "O5'" 1 
ATOM   1025 C  "C5'" . G   D 4 6  ? -7.173  -2.860  -13.641 1.00 75.05  ? 36 G   D "C5'" 1 
ATOM   1026 C  "C4'" . G   D 4 6  ? -7.049  -1.507  -12.982 1.00 76.19  ? 36 G   D "C4'" 1 
ATOM   1027 O  "O4'" . G   D 4 6  ? -7.670  -1.536  -11.679 1.00 73.97  ? 36 G   D "O4'" 1 
ATOM   1028 C  "C3'" . G   D 4 6  ? -5.597  -1.097  -12.755 1.00 75.64  ? 36 G   D "C3'" 1 
ATOM   1029 O  "O3'" . G   D 4 6  ? -5.535  0.313   -13.027 1.00 78.69  ? 36 G   D "O3'" 1 
ATOM   1030 C  "C2'" . G   D 4 6  ? -5.297  -1.503  -11.308 1.00 73.16  ? 36 G   D "C2'" 1 
ATOM   1031 O  "O2'" . G   D 4 6  ? -4.441  -0.630  -10.606 1.00 77.48  ? 36 G   D "O2'" 1 
ATOM   1032 C  "C1'" . G   D 4 6  ? -6.689  -1.402  -10.683 1.00 69.16  ? 36 G   D "C1'" 1 
ATOM   1033 N  N9    . G   D 4 6  ? -6.976  -2.261  -9.542  1.00 63.03  ? 36 G   D N9    1 
ATOM   1034 C  C8    . G   D 4 6  ? -6.821  -3.620  -9.476  1.00 62.39  ? 36 G   D C8    1 
ATOM   1035 N  N7    . G   D 4 6  ? -7.281  -4.132  -8.366  1.00 62.29  ? 36 G   D N7    1 
ATOM   1036 C  C5    . G   D 4 6  ? -7.763  -3.040  -7.656  1.00 60.03  ? 36 G   D C5    1 
ATOM   1037 C  C6    . G   D 4 6  ? -8.382  -2.970  -6.376  1.00 60.20  ? 36 G   D C6    1 
ATOM   1038 O  O6    . G   D 4 6  ? -8.636  -3.900  -5.587  1.00 59.19  ? 36 G   D O6    1 
ATOM   1039 N  N1    . G   D 4 6  ? -8.712  -1.657  -6.038  1.00 59.41  ? 36 G   D N1    1 
ATOM   1040 C  C2    . G   D 4 6  ? -8.475  -0.555  -6.822  1.00 58.63  ? 36 G   D C2    1 
ATOM   1041 N  N2    . G   D 4 6  ? -8.856  0.630   -6.311  1.00 58.40  ? 36 G   D N2    1 
ATOM   1042 N  N3    . G   D 4 6  ? -7.904  -0.609  -8.019  1.00 58.24  ? 36 G   D N3    1 
ATOM   1043 C  C4    . G   D 4 6  ? -7.576  -1.876  -8.367  1.00 59.92  ? 36 G   D C4    1 
ATOM   1044 P  P     . U   D 4 7  ? -4.222  0.998   -13.651 1.00 81.18  ? 37 U   D P     1 
ATOM   1045 O  OP1   . U   D 4 7  ? -4.657  2.328   -14.164 1.00 78.98  ? 37 U   D OP1   1 
ATOM   1046 O  OP2   . U   D 4 7  ? -3.559  0.030   -14.568 1.00 78.05  ? 37 U   D OP2   1 
ATOM   1047 O  "O5'" . U   D 4 7  ? -3.288  1.315   -12.397 1.00 83.12  ? 37 U   D "O5'" 1 
ATOM   1048 C  "C5'" . U   D 4 7  ? -2.298  2.328   -12.505 1.00 81.18  ? 37 U   D "C5'" 1 
ATOM   1049 C  "C4'" . U   D 4 7  ? -2.131  3.092   -11.208 1.00 79.53  ? 37 U   D "C4'" 1 
ATOM   1050 O  "O4'" . U   D 4 7  ? -3.383  3.725   -10.826 1.00 79.04  ? 37 U   D "O4'" 1 
ATOM   1051 C  "C3'" . U   D 4 7  ? -1.764  2.163   -10.052 1.00 77.90  ? 37 U   D "C3'" 1 
ATOM   1052 O  "O3'" . U   D 4 7  ? -0.676  2.693   -9.306  1.00 74.65  ? 37 U   D "O3'" 1 
ATOM   1053 C  "C2'" . U   D 4 7  ? -3.061  1.913   -9.281  1.00 77.29  ? 37 U   D "C2'" 1 
ATOM   1054 O  "O2'" . U   D 4 7  ? -2.901  1.920   -7.878  1.00 79.10  ? 37 U   D "O2'" 1 
ATOM   1055 C  "C1'" . U   D 4 7  ? -3.848  3.172   -9.619  1.00 78.67  ? 37 U   D "C1'" 1 
ATOM   1056 N  N1    . U   D 4 7  ? -5.310  3.127   -9.592  1.00 81.27  ? 37 U   D N1    1 
ATOM   1057 C  C2    . U   D 4 7  ? -5.912  3.686   -8.489  1.00 82.44  ? 37 U   D C2    1 
ATOM   1058 O  O2    . U   D 4 7  ? -5.277  4.244   -7.613  1.00 82.61  ? 37 U   D O2    1 
ATOM   1059 N  N3    . U   D 4 7  ? -7.276  3.572   -8.450  1.00 83.91  ? 37 U   D N3    1 
ATOM   1060 C  C4    . U   D 4 7  ? -8.082  2.975   -9.394  1.00 85.84  ? 37 U   D C4    1 
ATOM   1061 O  O4    . U   D 4 7  ? -9.288  2.839   -9.164  1.00 88.84  ? 37 U   D O4    1 
ATOM   1062 C  C5    . U   D 4 7  ? -7.381  2.455   -10.530 1.00 85.83  ? 37 U   D C5    1 
ATOM   1063 C  C6    . U   D 4 7  ? -6.048  2.549   -10.586 1.00 84.56  ? 37 U   D C6    1 
ATOM   1064 P  P     . A   D 4 8  ? 0.591   1.783   -8.951  1.00 69.83  ? 38 A   D P     1 
ATOM   1065 O  OP1   . A   D 4 8  ? 1.263   2.494   -7.832  1.00 69.77  ? 38 A   D OP1   1 
ATOM   1066 O  OP2   . A   D 4 8  ? 1.350   1.471   -10.188 1.00 68.49  ? 38 A   D OP2   1 
ATOM   1067 O  "O5'" . A   D 4 8  ? -0.039  0.416   -8.435  1.00 70.43  ? 38 A   D "O5'" 1 
ATOM   1068 C  "C5'" . A   D 4 8  ? -0.064  0.092   -7.055  1.00 64.92  ? 38 A   D "C5'" 1 
ATOM   1069 C  "C4'" . A   D 4 8  ? -0.512  -1.339  -6.910  1.00 62.17  ? 38 A   D "C4'" 1 
ATOM   1070 O  "O4'" . A   D 4 8  ? -0.545  -1.714  -5.522  1.00 60.46  ? 38 A   D "O4'" 1 
ATOM   1071 C  "C3'" . A   D 4 8  ? -1.908  -1.623  -7.470  1.00 62.46  ? 38 A   D "C3'" 1 
ATOM   1072 O  "O3'" . A   D 4 8  ? -1.919  -2.941  -8.057  1.00 68.51  ? 38 A   D "O3'" 1 
ATOM   1073 C  "C2'" . A   D 4 8  ? -2.803  -1.582  -6.232  1.00 60.43  ? 38 A   D "C2'" 1 
ATOM   1074 O  "O2'" . A   D 4 8  ? -3.842  -2.518  -6.306  1.00 59.49  ? 38 A   D "O2'" 1 
ATOM   1075 C  "C1'" . A   D 4 8  ? -1.845  -2.081  -5.170  1.00 58.30  ? 38 A   D "C1'" 1 
ATOM   1076 N  N9    . A   D 4 8  ? -2.173  -1.866  -3.763  1.00 56.41  ? 38 A   D N9    1 
ATOM   1077 C  C8    . A   D 4 8  ? -2.396  -2.825  -2.810  1.00 55.54  ? 38 A   D C8    1 
ATOM   1078 N  N7    . A   D 4 8  ? -2.701  -2.345  -1.637  1.00 55.54  ? 38 A   D N7    1 
ATOM   1079 C  C5    . A   D 4 8  ? -2.662  -0.973  -1.822  1.00 57.26  ? 38 A   D C5    1 
ATOM   1080 C  C6    . A   D 4 8  ? -2.897  0.098   -0.941  1.00 59.92  ? 38 A   D C6    1 
ATOM   1081 N  N6    . A   D 4 8  ? -3.215  -0.059  0.356   1.00 60.04  ? 38 A   D N6    1 
ATOM   1082 N  N1    . A   D 4 8  ? -2.793  1.354   -1.437  1.00 60.01  ? 38 A   D N1    1 
ATOM   1083 C  C2    . A   D 4 8  ? -2.466  1.506   -2.736  1.00 60.04  ? 38 A   D C2    1 
ATOM   1084 N  N3    . A   D 4 8  ? -2.213  0.573   -3.663  1.00 58.01  ? 38 A   D N3    1 
ATOM   1085 C  C4    . A   D 4 8  ? -2.334  -0.660  -3.134  1.00 56.38  ? 38 A   D C4    1 
ATOM   1086 P  P     . C   D 4 9  ? -1.422  -3.303  -9.546  1.00 69.90  ? 39 C   D P     1 
ATOM   1087 O  OP1   . C   D 4 9  ? -2.110  -2.379  -10.487 1.00 65.50  ? 39 C   D OP1   1 
ATOM   1088 O  OP2   . C   D 4 9  ? -1.636  -4.769  -9.676  1.00 69.03  ? 39 C   D OP2   1 
ATOM   1089 O  "O5'" . C   D 4 9  ? 0.150   -2.989  -9.522  1.00 74.52  ? 39 C   D "O5'" 1 
ATOM   1090 C  "C5'" . C   D 4 9  ? 1.179   -4.012  -9.572  1.00 79.15  ? 39 C   D "C5'" 1 
ATOM   1091 C  "C4'" . C   D 4 9  ? 2.381   -3.448  -10.300 1.00 81.06  ? 39 C   D "C4'" 1 
ATOM   1092 O  "O4'" . C   D 4 9  ? 1.922   -3.110  -11.618 1.00 84.59  ? 39 C   D "O4'" 1 
ATOM   1093 C  "C3'" . C   D 4 9  ? 2.898   -2.167  -9.632  1.00 81.64  ? 39 C   D "C3'" 1 
ATOM   1094 O  "O3'" . C   D 4 9  ? 4.320   -2.236  -9.599  1.00 79.78  ? 39 C   D "O3'" 1 
ATOM   1095 C  "C2'" . C   D 4 9  ? 2.530   -1.059  -10.624 1.00 83.58  ? 39 C   D "C2'" 1 
ATOM   1096 O  "O2'" . C   D 4 9  ? 3.605   -0.136  -10.753 1.00 84.10  ? 39 C   D "O2'" 1 
ATOM   1097 C  "C1'" . C   D 4 9  ? 2.345   -1.820  -11.930 1.00 88.03  ? 39 C   D "C1'" 1 
ATOM   1098 N  N1    . C   D 4 9  ? 1.419   -1.215  -12.887 1.00 92.72  ? 39 C   D N1    1 
ATOM   1099 C  C2    . C   D 4 9  ? 1.963   -0.588  -14.014 1.00 94.45  ? 39 C   D C2    1 
ATOM   1100 O  O2    . C   D 4 9  ? 3.191   -0.661  -14.208 1.00 95.28  ? 39 C   D O2    1 
ATOM   1101 N  N3    . C   D 4 9  ? 1.148   0.067   -14.863 1.00 95.37  ? 39 C   D N3    1 
ATOM   1102 C  C4    . C   D 4 9  ? -0.168  0.088   -14.638 1.00 95.20  ? 39 C   D C4    1 
ATOM   1103 N  N4    . C   D 4 9  ? -0.929  0.792   -15.476 1.00 96.73  ? 39 C   D N4    1 
ATOM   1104 C  C5    . C   D 4 9  ? -0.758  -0.599  -13.533 1.00 94.06  ? 39 C   D C5    1 
ATOM   1105 C  C6    . C   D 4 9  ? 0.067   -1.232  -12.689 1.00 93.16  ? 39 C   D C6    1 
ATOM   1106 P  P     . A   D 4 10 ? 5.173   -2.776  -8.371  1.00 76.46  ? 40 A   D P     1 
ATOM   1107 O  OP1   . A   D 4 10 ? 6.561   -2.271  -8.549  1.00 76.48  ? 40 A   D OP1   1 
ATOM   1108 O  OP2   . A   D 4 10 ? 4.933   -4.241  -8.322  1.00 78.95  ? 40 A   D OP2   1 
ATOM   1109 O  "O5'" . A   D 4 10 ? 4.572   -2.076  -7.075  1.00 78.80  ? 40 A   D "O5'" 1 
ATOM   1110 C  "C5'" . A   D 4 10 ? 4.635   -0.662  -6.916  1.00 74.01  ? 40 A   D "C5'" 1 
ATOM   1111 C  "C4'" . A   D 4 10 ? 4.015   -0.254  -5.601  1.00 72.08  ? 40 A   D "C4'" 1 
ATOM   1112 O  "O4'" . A   D 4 10 ? 2.645   -0.724  -5.571  1.00 70.99  ? 40 A   D "O4'" 1 
ATOM   1113 C  "C3'" . A   D 4 10 ? 4.636   -0.862  -4.353  1.00 72.92  ? 40 A   D "C3'" 1 
ATOM   1114 O  "O3'" . A   D 4 10 ? 5.732   -0.079  -3.900  1.00 73.63  ? 40 A   D "O3'" 1 
ATOM   1115 C  "C2'" . A   D 4 10 ? 3.489   -0.785  -3.359  1.00 70.97  ? 40 A   D "C2'" 1 
ATOM   1116 O  "O2'" . A   D 4 10 ? 3.342   0.519   -2.836  1.00 76.04  ? 40 A   D "O2'" 1 
ATOM   1117 C  "C1'" . A   D 4 10 ? 2.294   -1.100  -4.254  1.00 67.61  ? 40 A   D "C1'" 1 
ATOM   1118 N  N9    . A   D 4 10 ? 1.925   -2.513  -4.260  1.00 62.72  ? 40 A   D N9    1 
ATOM   1119 C  C8    . A   D 4 10 ? 2.130   -3.442  -5.246  1.00 60.65  ? 40 A   D C8    1 
ATOM   1120 N  N7    . A   D 4 10 ? 1.692   -4.639  -4.942  1.00 61.26  ? 40 A   D N7    1 
ATOM   1121 C  C5    . A   D 4 10 ? 1.163   -4.488  -3.669  1.00 62.25  ? 40 A   D C5    1 
ATOM   1122 C  C6    . A   D 4 10 ? 0.548   -5.394  -2.773  1.00 62.46  ? 40 A   D C6    1 
ATOM   1123 N  N6    . A   D 4 10 ? 0.368   -6.691  -3.036  1.00 62.85  ? 40 A   D N6    1 
ATOM   1124 N  N1    . A   D 4 10 ? 0.130   -4.913  -1.582  1.00 60.79  ? 40 A   D N1    1 
ATOM   1125 C  C2    . A   D 4 10 ? 0.320   -3.620  -1.314  1.00 60.14  ? 40 A   D C2    1 
ATOM   1126 N  N3    . A   D 4 10 ? 0.884   -2.675  -2.065  1.00 62.75  ? 40 A   D N3    1 
ATOM   1127 C  C4    . A   D 4 10 ? 1.290   -3.180  -3.241  1.00 62.66  ? 40 A   D C4    1 
ATOM   1128 P  P     . U   D 4 11 ? 7.024   -0.800  -3.273  1.00 70.72  ? 41 U   D P     1 
ATOM   1129 O  OP1   . U   D 4 11 ? 8.019   0.273   -3.035  1.00 73.83  ? 41 U   D OP1   1 
ATOM   1130 O  OP2   . U   D 4 11 ? 7.381   -1.962  -4.119  1.00 73.31  ? 41 U   D OP2   1 
ATOM   1131 O  "O5'" . U   D 4 11 ? 6.524   -1.359  -1.870  1.00 69.62  ? 41 U   D "O5'" 1 
ATOM   1132 C  "C5'" . U   D 4 11 ? 5.995   -0.469  -0.912  1.00 64.25  ? 41 U   D "C5'" 1 
ATOM   1133 C  "C4'" . U   D 4 11 ? 5.436   -1.213  0.274   1.00 63.13  ? 41 U   D "C4'" 1 
ATOM   1134 O  "O4'" . U   D 4 11 ? 4.481   -2.209  -0.168  1.00 58.97  ? 41 U   D "O4'" 1 
ATOM   1135 C  "C3'" . U   D 4 11 ? 6.508   -1.977  1.051   1.00 63.90  ? 41 U   D "C3'" 1 
ATOM   1136 O  "O3'" . U   D 4 11 ? 6.301   -1.687  2.439   1.00 66.63  ? 41 U   D "O3'" 1 
ATOM   1137 C  "C2'" . U   D 4 11 ? 6.414   -3.427  0.568   1.00 63.06  ? 41 U   D "C2'" 1 
ATOM   1138 O  "O2'" . U   D 4 11 ? 6.621   -4.405  1.568   1.00 65.79  ? 41 U   D "O2'" 1 
ATOM   1139 C  "C1'" . U   D 4 11 ? 4.947   -3.494  0.146   1.00 61.41  ? 41 U   D "C1'" 1 
ATOM   1140 N  N1    . U   D 4 11 ? 4.506   -4.469  -0.858  1.00 62.11  ? 41 U   D N1    1 
ATOM   1141 C  C2    . U   D 4 11 ? 3.732   -5.519  -0.396  1.00 61.35  ? 41 U   D C2    1 
ATOM   1142 O  O2    . U   D 4 11 ? 3.349   -5.596  0.758   1.00 60.09  ? 41 U   D O2    1 
ATOM   1143 N  N3    . U   D 4 11 ? 3.416   -6.464  -1.335  1.00 60.86  ? 41 U   D N3    1 
ATOM   1144 C  C4    . U   D 4 11 ? 3.773   -6.455  -2.668  1.00 62.55  ? 41 U   D C4    1 
ATOM   1145 O  O4    . U   D 4 11 ? 3.488   -7.423  -3.375  1.00 63.89  ? 41 U   D O4    1 
ATOM   1146 C  C5    . U   D 4 11 ? 4.531   -5.308  -3.079  1.00 62.70  ? 41 U   D C5    1 
ATOM   1147 C  C6    . U   D 4 11 ? 4.862   -4.376  -2.179  1.00 63.12  ? 41 U   D C6    1 
ATOM   1148 P  P     . U   D 4 12 ? 7.347   -2.144  3.566   1.00 60.94  ? 42 U   D P     1 
ATOM   1149 O  OP1   . U   D 4 12 ? 7.881   -0.878  4.131   1.00 63.42  ? 42 U   D OP1   1 
ATOM   1150 O  OP2   . U   D 4 12 ? 8.280   -3.176  3.048   1.00 66.38  ? 42 U   D OP2   1 
ATOM   1151 O  "O5'" . U   D 4 12 ? 6.402   -2.830  4.652   1.00 62.32  ? 42 U   D "O5'" 1 
ATOM   1152 C  "C5'" . U   D 4 12 ? 6.924   -3.443  5.826   1.00 62.59  ? 42 U   D "C5'" 1 
ATOM   1153 C  "C4'" . U   D 4 12 ? 6.237   -4.766  6.063   1.00 64.08  ? 42 U   D "C4'" 1 
ATOM   1154 O  "O4'" . U   D 4 12 ? 4.803   -4.566  6.050   1.00 63.95  ? 42 U   D "O4'" 1 
ATOM   1155 C  "C3'" . U   D 4 12 ? 6.539   -5.705  4.895   1.00 65.09  ? 42 U   D "C3'" 1 
ATOM   1156 O  "O3'" . U   D 4 12 ? 6.571   -7.039  5.374   1.00 64.62  ? 42 U   D "O3'" 1 
ATOM   1157 C  "C2'" . U   D 4 12 ? 5.355   -5.557  3.951   1.00 64.10  ? 42 U   D "C2'" 1 
ATOM   1158 O  "O2'" . U   D 4 12 ? 4.979   -6.737  3.288   1.00 67.24  ? 42 U   D "O2'" 1 
ATOM   1159 C  "C1'" . U   D 4 12 ? 4.250   -5.220  4.938   1.00 63.00  ? 42 U   D "C1'" 1 
ATOM   1160 N  N1    . U   D 4 12 ? 3.106   -4.485  4.407   1.00 62.81  ? 42 U   D N1    1 
ATOM   1161 C  C2    . U   D 4 12 ? 1.891   -5.129  4.445   1.00 60.56  ? 42 U   D C2    1 
ATOM   1162 O  O2    . U   D 4 12 ? 1.740   -6.219  4.961   1.00 58.46  ? 42 U   D O2    1 
ATOM   1163 N  N3    . U   D 4 12 ? 0.863   -4.448  3.867   1.00 60.06  ? 42 U   D N3    1 
ATOM   1164 C  C4    . U   D 4 12 ? 0.927   -3.211  3.288   1.00 62.16  ? 42 U   D C4    1 
ATOM   1165 O  O4    . U   D 4 12 ? -0.068  -2.765  2.734   1.00 64.17  ? 42 U   D O4    1 
ATOM   1166 C  C5    . U   D 4 12 ? 2.216   -2.592  3.325   1.00 62.83  ? 42 U   D C5    1 
ATOM   1167 C  C6    . U   D 4 12 ? 3.237   -3.239  3.875   1.00 63.23  ? 42 U   D C6    1 
ATOM   1168 P  P     . A   D 4 13 ? 7.920   -7.889  5.386   1.00 62.82  ? 43 A   D P     1 
ATOM   1169 O  OP1   . A   D 4 13 ? 8.836   -7.191  6.316   1.00 65.05  ? 43 A   D OP1   1 
ATOM   1170 O  OP2   . A   D 4 13 ? 8.365   -8.193  4.000   1.00 63.51  ? 43 A   D OP2   1 
ATOM   1171 O  "O5'" . A   D 4 13 ? 7.412   -9.230  6.082   1.00 62.77  ? 43 A   D "O5'" 1 
ATOM   1172 C  "C5'" . A   D 4 13 ? 6.742   -9.170  7.340   1.00 66.15  ? 43 A   D "C5'" 1 
ATOM   1173 C  "C4'" . A   D 4 13 ? 5.608   -10.165 7.398   1.00 70.19  ? 43 A   D "C4'" 1 
ATOM   1174 O  "O4'" . A   D 4 13 ? 4.543   -9.758  6.508   1.00 69.71  ? 43 A   D "O4'" 1 
ATOM   1175 C  "C3'" . A   D 4 13 ? 5.936   -11.587 6.997   1.00 73.28  ? 43 A   D "C3'" 1 
ATOM   1176 O  "O3'" . A   D 4 13 ? 6.441   -12.281 8.124   1.00 77.56  ? 43 A   D "O3'" 1 
ATOM   1177 C  "C2'" . A   D 4 13 ? 4.569   -12.121 6.590   1.00 72.24  ? 43 A   D "C2'" 1 
ATOM   1178 O  "O2'" . A   D 4 13 ? 3.779   -12.453 7.716   1.00 69.60  ? 43 A   D "O2'" 1 
ATOM   1179 C  "C1'" . A   D 4 13 ? 3.963   -10.897 5.902   1.00 68.23  ? 43 A   D "C1'" 1 
ATOM   1180 N  N9    . A   D 4 13 ? 4.259   -10.813 4.474   1.00 65.64  ? 43 A   D N9    1 
ATOM   1181 C  C8    . A   D 4 13 ? 4.846   -9.748  3.844   1.00 64.52  ? 43 A   D C8    1 
ATOM   1182 N  N7    . A   D 4 13 ? 4.992   -9.908  2.552   1.00 64.05  ? 43 A   D N7    1 
ATOM   1183 C  C5    . A   D 4 13 ? 4.467   -11.168 2.314   1.00 64.85  ? 43 A   D C5    1 
ATOM   1184 C  C6    . A   D 4 13 ? 4.324   -11.922 1.134   1.00 64.85  ? 43 A   D C6    1 
ATOM   1185 N  N6    . A   D 4 13 ? 4.704   -11.491 -0.073  1.00 63.53  ? 43 A   D N6    1 
ATOM   1186 N  N1    . A   D 4 13 ? 3.769   -13.147 1.238   1.00 64.46  ? 43 A   D N1    1 
ATOM   1187 C  C2    . A   D 4 13 ? 3.378   -13.573 2.448   1.00 65.89  ? 43 A   D C2    1 
ATOM   1188 N  N3    . A   D 4 13 ? 3.453   -12.954 3.628   1.00 66.92  ? 43 A   D N3    1 
ATOM   1189 C  C4    . A   D 4 13 ? 4.014   -11.741 3.491   1.00 65.75  ? 43 A   D C4    1 
ATOM   1190 P  P     . C   D 4 14 ? 7.803   -13.118 8.001   1.00 78.56  ? 44 C   D P     1 
ATOM   1191 O  OP1   . C   D 4 14 ? 7.851   -13.940 9.236   1.00 80.04  ? 44 C   D OP1   1 
ATOM   1192 O  OP2   . C   D 4 14 ? 8.927   -12.199 7.683   1.00 76.96  ? 44 C   D OP2   1 
ATOM   1193 O  "O5'" . C   D 4 14 ? 7.572   -14.062 6.736   1.00 79.75  ? 44 C   D "O5'" 1 
ATOM   1194 C  "C5'" . C   D 4 14 ? 6.829   -15.279 6.833   1.00 78.56  ? 44 C   D "C5'" 1 
ATOM   1195 C  "C4'" . C   D 4 14 ? 6.806   -15.974 5.489   1.00 77.72  ? 44 C   D "C4'" 1 
ATOM   1196 O  "O4'" . C   D 4 14 ? 6.042   -15.173 4.554   1.00 75.80  ? 44 C   D "O4'" 1 
ATOM   1197 C  "C3'" . C   D 4 14 ? 8.163   -16.141 4.823   1.00 79.53  ? 44 C   D "C3'" 1 
ATOM   1198 O  "O3'" . C   D 4 14 ? 8.807   -17.326 5.274   1.00 83.72  ? 44 C   D "O3'" 1 
ATOM   1199 C  "C2'" . C   D 4 14 ? 7.790   -16.238 3.351   1.00 77.03  ? 44 C   D "C2'" 1 
ATOM   1200 O  "O2'" . C   D 4 14 ? 7.351   -17.520 2.968   1.00 77.87  ? 44 C   D "O2'" 1 
ATOM   1201 C  "C1'" . C   D 4 14 ? 6.632   -15.245 3.269   1.00 74.03  ? 44 C   D "C1'" 1 
ATOM   1202 N  N1    . C   D 4 14 ? 7.084   -13.898 2.905   1.00 70.36  ? 44 C   D N1    1 
ATOM   1203 C  C2    . C   D 4 14 ? 7.381   -13.628 1.572   1.00 70.17  ? 44 C   D C2    1 
ATOM   1204 O  O2    . C   D 4 14 ? 7.247   -14.531 0.730   1.00 70.75  ? 44 C   D O2    1 
ATOM   1205 N  N3    . C   D 4 14 ? 7.807   -12.388 1.231   1.00 69.66  ? 44 C   D N3    1 
ATOM   1206 C  C4    . C   D 4 14 ? 7.942   -11.445 2.170   1.00 68.25  ? 44 C   D C4    1 
ATOM   1207 N  N4    . C   D 4 14 ? 8.372   -10.238 1.793   1.00 66.59  ? 44 C   D N4    1 
ATOM   1208 C  C5    . C   D 4 14 ? 7.643   -11.698 3.537   1.00 68.33  ? 44 C   D C5    1 
ATOM   1209 C  C6    . C   D 4 14 ? 7.221   -12.927 3.857   1.00 70.08  ? 44 C   D C6    1 
ATOM   1210 P  P     . C   D 4 15 ? 10.409  -17.362 5.415   1.00 83.50  ? 45 C   D P     1 
ATOM   1211 O  OP1   . C   D 4 15 ? 10.741  -18.646 6.077   1.00 87.32  ? 45 C   D OP1   1 
ATOM   1212 O  OP2   . C   D 4 15 ? 10.854  -16.088 6.028   1.00 85.27  ? 45 C   D OP2   1 
ATOM   1213 O  "O5'" . C   D 4 15 ? 10.929  -17.415 3.910   1.00 83.84  ? 45 C   D "O5'" 1 
ATOM   1214 C  "C5'" . C   D 4 15 ? 10.610  -18.531 3.092   1.00 83.94  ? 45 C   D "C5'" 1 
ATOM   1215 C  "C4'" . C   D 4 15 ? 11.069  -18.320 1.670   1.00 83.87  ? 45 C   D "C4'" 1 
ATOM   1216 O  "O4'" . C   D 4 15 ? 10.306  -17.242 1.059   1.00 83.59  ? 45 C   D "O4'" 1 
ATOM   1217 C  "C3'" . C   D 4 15 ? 12.515  -17.882 1.506   1.00 86.00  ? 45 C   D "C3'" 1 
ATOM   1218 O  "O3'" . C   D 4 15 ? 13.410  -18.986 1.566   1.00 89.90  ? 45 C   D "O3'" 1 
ATOM   1219 C  "C2'" . C   D 4 15 ? 12.492  -17.232 0.129   1.00 84.94  ? 45 C   D "C2'" 1 
ATOM   1220 O  "O2'" . C   D 4 15 ? 12.520  -18.186 -0.911  1.00 84.12  ? 45 C   D "O2'" 1 
ATOM   1221 C  "C1'" . C   D 4 15 ? 11.129  -16.541 0.142   1.00 82.87  ? 45 C   D "C1'" 1 
ATOM   1222 N  N1    . C   D 4 15 ? 11.224  -15.128 0.544   1.00 81.42  ? 45 C   D N1    1 
ATOM   1223 C  C2    . C   D 4 15 ? 11.686  -14.202 -0.397  1.00 80.36  ? 45 C   D C2    1 
ATOM   1224 O  O2    . C   D 4 15 ? 11.975  -14.599 -1.538  1.00 80.82  ? 45 C   D O2    1 
ATOM   1225 N  N3    . C   D 4 15 ? 11.805  -12.903 -0.044  1.00 79.79  ? 45 C   D N3    1 
ATOM   1226 C  C4    . C   D 4 15 ? 11.479  -12.514 1.191   1.00 79.85  ? 45 C   D C4    1 
ATOM   1227 N  N4    . C   D 4 15 ? 11.616  -11.216 1.495   1.00 78.54  ? 45 C   D N4    1 
ATOM   1228 C  C5    . C   D 4 15 ? 10.999  -13.435 2.168   1.00 79.76  ? 45 C   D C5    1 
ATOM   1229 C  C6    . C   D 4 15 ? 10.885  -14.721 1.804   1.00 80.37  ? 45 C   D C6    1 
ATOM   1230 P  P     . U   D 4 16 ? 14.903  -18.778 2.133   1.00 91.26  ? 46 U   D P     1 
ATOM   1231 O  OP1   . U   D 4 16 ? 15.504  -20.125 2.278   1.00 94.70  ? 46 U   D OP1   1 
ATOM   1232 O  OP2   . U   D 4 16 ? 14.836  -17.878 3.315   1.00 90.58  ? 46 U   D OP2   1 
ATOM   1233 O  "O5'" . U   D 4 16 ? 15.661  -18.051 0.934   1.00 88.07  ? 46 U   D "O5'" 1 
ATOM   1234 C  "C5'" . U   D 4 16 ? 15.865  -18.745 -0.288  1.00 85.57  ? 46 U   D "C5'" 1 
ATOM   1235 C  "C4'" . U   D 4 16 ? 16.441  -17.839 -1.354  1.00 87.63  ? 46 U   D "C4'" 1 
ATOM   1236 O  "O4'" . U   D 4 16 ? 15.501  -16.767 -1.646  1.00 86.80  ? 46 U   D "O4'" 1 
ATOM   1237 C  "C3'" . U   D 4 16 ? 17.728  -17.109 -1.006  1.00 90.03  ? 46 U   D "C3'" 1 
ATOM   1238 O  "O3'" . U   D 4 16 ? 18.883  -17.928 -1.154  1.00 93.92  ? 46 U   D "O3'" 1 
ATOM   1239 C  "C2'" . U   D 4 16 ? 17.699  -15.934 -1.977  1.00 88.44  ? 46 U   D "C2'" 1 
ATOM   1240 O  "O2'" . U   D 4 16 ? 18.093  -16.276 -3.293  1.00 88.26  ? 46 U   D "O2'" 1 
ATOM   1241 C  "C1'" . U   D 4 16 ? 16.213  -15.578 -1.969  1.00 85.19  ? 46 U   D "C1'" 1 
ATOM   1242 N  N1    . U   D 4 16 ? 15.929  -14.554 -0.953  1.00 81.41  ? 46 U   D N1    1 
ATOM   1243 C  C2    . U   D 4 16 ? 16.296  -13.241 -1.239  1.00 80.62  ? 46 U   D C2    1 
ATOM   1244 O  O2    . U   D 4 16 ? 16.800  -12.903 -2.300  1.00 81.50  ? 46 U   D O2    1 
ATOM   1245 N  N3    . U   D 4 16 ? 16.046  -12.340 -0.234  1.00 80.11  ? 46 U   D N3    1 
ATOM   1246 C  C4    . U   D 4 16 ? 15.473  -12.602 0.996   1.00 80.65  ? 46 U   D C4    1 
ATOM   1247 O  O4    . U   D 4 16 ? 15.344  -11.686 1.818   1.00 78.99  ? 46 U   D O4    1 
ATOM   1248 C  C5    . U   D 4 16 ? 15.106  -13.975 1.203   1.00 79.70  ? 46 U   D C5    1 
ATOM   1249 C  C6    . U   D 4 16 ? 15.340  -14.878 0.244   1.00 79.42  ? 46 U   D C6    1 
ATOM   1250 P  P     . G   D 4 17 ? 20.134  -17.726 -0.160  1.00 94.48  ? 47 G   D P     1 
ATOM   1251 O  OP1   . G   D 4 17 ? 21.003  -18.923 -0.266  1.00 97.85  ? 47 G   D OP1   1 
ATOM   1252 O  OP2   . G   D 4 17 ? 19.595  -17.329 1.168   1.00 94.67  ? 47 G   D OP2   1 
ATOM   1253 O  "O5'" . G   D 4 17 ? 20.915  -16.492 -0.793  1.00 89.81  ? 47 G   D "O5'" 1 
ATOM   1254 C  "C5'" . G   D 4 17 ? 21.399  -16.563 -2.128  1.00 88.49  ? 47 G   D "C5'" 1 
ATOM   1255 C  "C4'" . G   D 4 17 ? 21.987  -15.238 -2.558  1.00 90.56  ? 47 G   D "C4'" 1 
ATOM   1256 O  "O4'" . G   D 4 17 ? 20.924  -14.260 -2.708  1.00 89.72  ? 47 G   D "O4'" 1 
ATOM   1257 C  "C3'" . G   D 4 17 ? 22.977  -14.585 -1.602  1.00 91.39  ? 47 G   D "C3'" 1 
ATOM   1258 O  "O3'" . G   D 4 17 ? 24.293  -15.102 -1.762  1.00 93.15  ? 47 G   D "O3'" 1 
ATOM   1259 C  "C2'" . G   D 4 17 ? 22.887  -13.123 -2.017  1.00 90.31  ? 47 G   D "C2'" 1 
ATOM   1260 O  "O2'" . G   D 4 17 ? 23.608  -12.873 -3.208  1.00 89.12  ? 47 G   D "O2'" 1 
ATOM   1261 C  "C1'" . G   D 4 17 ? 21.388  -12.983 -2.293  1.00 87.20  ? 47 G   D "C1'" 1 
ATOM   1262 N  N9    . G   D 4 17 ? 20.636  -12.586 -1.102  1.00 82.84  ? 47 G   D N9    1 
ATOM   1263 C  C8    . G   D 4 17 ? 19.923  -13.408 -0.262  1.00 81.84  ? 47 G   D C8    1 
ATOM   1264 N  N7    . G   D 4 17 ? 19.355  -12.769 0.723   1.00 80.18  ? 47 G   D N7    1 
ATOM   1265 C  C5    . G   D 4 17 ? 19.709  -11.441 0.521   1.00 80.57  ? 47 G   D C5    1 
ATOM   1266 C  C6    . G   D 4 17 ? 19.383  -10.277 1.268   1.00 79.65  ? 47 G   D C6    1 
ATOM   1267 O  O6    . G   D 4 17 ? 18.685  -10.182 2.288   1.00 79.66  ? 47 G   D O6    1 
ATOM   1268 N  N1    . G   D 4 17 ? 19.959  -9.138  0.716   1.00 78.96  ? 47 G   D N1    1 
ATOM   1269 C  C2    . G   D 4 17 ? 20.747  -9.118  -0.407  1.00 79.06  ? 47 G   D C2    1 
ATOM   1270 N  N2    . G   D 4 17 ? 21.220  -7.919  -0.772  1.00 79.05  ? 47 G   D N2    1 
ATOM   1271 N  N3    . G   D 4 17 ? 21.052  -10.192 -1.118  1.00 79.61  ? 47 G   D N3    1 
ATOM   1272 C  C4    . G   D 4 17 ? 20.504  -11.312 -0.601  1.00 80.63  ? 47 G   D C4    1 
ATOM   1273 P  P     . C   D 4 18 ? 25.363  -14.963 -0.566  1.00 92.15  ? 48 C   D P     1 
ATOM   1274 O  OP1   . C   D 4 18 ? 26.620  -15.576 -1.058  1.00 98.13  ? 48 C   D OP1   1 
ATOM   1275 O  OP2   . C   D 4 18 ? 24.760  -15.437 0.708   1.00 91.36  ? 48 C   D OP2   1 
ATOM   1276 O  "O5'" . C   D 4 18 ? 25.629  -13.400 -0.486  1.00 88.48  ? 48 C   D "O5'" 1 
ATOM   1277 C  "C5'" . C   D 4 18 ? 26.206  -12.740 -1.597  1.00 83.96  ? 48 C   D "C5'" 1 
ATOM   1278 C  "C4'" . C   D 4 18 ? 26.483  -11.299 -1.275  1.00 84.83  ? 48 C   D "C4'" 1 
ATOM   1279 O  "O4'" . C   D 4 18 ? 25.242  -10.545 -1.291  1.00 84.81  ? 48 C   D "O4'" 1 
ATOM   1280 C  "C3'" . C   D 4 18 ? 27.086  -11.025 0.089   1.00 84.79  ? 48 C   D "C3'" 1 
ATOM   1281 O  "O3'" . C   D 4 18 ? 28.492  -11.233 0.073   1.00 87.11  ? 48 C   D "O3'" 1 
ATOM   1282 C  "C2'" . C   D 4 18 ? 26.695  -9.566  0.300   1.00 85.42  ? 48 C   D "C2'" 1 
ATOM   1283 O  "O2'" . C   D 4 18 ? 27.509  -8.686  -0.448  1.00 83.13  ? 48 C   D "O2'" 1 
ATOM   1284 C  "C1'" . C   D 4 18 ? 25.283  -9.542  -0.287  1.00 84.68  ? 48 C   D "C1'" 1 
ATOM   1285 N  N1    . C   D 4 18 ? 24.270  -9.867  0.736   1.00 83.43  ? 48 C   D N1    1 
ATOM   1286 C  C2    . C   D 4 18 ? 23.885  -8.877  1.651   1.00 81.85  ? 48 C   D C2    1 
ATOM   1287 O  O2    . C   D 4 18 ? 24.351  -7.736  1.533   1.00 83.08  ? 48 C   D O2    1 
ATOM   1288 N  N3    . C   D 4 18 ? 23.014  -9.191  2.636   1.00 80.31  ? 48 C   D N3    1 
ATOM   1289 C  C4    . C   D 4 18 ? 22.523  -10.429 2.722   1.00 79.75  ? 48 C   D C4    1 
ATOM   1290 N  N4    . C   D 4 18 ? 21.694  -10.703 3.729   1.00 78.25  ? 48 C   D N4    1 
ATOM   1291 C  C5    . C   D 4 18 ? 22.866  -11.443 1.783   1.00 80.83  ? 48 C   D C5    1 
ATOM   1292 C  C6    . C   D 4 18 ? 23.733  -11.122 0.815   1.00 82.80  ? 48 C   D C6    1 
ATOM   1293 P  P     . C   D 4 19 ? 29.276  -11.532 1.446   1.00 86.82  ? 49 C   D P     1 
ATOM   1294 O  OP1   . C   D 4 19 ? 30.718  -11.612 1.113   1.00 91.88  ? 49 C   D OP1   1 
ATOM   1295 O  OP2   . C   D 4 19 ? 28.622  -12.662 2.161   1.00 86.26  ? 49 C   D OP2   1 
ATOM   1296 O  "O5'" . C   D 4 19 ? 29.051  -10.211 2.308   1.00 89.75  ? 49 C   D "O5'" 1 
ATOM   1297 C  "C5'" . C   D 4 19 ? 29.578  -8.956  1.889   1.00 86.39  ? 49 C   D "C5'" 1 
ATOM   1298 C  "C4'" . C   D 4 19 ? 29.183  -7.877  2.868   1.00 85.25  ? 49 C   D "C4'" 1 
ATOM   1299 O  "O4'" . C   D 4 19 ? 27.743  -7.689  2.821   1.00 82.44  ? 49 C   D "O4'" 1 
ATOM   1300 C  "C3'" . C   D 4 19 ? 29.449  -8.215  4.324   1.00 83.82  ? 49 C   D "C3'" 1 
ATOM   1301 O  "O3'" . C   D 4 19 ? 30.799  -8.130  4.769   1.00 87.73  ? 49 C   D "O3'" 1 
ATOM   1302 C  "C2'" . C   D 4 19 ? 28.473  -7.301  5.042   1.00 82.66  ? 49 C   D "C2'" 1 
ATOM   1303 O  "O2'" . C   D 4 19 ? 28.928  -5.969  5.040   1.00 80.37  ? 49 C   D "O2'" 1 
ATOM   1304 C  "C1'" . C   D 4 19 ? 27.258  -7.378  4.120   1.00 81.56  ? 49 C   D "C1'" 1 
ATOM   1305 N  N1    . C   D 4 19 ? 26.312  -8.423  4.550   1.00 79.17  ? 49 C   D N1    1 
ATOM   1306 C  C2    . C   D 4 19 ? 25.406  -8.130  5.575   1.00 78.34  ? 49 C   D C2    1 
ATOM   1307 O  O2    . C   D 4 19 ? 25.386  -6.990  6.052   1.00 79.71  ? 49 C   D O2    1 
ATOM   1308 N  N3    . C   D 4 19 ? 24.570  -9.089  6.012   1.00 77.17  ? 49 C   D N3    1 
ATOM   1309 C  C4    . C   D 4 19 ? 24.597  -10.295 5.458   1.00 77.99  ? 49 C   D C4    1 
ATOM   1310 N  N4    . C   D 4 19 ? 23.756  -11.211 5.927   1.00 79.22  ? 49 C   D N4    1 
ATOM   1311 C  C5    . C   D 4 19 ? 25.489  -10.618 4.398   1.00 79.04  ? 49 C   D C5    1 
ATOM   1312 C  C6    . C   D 4 19 ? 26.323  -9.660  3.980   1.00 78.63  ? 49 C   D C6    1 
HETATM 1313 CO CO    . NCO E 5 .  ? 9.165   -4.427  -6.560  1.00 103.76 ? 32 NCO C CO    1 
HETATM 1314 N  N1    . NCO E 5 .  ? 9.388   -6.417  -6.913  1.00 103.70 ? 32 NCO C N1    1 
HETATM 1315 N  N2    . NCO E 5 .  ? 8.692   -4.252  -8.506  1.00 105.49 ? 32 NCO C N2    1 
HETATM 1316 N  N3    . NCO E 5 .  ? 7.285   -4.625  -5.930  1.00 104.89 ? 32 NCO C N3    1 
HETATM 1317 N  N4    . NCO E 5 .  ? 11.007  -4.060  -7.118  1.00 104.20 ? 32 NCO C N4    1 
HETATM 1318 N  N5    . NCO E 5 .  ? 9.013   -2.492  -6.282  1.00 103.95 ? 32 NCO C N5    1 
HETATM 1319 N  N6    . NCO E 5 .  ? 9.719   -4.680  -4.631  1.00 104.49 ? 32 NCO C N6    1 
HETATM 1320 P  P     . S9L F 6 .  ? 5.366   -9.415  11.942  1.00 79.40  ? 14 S9L C P     1 
HETATM 1321 O  O1P   . S9L F 6 .  ? 4.226   -9.389  12.903  1.00 77.50  ? 14 S9L C O1P   1 
HETATM 1322 O  O2P   . S9L F 6 .  ? 6.078   -10.694 11.692  1.00 79.14  ? 14 S9L C O2P   1 
HETATM 1323 O  "O5'" . S9L F 6 .  ? 6.450   -8.353  12.406  1.00 90.72  ? 14 S9L C "O5'" 1 
HETATM 1324 C  C12   . S9L F 6 .  ? 7.470   -7.895  11.506  1.00 99.63  ? 14 S9L C C12   1 
HETATM 1325 C  C22   . S9L F 6 .  ? 8.746   -7.549  12.291  1.00 106.93 ? 14 S9L C C22   1 
HETATM 1326 O  OH3   . S9L F 6 .  ? 9.816   -8.428  11.895  1.00 115.41 ? 14 S9L C OH3   1 
HETATM 1327 C  C13   . S9L F 6 .  ? 10.953  -10.519 12.601  1.00 115.95 ? 14 S9L C C13   1 
HETATM 1328 C  C23   . S9L F 6 .  ? 9.610   -9.815  12.285  1.00 116.06 ? 14 S9L C C23   1 
HETATM 1329 O  OH4   . S9L F 6 .  ? 11.494  -10.101 13.880  1.00 115.11 ? 14 S9L C OH4   1 
HETATM 1330 C  C14   . S9L F 6 .  ? 13.791  -9.289  13.674  1.00 104.82 ? 14 S9L C C14   1 
HETATM 1331 C  C24   . S9L F 6 .  ? 12.305  -8.906  13.789  1.00 108.04 ? 14 S9L C C24   1 
HETATM 1332 O  "O3'" . S9L F 6 .  ? 14.425  -8.343  12.825  1.00 89.09  ? 14 S9L C "O3'" 1 
HETATM 1333 O  O     . HOH G 7 .  ? 3.197   7.038   -2.544  1.00 78.90  ? 14 HOH A O     1 
HETATM 1334 O  O     . HOH G 7 .  ? -0.111  3.563   15.345  1.00 61.52  ? 15 HOH A O     1 
HETATM 1335 O  O     . HOH H 7 .  ? -2.166  -0.599  12.921  1.00 67.83  ? 14 HOH B O     1 
HETATM 1336 O  O     . HOH H 7 .  ? 3.052   8.808   6.198   1.00 77.80  ? 15 HOH B O     1 
HETATM 1337 O  O     . HOH H 7 .  ? -11.991 4.676   5.506   1.00 77.22  ? 16 HOH B O     1 
HETATM 1338 O  O     . HOH I 7 .  ? -8.377  -7.356  -2.421  1.00 80.44  ? 33 HOH C O     1 
HETATM 1339 O  O     . HOH I 7 .  ? -22.367 1.559   -6.953  1.00 81.23  ? 34 HOH C O     1 
HETATM 1340 O  O     . HOH I 7 .  ? 13.947  -15.501 -5.662  1.00 83.22  ? 35 HOH C O     1 
HETATM 1341 O  O     . HOH I 7 .  ? -11.859 -5.208  -0.204  1.00 80.43  ? 36 HOH C O     1 
HETATM 1342 O  O     . HOH I 7 .  ? -14.516 -4.619  -0.627  1.00 85.88  ? 37 HOH C O     1 
HETATM 1343 O  O     . HOH J 7 .  ? 11.395  -9.702  4.041   1.00 71.90  ? 4  HOH D O     1 
HETATM 1344 O  O     . HOH J 7 .  ? 1.359   1.798   -17.735 1.00 76.12  ? 5  HOH D O     1 
HETATM 1345 O  O     . HOH J 7 .  ? -10.821 0.246   -11.003 1.00 71.90  ? 13 HOH D O     1 
HETATM 1346 O  O     . HOH J 7 .  ? -11.253 -8.190  -5.564  1.00 70.70  ? 14 HOH D O     1 
# 
loop_
_pdbx_poly_seq_scheme.asym_id 
_pdbx_poly_seq_scheme.entity_id 
_pdbx_poly_seq_scheme.seq_id 
_pdbx_poly_seq_scheme.mon_id 
_pdbx_poly_seq_scheme.ndb_seq_num 
_pdbx_poly_seq_scheme.pdb_seq_num 
_pdbx_poly_seq_scheme.auth_seq_num 
_pdbx_poly_seq_scheme.pdb_mon_id 
_pdbx_poly_seq_scheme.auth_mon_id 
_pdbx_poly_seq_scheme.pdb_strand_id 
_pdbx_poly_seq_scheme.pdb_ins_code 
_pdbx_poly_seq_scheme.hetero 
A 1 1  U   1  1  1  U   U   A . n 
A 1 2  C   2  2  2  C   C   A . n 
A 1 3  C   3  3  3  C   C   A . n 
A 1 4  C   4  4  4  C   C   A . n 
A 1 5  2AU 5  5  5  2AU 2AU A . n 
A 1 6  G   6  6  6  G   G   A . n 
A 1 7  U   7  7  7  U   U   A . n 
A 1 8  C   8  8  8  C   C   A . n 
A 1 9  C   9  9  9  C   C   A . n 
A 1 10 A   10 10 10 A   A   A . n 
A 1 11 C   11 11 11 C   C   A . n 
A 1 12 C   12 12 12 C   C   A . n 
A 1 13 G   13 13 13 G   G   A . n 
B 2 1  C   1  2  2  C   C   B . n 
B 2 2  G   2  3  3  G   G   B . n 
B 2 3  G   3  4  4  G   G   B . n 
B 2 4  U   4  5  5  U   U   B . n 
B 2 5  G   5  6  6  G   G   B . n 
B 2 6  A   6  7  7  A   A   B . n 
B 2 7  G   7  8  8  G   G   B . n 
B 2 8  A   8  9  9  A   A   B . n 
B 2 9  A   9  10 10 A   A   B . n 
B 2 10 G   10 11 11 G   G   B . n 
B 2 11 G   11 12 12 G   G   B . n 
B 2 12 G   12 13 13 G   G   B . n 
C 3 1  G   1  15 15 G   G   C . n 
C 3 2  G   2  16 16 G   G   C . n 
C 3 3  C   3  17 17 C   C   C . n 
C 3 4  A   4  18 18 A   A   C . n 
C 3 5  G   5  19 19 G   G   C . n 
C 3 6  A   6  20 20 A   A   C . n 
C 3 7  G   7  21 21 G   G   C . n 
C 3 8  A   8  22 22 A   A   C . n 
C 3 9  A   9  23 23 A   A   C . n 
C 3 10 A   10 24 24 A   A   C . n 
C 3 11 C   11 25 25 C   C   C . n 
C 3 12 A   12 26 26 A   A   C . n 
C 3 13 C   13 27 27 C   C   C . n 
C 3 14 A   14 28 28 A   A   C . n 
C 3 15 C   15 29 29 C   C   C . n 
C 3 16 G   16 30 30 G   G   C . n 
C 3 17 A   17 31 31 A   A   C . n 
D 4 1  U   1  31 31 U   U   D . n 
D 4 2  C   2  32 32 C   C   D . n 
D 4 3  G   3  33 33 G   G   D . n 
D 4 4  U   4  34 34 U   U   D . n 
D 4 5  G   5  35 35 G   G   D . n 
D 4 6  G   6  36 36 G   G   D . n 
D 4 7  U   7  37 37 U   U   D . n 
D 4 8  A   8  38 38 A   A   D . n 
D 4 9  C   9  39 39 C   C   D . n 
D 4 10 A   10 40 40 A   A   D . n 
D 4 11 U   11 41 41 U   U   D . n 
D 4 12 U   12 42 42 U   U   D . n 
D 4 13 A   13 43 43 A   A   D . n 
D 4 14 C   14 44 44 C   C   D . n 
D 4 15 C   15 45 45 C   C   D . n 
D 4 16 U   16 46 46 U   U   D . n 
D 4 17 G   17 47 47 G   G   D . n 
D 4 18 C   18 48 48 C   C   D . n 
D 4 19 C   19 49 49 C   C   D . n 
# 
loop_
_pdbx_nonpoly_scheme.asym_id 
_pdbx_nonpoly_scheme.entity_id 
_pdbx_nonpoly_scheme.mon_id 
_pdbx_nonpoly_scheme.ndb_seq_num 
_pdbx_nonpoly_scheme.pdb_seq_num 
_pdbx_nonpoly_scheme.auth_seq_num 
_pdbx_nonpoly_scheme.pdb_mon_id 
_pdbx_nonpoly_scheme.auth_mon_id 
_pdbx_nonpoly_scheme.pdb_strand_id 
_pdbx_nonpoly_scheme.pdb_ins_code 
E 5 NCO 1 32 32 NCO NCO C . 
F 6 S9L 1 14 14 S9L S9L C . 
G 7 HOH 1 14 14 HOH HOH A . 
G 7 HOH 2 15 15 HOH HOH A . 
H 7 HOH 1 14 14 HOH HOH B . 
H 7 HOH 2 15 15 HOH HOH B . 
H 7 HOH 3 16 16 HOH HOH B . 
I 7 HOH 1 33 33 HOH HOH C . 
I 7 HOH 2 34 34 HOH HOH C . 
I 7 HOH 3 35 35 HOH HOH C . 
I 7 HOH 4 36 36 HOH HOH C . 
I 7 HOH 5 37 37 HOH HOH C . 
J 7 HOH 1 4  4  HOH HOH D . 
J 7 HOH 2 5  5  HOH HOH D . 
J 7 HOH 3 13 13 HOH HOH D . 
J 7 HOH 4 14 14 HOH HOH D . 
# 
_pdbx_struct_mod_residue.id               1 
_pdbx_struct_mod_residue.label_asym_id    A 
_pdbx_struct_mod_residue.label_comp_id    2AU 
_pdbx_struct_mod_residue.label_seq_id     5 
_pdbx_struct_mod_residue.auth_asym_id     A 
_pdbx_struct_mod_residue.auth_comp_id     2AU 
_pdbx_struct_mod_residue.auth_seq_id      5 
_pdbx_struct_mod_residue.PDB_ins_code     ? 
_pdbx_struct_mod_residue.parent_comp_id   U 
_pdbx_struct_mod_residue.details          "2'-AMINOURIDINE" 
# 
_pdbx_struct_assembly.id                   1 
_pdbx_struct_assembly.details              author_defined_assembly 
_pdbx_struct_assembly.method_details       ? 
_pdbx_struct_assembly.oligomeric_details   tetrameric 
_pdbx_struct_assembly.oligomeric_count     4 
# 
_pdbx_struct_assembly_gen.assembly_id       1 
_pdbx_struct_assembly_gen.oper_expression   1 
_pdbx_struct_assembly_gen.asym_id_list      A,B,C,D,E,F,G,H,I,J 
# 
_pdbx_struct_oper_list.id                   1 
_pdbx_struct_oper_list.type                 'identity operation' 
_pdbx_struct_oper_list.name                 1_555 
_pdbx_struct_oper_list.symmetry_operation   x,y,z 
_pdbx_struct_oper_list.matrix[1][1]         1.0000000000 
_pdbx_struct_oper_list.matrix[1][2]         0.0000000000 
_pdbx_struct_oper_list.matrix[1][3]         0.0000000000 
_pdbx_struct_oper_list.vector[1]            0.0000000000 
_pdbx_struct_oper_list.matrix[2][1]         0.0000000000 
_pdbx_struct_oper_list.matrix[2][2]         1.0000000000 
_pdbx_struct_oper_list.matrix[2][3]         0.0000000000 
_pdbx_struct_oper_list.vector[2]            0.0000000000 
_pdbx_struct_oper_list.matrix[3][1]         0.0000000000 
_pdbx_struct_oper_list.matrix[3][2]         0.0000000000 
_pdbx_struct_oper_list.matrix[3][3]         1.0000000000 
_pdbx_struct_oper_list.vector[3]            0.0000000000 
# 
loop_
_pdbx_audit_revision_history.ordinal 
_pdbx_audit_revision_history.data_content_type 
_pdbx_audit_revision_history.major_revision 
_pdbx_audit_revision_history.minor_revision 
_pdbx_audit_revision_history.revision_date 
1 'Structure model' 1 0 2007-08-14 
2 'Structure model' 1 1 2011-07-13 
3 'Structure model' 1 2 2011-08-17 
4 'Structure model' 1 3 2023-08-30 
# 
_pdbx_audit_revision_details.ordinal             1 
_pdbx_audit_revision_details.revision_ordinal    1 
_pdbx_audit_revision_details.data_content_type   'Structure model' 
_pdbx_audit_revision_details.provider            repository 
_pdbx_audit_revision_details.type                'Initial release' 
_pdbx_audit_revision_details.description         ? 
_pdbx_audit_revision_details.details             ? 
# 
loop_
_pdbx_audit_revision_group.ordinal 
_pdbx_audit_revision_group.revision_ordinal 
_pdbx_audit_revision_group.data_content_type 
_pdbx_audit_revision_group.group 
1 2 'Structure model' 'Version format compliance' 
2 3 'Structure model' 'Structure summary'         
3 4 'Structure model' 'Data collection'           
4 4 'Structure model' 'Database references'       
5 4 'Structure model' 'Derived calculations'      
6 4 'Structure model' 'Refinement description'    
# 
loop_
_pdbx_audit_revision_category.ordinal 
_pdbx_audit_revision_category.revision_ordinal 
_pdbx_audit_revision_category.data_content_type 
_pdbx_audit_revision_category.category 
1 4 'Structure model' chem_comp_atom                
2 4 'Structure model' chem_comp_bond                
3 4 'Structure model' database_2                    
4 4 'Structure model' pdbx_initial_refinement_model 
5 4 'Structure model' struct_conn                   
6 4 'Structure model' struct_site                   
# 
loop_
_pdbx_audit_revision_item.ordinal 
_pdbx_audit_revision_item.revision_ordinal 
_pdbx_audit_revision_item.data_content_type 
_pdbx_audit_revision_item.item 
1  4 'Structure model' '_database_2.pdbx_DOI'                
2  4 'Structure model' '_database_2.pdbx_database_accession' 
3  4 'Structure model' '_struct_conn.pdbx_dist_value'        
4  4 'Structure model' '_struct_conn.pdbx_leaving_atom_flag' 
5  4 'Structure model' '_struct_conn.ptnr1_auth_asym_id'     
6  4 'Structure model' '_struct_conn.ptnr1_auth_comp_id'     
7  4 'Structure model' '_struct_conn.ptnr1_auth_seq_id'      
8  4 'Structure model' '_struct_conn.ptnr1_label_asym_id'    
9  4 'Structure model' '_struct_conn.ptnr1_label_atom_id'    
10 4 'Structure model' '_struct_conn.ptnr1_label_comp_id'    
11 4 'Structure model' '_struct_conn.ptnr1_label_seq_id'     
12 4 'Structure model' '_struct_conn.ptnr2_auth_asym_id'     
13 4 'Structure model' '_struct_conn.ptnr2_auth_comp_id'     
14 4 'Structure model' '_struct_conn.ptnr2_auth_seq_id'      
15 4 'Structure model' '_struct_conn.ptnr2_label_asym_id'    
16 4 'Structure model' '_struct_conn.ptnr2_label_atom_id'    
17 4 'Structure model' '_struct_conn.ptnr2_label_comp_id'    
18 4 'Structure model' '_struct_conn.ptnr2_label_seq_id'     
19 4 'Structure model' '_struct_site.pdbx_auth_asym_id'      
20 4 'Structure model' '_struct_site.pdbx_auth_comp_id'      
21 4 'Structure model' '_struct_site.pdbx_auth_seq_id'       
# 
loop_
_software.name 
_software.classification 
_software.version 
_software.citation_id 
_software.pdbx_ordinal 
CNS          refinement        1.1 ? 1 
CrystalClear 'data collection' .   ? 2 
CrystalClear 'data reduction'  .   ? 3 
CrystalClear 'data scaling'    .   ? 4 
CNS          phasing           .   ? 5 
# 
_pdbx_validate_rmsd_angle.id                         1 
_pdbx_validate_rmsd_angle.PDB_model_num              1 
_pdbx_validate_rmsd_angle.auth_atom_id_1             "O4'" 
_pdbx_validate_rmsd_angle.auth_asym_id_1             D 
_pdbx_validate_rmsd_angle.auth_comp_id_1             A 
_pdbx_validate_rmsd_angle.auth_seq_id_1              38 
_pdbx_validate_rmsd_angle.PDB_ins_code_1             ? 
_pdbx_validate_rmsd_angle.label_alt_id_1             ? 
_pdbx_validate_rmsd_angle.auth_atom_id_2             "C1'" 
_pdbx_validate_rmsd_angle.auth_asym_id_2             D 
_pdbx_validate_rmsd_angle.auth_comp_id_2             A 
_pdbx_validate_rmsd_angle.auth_seq_id_2              38 
_pdbx_validate_rmsd_angle.PDB_ins_code_2             ? 
_pdbx_validate_rmsd_angle.label_alt_id_2             ? 
_pdbx_validate_rmsd_angle.auth_atom_id_3             N9 
_pdbx_validate_rmsd_angle.auth_asym_id_3             D 
_pdbx_validate_rmsd_angle.auth_comp_id_3             A 
_pdbx_validate_rmsd_angle.auth_seq_id_3              38 
_pdbx_validate_rmsd_angle.PDB_ins_code_3             ? 
_pdbx_validate_rmsd_angle.label_alt_id_3             ? 
_pdbx_validate_rmsd_angle.angle_value                114.43 
_pdbx_validate_rmsd_angle.angle_target_value         108.50 
_pdbx_validate_rmsd_angle.angle_deviation            5.93 
_pdbx_validate_rmsd_angle.angle_standard_deviation   0.70 
_pdbx_validate_rmsd_angle.linker_flag                N 
# 
loop_
_chem_comp_atom.comp_id 
_chem_comp_atom.atom_id 
_chem_comp_atom.type_symbol 
_chem_comp_atom.pdbx_aromatic_flag 
_chem_comp_atom.pdbx_stereo_config 
_chem_comp_atom.pdbx_ordinal 
2AU OP3    O  N N 1   
2AU P      P  N N 2   
2AU OP1    O  N N 3   
2AU "O5'"  O  N N 4   
2AU "C5'"  C  N N 5   
2AU "C4'"  C  N R 6   
2AU "O4'"  O  N N 7   
2AU "C3'"  C  N S 8   
2AU "O3'"  O  N N 9   
2AU "C2'"  C  N R 10  
2AU "C1'"  C  N R 11  
2AU N1     N  N N 12  
2AU C2     C  N N 13  
2AU O2     O  N N 14  
2AU N3     N  N N 15  
2AU C4     C  N N 16  
2AU O4     O  N N 17  
2AU C5     C  N N 18  
2AU C6     C  N N 19  
2AU "N2'"  N  N N 20  
2AU H1P1   H  N N 21  
2AU "H5'"  H  N N 22  
2AU "H5''" H  N N 23  
2AU "H4'"  H  N N 24  
2AU "H3'"  H  N N 25  
2AU "HO3'" H  N N 26  
2AU "H2'"  H  N N 27  
2AU "H1'"  H  N N 28  
2AU H3     H  N N 29  
2AU H5     H  N N 30  
2AU H6     H  N N 31  
2AU HA1    H  N N 32  
2AU "H2''" H  N N 33  
2AU OP2    O  N N 34  
2AU H2P1   H  N N 35  
A   OP3    O  N N 36  
A   P      P  N N 37  
A   OP1    O  N N 38  
A   OP2    O  N N 39  
A   "O5'"  O  N N 40  
A   "C5'"  C  N N 41  
A   "C4'"  C  N R 42  
A   "O4'"  O  N N 43  
A   "C3'"  C  N S 44  
A   "O3'"  O  N N 45  
A   "C2'"  C  N R 46  
A   "O2'"  O  N N 47  
A   "C1'"  C  N R 48  
A   N9     N  Y N 49  
A   C8     C  Y N 50  
A   N7     N  Y N 51  
A   C5     C  Y N 52  
A   C6     C  Y N 53  
A   N6     N  N N 54  
A   N1     N  Y N 55  
A   C2     C  Y N 56  
A   N3     N  Y N 57  
A   C4     C  Y N 58  
A   HOP3   H  N N 59  
A   HOP2   H  N N 60  
A   "H5'"  H  N N 61  
A   "H5''" H  N N 62  
A   "H4'"  H  N N 63  
A   "H3'"  H  N N 64  
A   "HO3'" H  N N 65  
A   "H2'"  H  N N 66  
A   "HO2'" H  N N 67  
A   "H1'"  H  N N 68  
A   H8     H  N N 69  
A   H61    H  N N 70  
A   H62    H  N N 71  
A   H2     H  N N 72  
C   OP3    O  N N 73  
C   P      P  N N 74  
C   OP1    O  N N 75  
C   OP2    O  N N 76  
C   "O5'"  O  N N 77  
C   "C5'"  C  N N 78  
C   "C4'"  C  N R 79  
C   "O4'"  O  N N 80  
C   "C3'"  C  N S 81  
C   "O3'"  O  N N 82  
C   "C2'"  C  N R 83  
C   "O2'"  O  N N 84  
C   "C1'"  C  N R 85  
C   N1     N  N N 86  
C   C2     C  N N 87  
C   O2     O  N N 88  
C   N3     N  N N 89  
C   C4     C  N N 90  
C   N4     N  N N 91  
C   C5     C  N N 92  
C   C6     C  N N 93  
C   HOP3   H  N N 94  
C   HOP2   H  N N 95  
C   "H5'"  H  N N 96  
C   "H5''" H  N N 97  
C   "H4'"  H  N N 98  
C   "H3'"  H  N N 99  
C   "HO3'" H  N N 100 
C   "H2'"  H  N N 101 
C   "HO2'" H  N N 102 
C   "H1'"  H  N N 103 
C   H41    H  N N 104 
C   H42    H  N N 105 
C   H5     H  N N 106 
C   H6     H  N N 107 
G   OP3    O  N N 108 
G   P      P  N N 109 
G   OP1    O  N N 110 
G   OP2    O  N N 111 
G   "O5'"  O  N N 112 
G   "C5'"  C  N N 113 
G   "C4'"  C  N R 114 
G   "O4'"  O  N N 115 
G   "C3'"  C  N S 116 
G   "O3'"  O  N N 117 
G   "C2'"  C  N R 118 
G   "O2'"  O  N N 119 
G   "C1'"  C  N R 120 
G   N9     N  Y N 121 
G   C8     C  Y N 122 
G   N7     N  Y N 123 
G   C5     C  Y N 124 
G   C6     C  N N 125 
G   O6     O  N N 126 
G   N1     N  N N 127 
G   C2     C  N N 128 
G   N2     N  N N 129 
G   N3     N  N N 130 
G   C4     C  Y N 131 
G   HOP3   H  N N 132 
G   HOP2   H  N N 133 
G   "H5'"  H  N N 134 
G   "H5''" H  N N 135 
G   "H4'"  H  N N 136 
G   "H3'"  H  N N 137 
G   "HO3'" H  N N 138 
G   "H2'"  H  N N 139 
G   "HO2'" H  N N 140 
G   "H1'"  H  N N 141 
G   H8     H  N N 142 
G   H1     H  N N 143 
G   H21    H  N N 144 
G   H22    H  N N 145 
HOH O      O  N N 146 
HOH H1     H  N N 147 
HOH H2     H  N N 148 
NCO CO     CO N N 149 
NCO N1     N  N N 150 
NCO N2     N  N N 151 
NCO N3     N  N N 152 
NCO N4     N  N N 153 
NCO N5     N  N N 154 
NCO N6     N  N N 155 
NCO HN11   H  N N 156 
NCO HN12   H  N N 157 
NCO HN13   H  N N 158 
NCO HN21   H  N N 159 
NCO HN22   H  N N 160 
NCO HN23   H  N N 161 
NCO HN31   H  N N 162 
NCO HN32   H  N N 163 
NCO HN33   H  N N 164 
NCO HN41   H  N N 165 
NCO HN42   H  N N 166 
NCO HN43   H  N N 167 
NCO HN51   H  N N 168 
NCO HN52   H  N N 169 
NCO HN53   H  N N 170 
NCO HN61   H  N N 171 
NCO HN62   H  N N 172 
NCO HN63   H  N N 173 
S9L O3P    O  N N 174 
S9L P      P  N N 175 
S9L O1P    O  N N 176 
S9L O2P    O  N N 177 
S9L "O5'"  O  N N 178 
S9L C12    C  N N 179 
S9L C22    C  N N 180 
S9L OH3    O  N N 181 
S9L C13    C  N N 182 
S9L C23    C  N N 183 
S9L OH4    O  N N 184 
S9L C14    C  N N 185 
S9L C24    C  N N 186 
S9L "O3'"  O  N N 187 
S9L HO3P   H  N N 188 
S9L HO1P   H  N N 189 
S9L H121   H  N N 190 
S9L H122   H  N N 191 
S9L H221   H  N N 192 
S9L H222   H  N N 193 
S9L H131   H  N N 194 
S9L H132   H  N N 195 
S9L H231   H  N N 196 
S9L H232   H  N N 197 
S9L H141   H  N N 198 
S9L H142   H  N N 199 
S9L H241   H  N N 200 
S9L H242   H  N N 201 
S9L "HO3'" H  N N 202 
U   OP3    O  N N 203 
U   P      P  N N 204 
U   OP1    O  N N 205 
U   OP2    O  N N 206 
U   "O5'"  O  N N 207 
U   "C5'"  C  N N 208 
U   "C4'"  C  N R 209 
U   "O4'"  O  N N 210 
U   "C3'"  C  N S 211 
U   "O3'"  O  N N 212 
U   "C2'"  C  N R 213 
U   "O2'"  O  N N 214 
U   "C1'"  C  N R 215 
U   N1     N  N N 216 
U   C2     C  N N 217 
U   O2     O  N N 218 
U   N3     N  N N 219 
U   C4     C  N N 220 
U   O4     O  N N 221 
U   C5     C  N N 222 
U   C6     C  N N 223 
U   HOP3   H  N N 224 
U   HOP2   H  N N 225 
U   "H5'"  H  N N 226 
U   "H5''" H  N N 227 
U   "H4'"  H  N N 228 
U   "H3'"  H  N N 229 
U   "HO3'" H  N N 230 
U   "H2'"  H  N N 231 
U   "HO2'" H  N N 232 
U   "H1'"  H  N N 233 
U   H3     H  N N 234 
U   H5     H  N N 235 
U   H6     H  N N 236 
# 
loop_
_chem_comp_bond.comp_id 
_chem_comp_bond.atom_id_1 
_chem_comp_bond.atom_id_2 
_chem_comp_bond.value_order 
_chem_comp_bond.pdbx_aromatic_flag 
_chem_comp_bond.pdbx_stereo_config 
_chem_comp_bond.pdbx_ordinal 
2AU OP3   P      doub N N 1   
2AU P     OP1    sing N N 2   
2AU P     "O5'"  sing N N 3   
2AU OP1   H1P1   sing N N 4   
2AU "O5'" "C5'"  sing N N 5   
2AU "C5'" "C4'"  sing N N 6   
2AU "C5'" "H5'"  sing N N 7   
2AU "C5'" "H5''" sing N N 8   
2AU "C4'" "O4'"  sing N N 9   
2AU "C4'" "C3'"  sing N N 10  
2AU "C4'" "H4'"  sing N N 11  
2AU "O4'" "C1'"  sing N N 12  
2AU "C3'" "O3'"  sing N N 13  
2AU "C3'" "C2'"  sing N N 14  
2AU "C3'" "H3'"  sing N N 15  
2AU "O3'" "HO3'" sing N N 16  
2AU "C2'" "C1'"  sing N N 17  
2AU "C2'" "N2'"  sing N N 18  
2AU "C2'" "H2'"  sing N N 19  
2AU "C1'" N1     sing N N 20  
2AU "C1'" "H1'"  sing N N 21  
2AU N1    C2     sing N N 22  
2AU N1    C6     sing N N 23  
2AU C2    O2     doub N N 24  
2AU C2    N3     sing N N 25  
2AU N3    C4     sing N N 26  
2AU N3    H3     sing N N 27  
2AU C4    O4     doub N N 28  
2AU C4    C5     sing N N 29  
2AU C5    C6     doub N N 30  
2AU C5    H5     sing N N 31  
2AU C6    H6     sing N N 32  
2AU "N2'" HA1    sing N N 33  
2AU "N2'" "H2''" sing N N 34  
2AU OP2   P      sing N N 35  
2AU OP2   H2P1   sing N N 36  
A   OP3   P      sing N N 37  
A   OP3   HOP3   sing N N 38  
A   P     OP1    doub N N 39  
A   P     OP2    sing N N 40  
A   P     "O5'"  sing N N 41  
A   OP2   HOP2   sing N N 42  
A   "O5'" "C5'"  sing N N 43  
A   "C5'" "C4'"  sing N N 44  
A   "C5'" "H5'"  sing N N 45  
A   "C5'" "H5''" sing N N 46  
A   "C4'" "O4'"  sing N N 47  
A   "C4'" "C3'"  sing N N 48  
A   "C4'" "H4'"  sing N N 49  
A   "O4'" "C1'"  sing N N 50  
A   "C3'" "O3'"  sing N N 51  
A   "C3'" "C2'"  sing N N 52  
A   "C3'" "H3'"  sing N N 53  
A   "O3'" "HO3'" sing N N 54  
A   "C2'" "O2'"  sing N N 55  
A   "C2'" "C1'"  sing N N 56  
A   "C2'" "H2'"  sing N N 57  
A   "O2'" "HO2'" sing N N 58  
A   "C1'" N9     sing N N 59  
A   "C1'" "H1'"  sing N N 60  
A   N9    C8     sing Y N 61  
A   N9    C4     sing Y N 62  
A   C8    N7     doub Y N 63  
A   C8    H8     sing N N 64  
A   N7    C5     sing Y N 65  
A   C5    C6     sing Y N 66  
A   C5    C4     doub Y N 67  
A   C6    N6     sing N N 68  
A   C6    N1     doub Y N 69  
A   N6    H61    sing N N 70  
A   N6    H62    sing N N 71  
A   N1    C2     sing Y N 72  
A   C2    N3     doub Y N 73  
A   C2    H2     sing N N 74  
A   N3    C4     sing Y N 75  
C   OP3   P      sing N N 76  
C   OP3   HOP3   sing N N 77  
C   P     OP1    doub N N 78  
C   P     OP2    sing N N 79  
C   P     "O5'"  sing N N 80  
C   OP2   HOP2   sing N N 81  
C   "O5'" "C5'"  sing N N 82  
C   "C5'" "C4'"  sing N N 83  
C   "C5'" "H5'"  sing N N 84  
C   "C5'" "H5''" sing N N 85  
C   "C4'" "O4'"  sing N N 86  
C   "C4'" "C3'"  sing N N 87  
C   "C4'" "H4'"  sing N N 88  
C   "O4'" "C1'"  sing N N 89  
C   "C3'" "O3'"  sing N N 90  
C   "C3'" "C2'"  sing N N 91  
C   "C3'" "H3'"  sing N N 92  
C   "O3'" "HO3'" sing N N 93  
C   "C2'" "O2'"  sing N N 94  
C   "C2'" "C1'"  sing N N 95  
C   "C2'" "H2'"  sing N N 96  
C   "O2'" "HO2'" sing N N 97  
C   "C1'" N1     sing N N 98  
C   "C1'" "H1'"  sing N N 99  
C   N1    C2     sing N N 100 
C   N1    C6     sing N N 101 
C   C2    O2     doub N N 102 
C   C2    N3     sing N N 103 
C   N3    C4     doub N N 104 
C   C4    N4     sing N N 105 
C   C4    C5     sing N N 106 
C   N4    H41    sing N N 107 
C   N4    H42    sing N N 108 
C   C5    C6     doub N N 109 
C   C5    H5     sing N N 110 
C   C6    H6     sing N N 111 
G   OP3   P      sing N N 112 
G   OP3   HOP3   sing N N 113 
G   P     OP1    doub N N 114 
G   P     OP2    sing N N 115 
G   P     "O5'"  sing N N 116 
G   OP2   HOP2   sing N N 117 
G   "O5'" "C5'"  sing N N 118 
G   "C5'" "C4'"  sing N N 119 
G   "C5'" "H5'"  sing N N 120 
G   "C5'" "H5''" sing N N 121 
G   "C4'" "O4'"  sing N N 122 
G   "C4'" "C3'"  sing N N 123 
G   "C4'" "H4'"  sing N N 124 
G   "O4'" "C1'"  sing N N 125 
G   "C3'" "O3'"  sing N N 126 
G   "C3'" "C2'"  sing N N 127 
G   "C3'" "H3'"  sing N N 128 
G   "O3'" "HO3'" sing N N 129 
G   "C2'" "O2'"  sing N N 130 
G   "C2'" "C1'"  sing N N 131 
G   "C2'" "H2'"  sing N N 132 
G   "O2'" "HO2'" sing N N 133 
G   "C1'" N9     sing N N 134 
G   "C1'" "H1'"  sing N N 135 
G   N9    C8     sing Y N 136 
G   N9    C4     sing Y N 137 
G   C8    N7     doub Y N 138 
G   C8    H8     sing N N 139 
G   N7    C5     sing Y N 140 
G   C5    C6     sing N N 141 
G   C5    C4     doub Y N 142 
G   C6    O6     doub N N 143 
G   C6    N1     sing N N 144 
G   N1    C2     sing N N 145 
G   N1    H1     sing N N 146 
G   C2    N2     sing N N 147 
G   C2    N3     doub N N 148 
G   N2    H21    sing N N 149 
G   N2    H22    sing N N 150 
G   N3    C4     sing N N 151 
HOH O     H1     sing N N 152 
HOH O     H2     sing N N 153 
NCO CO    N1     sing N N 154 
NCO CO    N2     sing N N 155 
NCO CO    N3     sing N N 156 
NCO CO    N4     sing N N 157 
NCO CO    N5     sing N N 158 
NCO CO    N6     sing N N 159 
NCO N1    HN11   sing N N 160 
NCO N1    HN12   sing N N 161 
NCO N1    HN13   sing N N 162 
NCO N2    HN21   sing N N 163 
NCO N2    HN22   sing N N 164 
NCO N2    HN23   sing N N 165 
NCO N3    HN31   sing N N 166 
NCO N3    HN32   sing N N 167 
NCO N3    HN33   sing N N 168 
NCO N4    HN41   sing N N 169 
NCO N4    HN42   sing N N 170 
NCO N4    HN43   sing N N 171 
NCO N5    HN51   sing N N 172 
NCO N5    HN52   sing N N 173 
NCO N5    HN53   sing N N 174 
NCO N6    HN61   sing N N 175 
NCO N6    HN62   sing N N 176 
NCO N6    HN63   sing N N 177 
S9L O3P   P      sing N N 178 
S9L O3P   HO3P   sing N N 179 
S9L P     O2P    doub N N 180 
S9L P     O1P    sing N N 181 
S9L P     "O5'"  sing N N 182 
S9L O1P   HO1P   sing N N 183 
S9L "O5'" C12    sing N N 184 
S9L C12   C22    sing N N 185 
S9L C12   H121   sing N N 186 
S9L C12   H122   sing N N 187 
S9L C22   OH3    sing N N 188 
S9L C22   H221   sing N N 189 
S9L C22   H222   sing N N 190 
S9L OH3   C23    sing N N 191 
S9L C13   C23    sing N N 192 
S9L C13   OH4    sing N N 193 
S9L C13   H131   sing N N 194 
S9L C13   H132   sing N N 195 
S9L C23   H231   sing N N 196 
S9L C23   H232   sing N N 197 
S9L OH4   C24    sing N N 198 
S9L C14   C24    sing N N 199 
S9L C14   "O3'"  sing N N 200 
S9L C14   H141   sing N N 201 
S9L C14   H142   sing N N 202 
S9L C24   H241   sing N N 203 
S9L C24   H242   sing N N 204 
S9L "O3'" "HO3'" sing N N 205 
U   OP3   P      sing N N 206 
U   OP3   HOP3   sing N N 207 
U   P     OP1    doub N N 208 
U   P     OP2    sing N N 209 
U   P     "O5'"  sing N N 210 
U   OP2   HOP2   sing N N 211 
U   "O5'" "C5'"  sing N N 212 
U   "C5'" "C4'"  sing N N 213 
U   "C5'" "H5'"  sing N N 214 
U   "C5'" "H5''" sing N N 215 
U   "C4'" "O4'"  sing N N 216 
U   "C4'" "C3'"  sing N N 217 
U   "C4'" "H4'"  sing N N 218 
U   "O4'" "C1'"  sing N N 219 
U   "C3'" "O3'"  sing N N 220 
U   "C3'" "C2'"  sing N N 221 
U   "C3'" "H3'"  sing N N 222 
U   "O3'" "HO3'" sing N N 223 
U   "C2'" "O2'"  sing N N 224 
U   "C2'" "C1'"  sing N N 225 
U   "C2'" "H2'"  sing N N 226 
U   "O2'" "HO2'" sing N N 227 
U   "C1'" N1     sing N N 228 
U   "C1'" "H1'"  sing N N 229 
U   N1    C2     sing N N 230 
U   N1    C6     sing N N 231 
U   C2    O2     doub N N 232 
U   C2    N3     sing N N 233 
U   N3    C4     sing N N 234 
U   N3    H3     sing N N 235 
U   C4    O4     doub N N 236 
U   C4    C5     sing N N 237 
U   C5    C6     doub N N 238 
U   C5    H5     sing N N 239 
U   C6    H6     sing N N 240 
# 
loop_
_ndb_struct_conf_na.entry_id 
_ndb_struct_conf_na.feature 
2NPY 'double helix'         
2NPY 'a-form double helix'  
2NPY 'bulge loop'           
2NPY 'mismatched base pair' 
2NPY 'internal loop'        
# 
loop_
_pdbx_entity_nonpoly.entity_id 
_pdbx_entity_nonpoly.name 
_pdbx_entity_nonpoly.comp_id 
5 'COBALT HEXAMMINE(III)'                                   NCO 
6 '2-[2-(2-HYDROXYETHOXY)ETHOXY]ETHYL DIHYDROGEN PHOSPHATE' S9L 
7 water                                                     HOH 
# 
_pdbx_initial_refinement_model.id               1 
_pdbx_initial_refinement_model.entity_id_list   ? 
_pdbx_initial_refinement_model.type             'experimental model' 
_pdbx_initial_refinement_model.source_name      PDB 
_pdbx_initial_refinement_model.accession_code   1ZFR 
_pdbx_initial_refinement_model.details          ? 
# 
